data_5YOT
#
_entry.id   5YOT
#
_cell.length_a   70.141
_cell.length_b   130.454
_cell.length_c   94.836
_cell.angle_alpha   90.00
_cell.angle_beta   94.46
_cell.angle_gamma   90.00
#
_symmetry.space_group_name_H-M   'P 1 21 1'
#
loop_
_entity.id
_entity.type
_entity.pdbx_description
1 polymer 'Isoprimeverose-producing enzyme'
2 branched 2-acetamido-2-deoxy-beta-D-glucopyranose-(1-4)-2-acetamido-2-deoxy-beta-D-glucopyranose
3 non-polymer 'CALCIUM ION'
4 non-polymer 2-acetamido-2-deoxy-beta-D-glucopyranose
5 non-polymer GLYCEROL
6 water water
#
_entity_poly.entity_id   1
_entity_poly.type   'polypeptide(L)'
_entity_poly.pdbx_seq_one_letter_code
;QDEKPRYKDPSVPVEERVTDLLGRMTLEEKMSQLIQGDITNWMNETTGEFNLTGLEWSTKMRGGMFYVGYPVPWDYIADN
VKKAQDYILQNTTLGIPAIVQTESLHGFLIGNATIYNSPIGFACSFNPELIEKMARLIGQEASALGVNHVMGPVVDLARE
LRFGRVEETYGEDPFLAGEIGYHYTKGIQSHNISANVKHFVGFSQPEQGLNTAPVHGGERYLRTTWLPSFKRAIMDAGAW
SIMSAYHSYDGIPAVADYHTLTEILREEWGYKYWVTSDAGASDRVCTAFKLCRADPIDKEAVTLAILPAGNDVEMGGGSY
NFETIIDLVNAGKLDIEIVNTAVSRVLRAKFEMGLFENPYNAAPASEWNKLIHTQEAVDLARELDRESIVLLENHDNALP
LKKSGSIAVIGPMAHGFMNYGDYVVYESQYRGVTPLDGIKAAVGDKATINYAQGCERWSNDQSGFAEAVEAAKKSDVAVV
VVGTWSRDQKELWAGLNATTGEHVDVNSLSLVGAQAPLIKAIIDTGVPTVVVLSSGKPITEPWLSNNTAALVQQFYPSEQ
GGNALADVLFGDYNPSGKLSVSFPHSVGDLPIYYDYLNSAREIGDAGYIYSNGTLEFGHQYALGNPKAWYPFGYGKSYSS
FEYGAVKLDKTNVTEADTVTVSVDVKNTDATREGTEVVQVYVVDEVASVVVPNRLLKGFKKVVIPAGQTKTVEIPLKVQD
LGLWNVRMKYVVEPGAFGVLVGSSSEDIRGNATFYVQVDHHHHHH
;
_entity_poly.pdbx_strand_id   A,B
#
loop_
_chem_comp.id
_chem_comp.type
_chem_comp.name
_chem_comp.formula
CA non-polymer 'CALCIUM ION' 'Ca 2'
GOL non-polymer GLYCEROL 'C3 H8 O3'
NAG D-saccharide, beta linking 2-acetamido-2-deoxy-beta-D-glucopyranose 'C8 H15 N O6'
#
# COMPACT_ATOMS: atom_id res chain seq x y z
N LYS A 4 -0.39 -5.22 60.02
CA LYS A 4 -1.31 -4.50 59.08
C LYS A 4 -0.48 -3.86 57.96
N PRO A 5 -0.18 -4.58 56.86
CA PRO A 5 0.69 -4.04 55.81
C PRO A 5 0.06 -2.80 55.16
N ARG A 6 0.85 -1.76 54.92
CA ARG A 6 0.29 -0.51 54.36
C ARG A 6 -0.46 -0.74 53.03
N TYR A 7 -0.03 -1.69 52.19
CA TYR A 7 -0.65 -1.87 50.86
C TYR A 7 -2.09 -2.37 50.99
N LYS A 8 -2.43 -2.97 52.14
CA LYS A 8 -3.78 -3.46 52.34
C LYS A 8 -4.72 -2.33 52.80
N ASP A 9 -4.22 -1.11 52.99
CA ASP A 9 -5.00 -0.03 53.62
C ASP A 9 -5.45 0.97 52.56
N PRO A 10 -6.78 1.05 52.27
CA PRO A 10 -7.27 1.95 51.23
C PRO A 10 -7.19 3.45 51.50
N SER A 11 -6.82 3.86 52.71
CA SER A 11 -6.59 5.27 52.97
C SER A 11 -5.16 5.66 52.57
N VAL A 12 -4.28 4.67 52.37
CA VAL A 12 -2.93 4.97 51.91
C VAL A 12 -3.01 5.33 50.42
N PRO A 13 -2.27 6.36 49.95
CA PRO A 13 -2.25 6.71 48.53
C PRO A 13 -1.79 5.52 47.67
N VAL A 14 -2.40 5.42 46.48
CA VAL A 14 -2.14 4.32 45.58
C VAL A 14 -0.63 4.15 45.36
N GLU A 15 0.11 5.22 45.07
CA GLU A 15 1.51 5.06 44.76
C GLU A 15 2.29 4.41 45.92
N GLU A 16 1.92 4.75 47.16
CA GLU A 16 2.57 4.20 48.34
C GLU A 16 2.14 2.73 48.53
N ARG A 17 0.92 2.41 48.16
CA ARG A 17 0.41 1.02 48.25
C ARG A 17 1.22 0.12 47.29
N VAL A 18 1.47 0.66 46.08
CA VAL A 18 2.27 -0.04 45.07
C VAL A 18 3.68 -0.27 45.62
N THR A 19 4.31 0.80 46.11
CA THR A 19 5.65 0.72 46.70
C THR A 19 5.69 -0.35 47.80
N ASP A 20 4.73 -0.28 48.74
CA ASP A 20 4.76 -1.15 49.89
C ASP A 20 4.64 -2.60 49.43
N LEU A 21 3.72 -2.86 48.48
CA LEU A 21 3.50 -4.26 48.02
C LEU A 21 4.76 -4.74 47.28
N LEU A 22 5.31 -3.87 46.42
CA LEU A 22 6.42 -4.25 45.56
C LEU A 22 7.64 -4.67 46.40
N GLY A 23 7.90 -3.92 47.47
CA GLY A 23 9.03 -4.22 48.37
C GLY A 23 8.89 -5.51 49.18
N ARG A 24 7.69 -6.09 49.29
CA ARG A 24 7.54 -7.41 49.94
C ARG A 24 7.65 -8.57 48.93
N MET A 25 7.77 -8.29 47.62
CA MET A 25 7.61 -9.37 46.62
C MET A 25 8.96 -10.00 46.30
N THR A 26 8.96 -11.32 46.14
CA THR A 26 10.11 -12.04 45.64
C THR A 26 10.17 -11.88 44.12
N LEU A 27 11.31 -12.21 43.51
CA LEU A 27 11.45 -12.05 42.07
C LEU A 27 10.49 -13.02 41.36
N GLU A 28 10.27 -14.20 41.96
CA GLU A 28 9.32 -15.21 41.46
C GLU A 28 7.92 -14.61 41.45
N GLU A 29 7.56 -13.92 42.54
CA GLU A 29 6.22 -13.32 42.64
C GLU A 29 6.05 -12.20 41.60
N LYS A 30 7.11 -11.41 41.39
CA LYS A 30 7.11 -10.32 40.40
C LYS A 30 6.87 -10.90 39.00
N MET A 31 7.59 -11.98 38.64
CA MET A 31 7.48 -12.62 37.35
C MET A 31 6.07 -13.14 37.11
N SER A 32 5.47 -13.75 38.16
CA SER A 32 4.12 -14.28 38.11
C SER A 32 3.11 -13.19 37.70
N GLN A 33 3.33 -11.96 38.16
CA GLN A 33 2.42 -10.87 37.82
C GLN A 33 2.48 -10.55 36.32
N LEU A 34 3.60 -10.85 35.65
CA LEU A 34 3.84 -10.35 34.28
C LEU A 34 3.55 -11.41 33.19
N ILE A 35 3.08 -12.60 33.59
CA ILE A 35 2.84 -13.74 32.68
C ILE A 35 1.40 -14.19 32.85
N GLN A 36 0.65 -14.09 31.76
CA GLN A 36 -0.79 -14.46 31.75
C GLN A 36 -1.00 -15.97 31.87
N GLY A 37 -1.89 -16.30 32.82
CA GLY A 37 -2.36 -17.65 33.07
C GLY A 37 -3.62 -17.94 32.26
N ASP A 38 -4.30 -19.04 32.58
CA ASP A 38 -5.47 -19.47 31.81
C ASP A 38 -6.36 -20.32 32.74
N ILE A 39 -7.67 -20.05 32.74
CA ILE A 39 -8.62 -20.77 33.59
C ILE A 39 -8.55 -22.28 33.38
N THR A 40 -8.18 -22.72 32.17
CA THR A 40 -8.12 -24.19 31.88
C THR A 40 -6.88 -24.79 32.53
N ASN A 41 -6.04 -24.01 33.23
CA ASN A 41 -4.95 -24.57 34.02
C ASN A 41 -5.55 -25.32 35.22
N TRP A 42 -6.73 -24.92 35.68
CA TRP A 42 -7.38 -25.64 36.76
C TRP A 42 -8.81 -26.08 36.46
N MET A 43 -9.40 -25.65 35.34
CA MET A 43 -10.75 -26.04 35.01
C MET A 43 -10.72 -26.91 33.75
N ASN A 44 -11.32 -28.10 33.82
CA ASN A 44 -11.43 -28.97 32.66
C ASN A 44 -12.51 -28.39 31.75
N GLU A 45 -12.17 -28.08 30.50
CA GLU A 45 -13.05 -27.32 29.64
C GLU A 45 -14.31 -28.13 29.28
N THR A 46 -14.15 -29.44 29.14
CA THR A 46 -15.28 -30.30 28.75
C THR A 46 -16.09 -30.73 29.98
N THR A 47 -15.48 -30.97 31.15
CA THR A 47 -16.23 -31.54 32.29
C THR A 47 -16.54 -30.54 33.40
N GLY A 48 -15.76 -29.45 33.48
CA GLY A 48 -15.80 -28.52 34.62
C GLY A 48 -15.05 -29.01 35.86
N GLU A 49 -14.43 -30.19 35.82
CA GLU A 49 -13.73 -30.65 37.01
C GLU A 49 -12.51 -29.76 37.28
N PHE A 50 -12.22 -29.65 38.56
CA PHE A 50 -11.25 -28.73 39.13
C PHE A 50 -9.94 -29.48 39.39
N ASN A 51 -8.83 -28.87 38.98
CA ASN A 51 -7.52 -29.42 39.19
C ASN A 51 -6.71 -28.52 40.14
N LEU A 52 -6.69 -28.89 41.42
CA LEU A 52 -5.99 -28.12 42.47
C LEU A 52 -4.52 -27.86 42.10
N THR A 53 -3.79 -28.90 41.69
CA THR A 53 -2.38 -28.74 41.42
C THR A 53 -2.16 -27.69 40.33
N GLY A 54 -3.04 -27.68 39.32
CA GLY A 54 -2.90 -26.73 38.20
C GLY A 54 -3.18 -25.28 38.66
N LEU A 55 -4.19 -25.07 39.51
CA LEU A 55 -4.40 -23.77 40.13
C LEU A 55 -3.17 -23.31 40.94
N GLU A 56 -2.58 -24.22 41.72
CA GLU A 56 -1.40 -23.90 42.54
C GLU A 56 -0.26 -23.49 41.62
N TRP A 57 -0.05 -24.26 40.53
CA TRP A 57 1.02 -23.92 39.65
C TRP A 57 0.73 -22.59 38.94
N SER A 58 -0.48 -22.43 38.42
CA SER A 58 -0.84 -21.25 37.64
C SER A 58 -0.69 -19.98 38.51
N THR A 59 -1.14 -20.06 39.77
CA THR A 59 -1.08 -18.92 40.63
C THR A 59 0.40 -18.54 40.85
N LYS A 60 1.25 -19.53 41.05
CA LYS A 60 2.62 -19.26 41.46
C LYS A 60 3.39 -18.75 40.24
N MET A 61 3.05 -19.25 39.04
CA MET A 61 3.92 -19.03 37.87
C MET A 61 3.31 -17.99 36.92
N ARG A 62 1.98 -17.91 36.82
CA ARG A 62 1.34 -16.95 35.91
C ARG A 62 0.04 -16.44 36.52
N GLY A 63 0.21 -15.77 37.66
CA GLY A 63 -0.84 -15.56 38.59
C GLY A 63 -1.46 -14.16 38.53
N GLY A 64 -0.77 -13.21 37.88
CA GLY A 64 -1.22 -11.82 37.76
C GLY A 64 -2.60 -11.69 37.14
N MET A 65 -2.81 -12.44 36.07
CA MET A 65 -4.09 -12.39 35.35
C MET A 65 -4.29 -13.68 34.55
N PHE A 66 -5.54 -13.98 34.22
CA PHE A 66 -5.81 -15.15 33.37
C PHE A 66 -7.03 -14.93 32.48
N TYR A 67 -7.05 -15.70 31.40
CA TYR A 67 -8.01 -15.68 30.32
C TYR A 67 -9.15 -16.67 30.61
N VAL A 68 -10.41 -16.31 30.27
CA VAL A 68 -11.57 -17.16 30.56
C VAL A 68 -12.49 -17.22 29.35
N GLY A 69 -11.98 -16.97 28.14
CA GLY A 69 -12.83 -16.94 26.95
C GLY A 69 -12.99 -18.31 26.33
N TYR A 70 -13.70 -19.20 27.04
CA TYR A 70 -14.00 -20.54 26.64
C TYR A 70 -15.49 -20.72 26.54
N PRO A 71 -15.96 -21.45 25.52
CA PRO A 71 -17.39 -21.63 25.29
C PRO A 71 -17.95 -22.68 26.27
N VAL A 72 -18.11 -22.31 27.53
CA VAL A 72 -18.53 -23.27 28.55
C VAL A 72 -19.76 -22.71 29.26
N PRO A 73 -20.44 -23.51 30.11
CA PRO A 73 -21.55 -22.95 30.88
C PRO A 73 -21.08 -21.84 31.84
N TRP A 74 -22.02 -21.00 32.20
CA TRP A 74 -21.79 -19.87 33.05
C TRP A 74 -21.08 -20.27 34.35
N ASP A 75 -21.63 -21.30 35.00
CA ASP A 75 -21.16 -21.70 36.29
C ASP A 75 -19.71 -22.18 36.17
N TYR A 76 -19.29 -22.71 35.03
CA TYR A 76 -17.89 -23.14 34.90
C TYR A 76 -16.95 -21.94 35.11
N ILE A 77 -17.34 -20.80 34.53
CA ILE A 77 -16.51 -19.61 34.62
C ILE A 77 -16.59 -19.12 36.06
N ALA A 78 -17.81 -18.87 36.52
CA ALA A 78 -17.94 -18.21 37.81
C ALA A 78 -17.32 -19.05 38.95
N ASP A 79 -17.55 -20.37 39.01
CA ASP A 79 -17.06 -21.20 40.16
C ASP A 79 -15.53 -21.26 40.16
N ASN A 80 -14.94 -21.32 38.97
CA ASN A 80 -13.49 -21.50 38.86
C ASN A 80 -12.76 -20.14 38.96
N VAL A 81 -13.41 -19.04 38.57
CA VAL A 81 -12.85 -17.73 38.87
C VAL A 81 -12.85 -17.57 40.40
N LYS A 82 -14.00 -17.85 41.04
CA LYS A 82 -14.09 -17.78 42.51
C LYS A 82 -12.95 -18.56 43.20
N LYS A 83 -12.71 -19.82 42.80
CA LYS A 83 -11.65 -20.64 43.42
C LYS A 83 -10.27 -20.00 43.26
N ALA A 84 -9.99 -19.38 42.09
CA ALA A 84 -8.72 -18.70 41.87
C ALA A 84 -8.61 -17.48 42.79
N GLN A 85 -9.67 -16.69 42.94
CA GLN A 85 -9.59 -15.51 43.80
C GLN A 85 -9.50 -15.93 45.28
N ASP A 86 -10.20 -17.00 45.65
CA ASP A 86 -10.17 -17.50 47.08
C ASP A 86 -8.78 -18.05 47.42
N TYR A 87 -8.21 -18.80 46.47
CA TYR A 87 -6.88 -19.30 46.61
C TYR A 87 -5.90 -18.15 46.81
N ILE A 88 -5.99 -17.11 45.98
CA ILE A 88 -5.10 -15.98 46.13
C ILE A 88 -5.23 -15.41 47.54
N LEU A 89 -6.47 -15.18 47.95
CA LEU A 89 -6.72 -14.48 49.23
C LEU A 89 -6.31 -15.35 50.45
N GLN A 90 -6.57 -16.65 50.39
CA GLN A 90 -6.47 -17.51 51.59
C GLN A 90 -5.15 -18.29 51.60
N ASN A 91 -4.57 -18.52 50.41
CA ASN A 91 -3.49 -19.49 50.28
C ASN A 91 -2.21 -18.92 49.64
N THR A 92 -2.10 -17.58 49.51
CA THR A 92 -0.82 -16.90 49.21
C THR A 92 -0.55 -15.88 50.31
N THR A 93 0.73 -15.55 50.54
CA THR A 93 1.11 -14.50 51.54
C THR A 93 0.46 -13.14 51.23
N LEU A 94 0.59 -12.69 49.96
CA LEU A 94 0.35 -11.28 49.65
C LEU A 94 -1.10 -11.02 49.24
N GLY A 95 -1.83 -12.05 48.78
CA GLY A 95 -3.24 -11.90 48.38
C GLY A 95 -3.42 -10.90 47.24
N ILE A 96 -2.57 -10.96 46.21
CA ILE A 96 -2.69 -9.98 45.10
C ILE A 96 -3.80 -10.44 44.15
N PRO A 97 -4.96 -9.76 44.11
CA PRO A 97 -6.08 -10.25 43.30
C PRO A 97 -5.76 -10.35 41.81
N ALA A 98 -6.37 -11.34 41.13
CA ALA A 98 -6.18 -11.65 39.73
C ALA A 98 -7.05 -10.74 38.88
N ILE A 99 -6.48 -10.31 37.75
CA ILE A 99 -7.29 -9.74 36.70
C ILE A 99 -7.84 -10.92 35.90
N VAL A 100 -9.11 -10.80 35.52
CA VAL A 100 -9.85 -11.92 34.92
C VAL A 100 -10.40 -11.46 33.55
N GLN A 101 -9.83 -12.03 32.46
CA GLN A 101 -9.87 -11.44 31.11
C GLN A 101 -10.73 -12.25 30.14
N THR A 102 -11.60 -11.57 29.37
CA THR A 102 -12.26 -12.20 28.21
C THR A 102 -12.49 -11.17 27.10
N GLU A 103 -13.22 -11.59 26.06
CA GLU A 103 -13.52 -10.72 24.92
C GLU A 103 -14.92 -10.15 25.12
N SER A 104 -15.15 -8.98 24.52
CA SER A 104 -16.32 -8.11 24.70
C SER A 104 -16.65 -7.35 23.42
N LEU A 105 -15.86 -7.55 22.35
CA LEU A 105 -15.84 -6.71 21.12
C LEU A 105 -17.22 -6.15 20.78
N HIS A 106 -18.17 -7.05 20.45
CA HIS A 106 -19.58 -6.66 20.27
C HIS A 106 -20.49 -7.54 21.14
N GLY A 107 -20.12 -7.71 22.41
CA GLY A 107 -20.83 -8.51 23.37
C GLY A 107 -19.88 -9.40 24.16
N PHE A 108 -20.26 -9.63 25.43
CA PHE A 108 -19.59 -10.57 26.31
C PHE A 108 -19.53 -11.93 25.63
N LEU A 109 -18.31 -12.47 25.54
CA LEU A 109 -18.04 -13.70 24.82
C LEU A 109 -18.33 -14.92 25.70
N ILE A 110 -19.62 -15.21 25.88
CA ILE A 110 -20.06 -16.43 26.53
C ILE A 110 -21.41 -16.79 25.88
N GLY A 111 -21.83 -18.05 25.95
CA GLY A 111 -23.08 -18.43 25.31
C GLY A 111 -24.23 -17.73 25.99
N ASN A 112 -25.24 -17.38 25.19
CA ASN A 112 -26.53 -16.83 25.65
C ASN A 112 -26.35 -15.42 26.28
N ALA A 113 -25.24 -14.74 25.99
CA ALA A 113 -25.14 -13.33 26.35
C ALA A 113 -25.60 -12.51 25.14
N THR A 114 -25.80 -11.22 25.33
CA THR A 114 -26.41 -10.42 24.34
C THR A 114 -25.39 -10.16 23.22
N ILE A 115 -25.78 -10.41 21.95
CA ILE A 115 -24.88 -10.12 20.83
C ILE A 115 -25.34 -8.84 20.14
N TYR A 116 -24.43 -7.85 20.13
CA TYR A 116 -24.61 -6.57 19.43
C TYR A 116 -24.11 -6.74 18.01
N ASN A 117 -24.43 -5.77 17.16
CA ASN A 117 -23.99 -5.74 15.81
C ASN A 117 -22.46 -5.54 15.83
N SER A 118 -21.77 -5.93 14.76
CA SER A 118 -20.28 -5.79 14.72
C SER A 118 -19.85 -4.32 14.80
N PRO A 119 -18.62 -4.04 15.30
CA PRO A 119 -18.16 -2.66 15.47
C PRO A 119 -18.16 -1.78 14.19
N ILE A 120 -17.80 -2.35 13.03
CA ILE A 120 -17.79 -1.60 11.79
C ILE A 120 -19.21 -1.05 11.53
N GLY A 121 -20.22 -1.82 11.94
CA GLY A 121 -21.62 -1.40 11.86
C GLY A 121 -22.01 -0.39 12.93
N PHE A 122 -21.85 -0.69 14.23
CA PHE A 122 -22.30 0.32 15.16
C PHE A 122 -21.51 1.64 15.02
N ALA A 123 -20.34 1.66 14.35
CA ALA A 123 -19.69 2.95 14.08
C ALA A 123 -20.57 3.79 13.15
N CYS A 124 -21.35 3.14 12.28
CA CYS A 124 -22.21 3.82 11.31
C CYS A 124 -23.38 4.56 11.98
N SER A 125 -23.70 4.16 13.23
CA SER A 125 -24.68 4.86 14.07
C SER A 125 -24.25 6.30 14.36
N PHE A 126 -22.95 6.57 14.32
CA PHE A 126 -22.39 7.86 14.80
C PHE A 126 -23.05 8.25 16.11
N ASN A 127 -23.22 7.28 17.01
CA ASN A 127 -23.96 7.49 18.25
C ASN A 127 -23.13 6.97 19.41
N PRO A 128 -22.13 7.76 19.85
CA PRO A 128 -21.20 7.31 20.87
C PRO A 128 -21.85 7.13 22.25
N GLU A 129 -22.91 7.89 22.52
CA GLU A 129 -23.61 7.82 23.79
C GLU A 129 -24.30 6.45 23.91
N LEU A 130 -24.92 6.04 22.81
CA LEU A 130 -25.61 4.76 22.74
C LEU A 130 -24.59 3.60 22.82
N ILE A 131 -23.39 3.84 22.28
CA ILE A 131 -22.33 2.81 22.32
C ILE A 131 -21.79 2.68 23.76
N GLU A 132 -21.73 3.82 24.48
CA GLU A 132 -21.43 3.81 25.87
C GLU A 132 -22.44 2.95 26.64
N LYS A 133 -23.73 3.18 26.38
CA LYS A 133 -24.77 2.40 27.05
C LYS A 133 -24.56 0.91 26.79
N MET A 134 -24.18 0.55 25.57
CA MET A 134 -23.86 -0.82 25.25
C MET A 134 -22.72 -1.32 26.14
N ALA A 135 -21.64 -0.56 26.17
CA ALA A 135 -20.47 -0.98 26.94
C ALA A 135 -20.83 -1.17 28.42
N ARG A 136 -21.75 -0.32 28.93
CA ARG A 136 -22.15 -0.45 30.34
C ARG A 136 -22.87 -1.79 30.54
N LEU A 137 -23.75 -2.14 29.60
CA LEU A 137 -24.50 -3.40 29.73
C LEU A 137 -23.61 -4.62 29.50
N ILE A 138 -22.67 -4.51 28.57
CA ILE A 138 -21.67 -5.56 28.40
C ILE A 138 -20.91 -5.76 29.72
N GLY A 139 -20.47 -4.69 30.38
CA GLY A 139 -19.74 -4.80 31.64
C GLY A 139 -20.59 -5.48 32.73
N GLN A 140 -21.89 -5.22 32.71
CA GLN A 140 -22.83 -5.83 33.69
C GLN A 140 -22.86 -7.34 33.45
N GLU A 141 -22.95 -7.75 32.17
CA GLU A 141 -22.99 -9.20 31.85
C GLU A 141 -21.68 -9.88 32.27
N ALA A 142 -20.54 -9.30 31.90
CA ALA A 142 -19.20 -9.85 32.20
C ALA A 142 -18.98 -9.95 33.73
N SER A 143 -19.35 -8.88 34.42
CA SER A 143 -19.20 -8.71 35.86
C SER A 143 -19.95 -9.81 36.65
N ALA A 144 -21.11 -10.21 36.14
CA ALA A 144 -21.98 -11.23 36.75
C ALA A 144 -21.23 -12.54 36.98
N LEU A 145 -20.25 -12.84 36.14
CA LEU A 145 -19.58 -14.16 36.24
C LEU A 145 -18.17 -14.00 36.80
N GLY A 146 -17.82 -12.80 37.26
CA GLY A 146 -16.50 -12.59 37.90
C GLY A 146 -15.41 -12.08 36.98
N VAL A 147 -15.75 -11.68 35.74
CA VAL A 147 -14.79 -10.97 34.83
C VAL A 147 -14.52 -9.54 35.35
N ASN A 148 -13.25 -9.12 35.33
CA ASN A 148 -12.90 -7.74 35.66
C ASN A 148 -12.02 -7.10 34.57
N HIS A 149 -11.89 -7.71 33.39
CA HIS A 149 -11.10 -7.12 32.31
C HIS A 149 -11.64 -7.60 30.96
N VAL A 150 -11.80 -6.68 29.99
CA VAL A 150 -12.28 -7.08 28.68
C VAL A 150 -11.33 -6.55 27.62
N MET A 151 -11.18 -7.35 26.55
CA MET A 151 -10.15 -7.15 25.55
C MET A 151 -10.69 -6.30 24.39
N GLY A 152 -11.11 -5.08 24.75
CA GLY A 152 -11.47 -4.00 23.83
C GLY A 152 -11.40 -2.66 24.57
N PRO A 153 -11.51 -1.53 23.86
CA PRO A 153 -11.89 -1.50 22.45
C PRO A 153 -10.76 -1.69 21.41
N VAL A 154 -11.14 -2.10 20.20
CA VAL A 154 -10.28 -2.01 19.03
C VAL A 154 -10.38 -0.58 18.51
N VAL A 155 -9.26 0.15 18.56
CA VAL A 155 -9.16 1.52 17.99
C VAL A 155 -8.24 1.52 16.76
N ASP A 156 -7.91 0.34 16.22
CA ASP A 156 -7.32 0.22 14.88
C ASP A 156 -8.28 0.76 13.82
N LEU A 157 -7.73 1.28 12.71
CA LEU A 157 -8.54 1.87 11.61
C LEU A 157 -8.61 0.96 10.40
N ALA A 158 -9.78 0.97 9.74
CA ALA A 158 -10.10 0.16 8.60
C ALA A 158 -9.46 0.77 7.35
N ARG A 159 -8.12 0.73 7.25
CA ARG A 159 -7.47 1.47 6.20
C ARG A 159 -7.03 0.51 5.09
N GLU A 160 -7.15 -0.78 5.37
CA GLU A 160 -6.78 -1.84 4.41
C GLU A 160 -7.94 -2.82 4.31
N LEU A 161 -8.71 -2.67 3.24
CA LEU A 161 -10.00 -3.33 3.11
C LEU A 161 -9.87 -4.82 2.82
N ARG A 162 -8.70 -5.29 2.41
CA ARG A 162 -8.56 -6.73 2.20
C ARG A 162 -8.40 -7.47 3.53
N PHE A 163 -8.03 -6.74 4.57
CA PHE A 163 -7.74 -7.38 5.89
C PHE A 163 -9.04 -7.91 6.52
N GLY A 164 -9.01 -9.16 7.01
CA GLY A 164 -10.18 -9.79 7.63
C GLY A 164 -10.75 -9.10 8.87
N ARG A 165 -10.01 -8.21 9.53
CA ARG A 165 -10.52 -7.69 10.85
C ARG A 165 -11.15 -6.29 10.69
N VAL A 166 -11.40 -5.85 9.44
CA VAL A 166 -12.08 -4.54 9.21
C VAL A 166 -13.30 -4.41 10.14
N GLU A 167 -14.05 -5.52 10.26
CA GLU A 167 -15.34 -5.56 10.98
C GLU A 167 -15.18 -5.25 12.48
N GLU A 168 -13.98 -5.49 13.01
CA GLU A 168 -13.74 -5.29 14.41
C GLU A 168 -13.39 -3.84 14.75
N THR A 169 -13.15 -3.02 13.72
CA THR A 169 -12.81 -1.64 13.87
C THR A 169 -14.05 -0.76 13.84
N TYR A 170 -13.85 0.50 14.25
CA TYR A 170 -14.83 1.54 14.20
C TYR A 170 -14.72 2.37 12.91
N GLY A 171 -14.15 1.80 11.84
CA GLY A 171 -14.04 2.52 10.56
C GLY A 171 -12.63 2.98 10.27
N GLU A 172 -12.51 3.85 9.25
CA GLU A 172 -11.24 4.29 8.68
C GLU A 172 -10.77 5.62 9.32
N ASP A 173 -11.65 6.29 10.08
CA ASP A 173 -11.41 7.67 10.44
C ASP A 173 -10.87 7.78 11.86
N PRO A 174 -9.76 8.51 12.12
CA PRO A 174 -9.23 8.65 13.47
C PRO A 174 -10.22 9.26 14.48
N PHE A 175 -10.94 10.31 14.09
CA PHE A 175 -11.74 11.01 15.04
C PHE A 175 -12.91 10.12 15.52
N LEU A 176 -13.64 9.50 14.58
CA LEU A 176 -14.83 8.72 14.88
C LEU A 176 -14.41 7.54 15.75
N ALA A 177 -13.31 6.88 15.36
CA ALA A 177 -12.80 5.77 16.13
C ALA A 177 -12.41 6.22 17.53
N GLY A 178 -11.71 7.36 17.61
CA GLY A 178 -11.25 7.89 18.92
C GLY A 178 -12.44 8.16 19.85
N GLU A 179 -13.54 8.68 19.28
CA GLU A 179 -14.71 9.06 20.07
C GLU A 179 -15.45 7.80 20.51
N ILE A 180 -15.56 6.82 19.61
CA ILE A 180 -16.21 5.60 20.00
C ILE A 180 -15.34 4.85 21.00
N GLY A 181 -14.03 4.83 20.77
CA GLY A 181 -13.07 4.25 21.69
C GLY A 181 -13.22 4.82 23.10
N TYR A 182 -13.34 6.13 23.20
CA TYR A 182 -13.43 6.81 24.47
C TYR A 182 -14.69 6.37 25.24
N HIS A 183 -15.82 6.33 24.53
CA HIS A 183 -17.14 6.04 25.09
C HIS A 183 -17.23 4.57 25.52
N TYR A 184 -16.76 3.65 24.66
CA TYR A 184 -16.70 2.26 24.98
C TYR A 184 -15.87 2.05 26.26
N THR A 185 -14.68 2.62 26.30
CA THR A 185 -13.79 2.50 27.47
C THR A 185 -14.51 3.03 28.71
N LYS A 186 -15.16 4.21 28.61
CA LYS A 186 -15.81 4.79 29.76
C LYS A 186 -16.93 3.87 30.27
N GLY A 187 -17.73 3.30 29.36
CA GLY A 187 -18.83 2.47 29.75
C GLY A 187 -18.35 1.20 30.42
N ILE A 188 -17.29 0.62 29.87
CA ILE A 188 -16.68 -0.58 30.49
C ILE A 188 -16.16 -0.25 31.88
N GLN A 189 -15.32 0.78 31.98
CA GLN A 189 -14.58 1.02 33.25
C GLN A 189 -15.49 1.65 34.33
N SER A 190 -16.73 2.05 33.95
CA SER A 190 -17.73 2.54 34.91
C SER A 190 -18.06 1.41 35.89
N HIS A 191 -17.83 0.16 35.49
CA HIS A 191 -18.07 -1.00 36.36
C HIS A 191 -16.81 -1.42 37.13
N ASN A 192 -15.71 -0.67 37.02
CA ASN A 192 -14.40 -1.10 37.54
C ASN A 192 -13.90 -2.36 36.82
N ILE A 193 -14.39 -2.59 35.61
CA ILE A 193 -13.83 -3.55 34.68
C ILE A 193 -12.75 -2.84 33.84
N SER A 194 -11.60 -3.47 33.66
CA SER A 194 -10.54 -2.88 32.87
C SER A 194 -10.90 -3.00 31.39
N ALA A 195 -10.76 -1.88 30.66
CA ALA A 195 -10.66 -1.93 29.21
C ALA A 195 -9.26 -2.38 28.82
N ASN A 196 -9.08 -2.62 27.51
CA ASN A 196 -7.83 -3.11 26.95
C ASN A 196 -7.79 -2.58 25.51
N VAL A 197 -7.16 -1.42 25.36
CA VAL A 197 -7.19 -0.67 24.12
C VAL A 197 -6.25 -1.36 23.16
N LYS A 198 -6.74 -1.78 21.98
CA LYS A 198 -5.90 -2.60 21.11
C LYS A 198 -6.04 -2.16 19.65
N HIS A 199 -5.08 -2.49 18.78
CA HIS A 199 -3.80 -3.14 18.97
C HIS A 199 -2.67 -2.13 18.69
N PHE A 200 -1.96 -1.73 19.73
CA PHE A 200 -0.99 -0.65 19.68
C PHE A 200 0.26 -1.09 18.91
N VAL A 201 0.60 -0.47 17.78
CA VAL A 201 -0.11 0.62 17.11
C VAL A 201 0.29 0.57 15.64
N GLY A 202 -0.70 0.82 14.77
CA GLY A 202 -0.55 0.89 13.33
C GLY A 202 -0.75 -0.48 12.69
N PHE A 203 -1.56 -1.33 13.34
CA PHE A 203 -1.69 -2.75 13.04
C PHE A 203 -2.40 -3.04 11.70
N SER A 204 -3.47 -2.31 11.41
CA SER A 204 -4.50 -2.77 10.41
C SER A 204 -4.31 -2.22 8.99
N GLN A 205 -3.07 -1.98 8.54
CA GLN A 205 -2.77 -1.74 7.14
C GLN A 205 -1.75 -2.78 6.68
N PRO A 206 -1.97 -4.08 6.90
CA PRO A 206 -0.93 -5.05 6.58
C PRO A 206 -0.62 -5.17 5.10
N GLU A 207 0.64 -5.44 4.79
CA GLU A 207 1.09 -5.65 3.43
C GLU A 207 0.30 -6.78 2.74
N GLN A 208 -0.30 -6.47 1.58
CA GLN A 208 -1.16 -7.42 0.77
C GLN A 208 -2.52 -7.73 1.41
N GLY A 209 -2.86 -7.06 2.52
CA GLY A 209 -4.08 -7.31 3.32
C GLY A 209 -3.98 -8.53 4.24
N LEU A 210 -2.80 -9.17 4.32
CA LEU A 210 -2.60 -10.44 5.02
C LEU A 210 -2.49 -10.26 6.52
N ASN A 211 -3.21 -11.12 7.23
CA ASN A 211 -3.23 -11.15 8.65
C ASN A 211 -1.82 -11.23 9.24
N THR A 212 -1.47 -10.22 10.04
CA THR A 212 -0.19 -10.06 10.77
C THR A 212 0.98 -9.58 9.89
N ALA A 213 0.76 -9.36 8.60
CA ALA A 213 1.83 -8.93 7.76
C ALA A 213 2.25 -7.51 8.12
N PRO A 214 3.53 -7.17 7.82
CA PRO A 214 4.14 -5.91 8.26
C PRO A 214 3.58 -4.69 7.51
N VAL A 215 3.75 -3.53 8.16
CA VAL A 215 3.12 -2.34 7.73
C VAL A 215 4.17 -1.35 7.29
N HIS A 216 3.96 -0.81 6.08
CA HIS A 216 4.81 0.28 5.62
C HIS A 216 4.20 1.62 6.04
N GLY A 217 4.99 2.46 6.68
CA GLY A 217 4.60 3.82 6.93
C GLY A 217 5.63 4.60 7.75
N GLY A 218 5.48 5.90 7.78
CA GLY A 218 6.50 6.71 8.48
C GLY A 218 5.94 7.22 9.79
N GLU A 219 6.78 7.93 10.53
CA GLU A 219 6.41 8.41 11.82
C GLU A 219 5.30 9.49 11.71
N ARG A 220 5.31 10.31 10.66
CA ARG A 220 4.27 11.33 10.55
C ARG A 220 2.90 10.67 10.36
N TYR A 221 2.82 9.65 9.48
CA TYR A 221 1.56 8.92 9.33
C TYR A 221 1.16 8.25 10.66
N LEU A 222 2.14 7.72 11.41
CA LEU A 222 1.79 7.04 12.64
C LEU A 222 1.12 8.04 13.61
N ARG A 223 1.74 9.22 13.78
CA ARG A 223 1.26 10.21 14.72
C ARG A 223 0.00 10.93 14.22
N THR A 224 -0.11 11.14 12.90
CA THR A 224 -1.23 11.90 12.33
C THR A 224 -2.50 11.02 12.32
N THR A 225 -2.36 9.75 11.97
CA THR A 225 -3.54 8.95 11.69
C THR A 225 -3.70 7.80 12.73
N TRP A 226 -2.62 7.12 13.12
CA TRP A 226 -2.78 5.83 13.85
C TRP A 226 -2.96 6.03 15.35
N LEU A 227 -2.26 7.02 15.89
CA LEU A 227 -2.14 7.17 17.31
C LEU A 227 -3.31 7.94 17.90
N PRO A 228 -3.95 8.93 17.22
CA PRO A 228 -5.02 9.70 17.90
C PRO A 228 -6.13 8.89 18.60
N SER A 229 -6.60 7.82 17.96
CA SER A 229 -7.67 7.02 18.52
C SER A 229 -7.23 6.32 19.82
N PHE A 230 -5.94 6.00 19.95
CA PHE A 230 -5.44 5.39 21.20
C PHE A 230 -5.43 6.46 22.28
N LYS A 231 -4.95 7.66 21.92
CA LYS A 231 -4.78 8.79 22.86
C LYS A 231 -6.06 9.09 23.61
N ARG A 232 -7.18 9.06 22.90
CA ARG A 232 -8.46 9.36 23.43
C ARG A 232 -8.87 8.32 24.49
N ALA A 233 -8.83 7.03 24.12
CA ALA A 233 -9.19 5.93 25.06
C ALA A 233 -8.23 5.94 26.27
N ILE A 234 -6.94 6.17 26.02
CA ILE A 234 -5.89 6.02 27.05
C ILE A 234 -5.85 7.24 27.99
N MET A 235 -5.63 8.41 27.42
CA MET A 235 -5.37 9.64 28.20
C MET A 235 -6.67 10.23 28.77
N ASP A 236 -7.76 10.21 28.00
CA ASP A 236 -8.95 10.91 28.44
C ASP A 236 -9.93 9.96 29.13
N ALA A 237 -10.07 8.72 28.65
CA ALA A 237 -11.01 7.80 29.30
C ALA A 237 -10.29 7.03 30.42
N GLY A 238 -8.96 7.12 30.48
CA GLY A 238 -8.19 6.51 31.61
C GLY A 238 -8.10 5.00 31.52
N ALA A 239 -8.01 4.45 30.30
CA ALA A 239 -7.94 2.97 30.10
C ALA A 239 -6.86 2.38 31.00
N TRP A 240 -7.19 1.26 31.67
CA TRP A 240 -6.29 0.63 32.63
C TRP A 240 -5.35 -0.36 31.97
N SER A 241 -5.55 -0.71 30.70
CA SER A 241 -4.64 -1.60 30.02
C SER A 241 -4.70 -1.37 28.51
N ILE A 242 -3.64 -1.86 27.85
CA ILE A 242 -3.37 -1.75 26.41
C ILE A 242 -2.81 -3.11 25.97
N MET A 243 -3.19 -3.58 24.76
CA MET A 243 -2.51 -4.70 24.09
C MET A 243 -1.66 -4.17 22.93
N SER A 244 -0.35 -4.48 22.93
CA SER A 244 0.46 -4.19 21.71
C SER A 244 0.12 -5.19 20.60
N ALA A 245 0.67 -4.96 19.40
CA ALA A 245 0.16 -5.66 18.19
C ALA A 245 1.12 -6.73 17.64
N TYR A 246 0.64 -7.49 16.62
CA TYR A 246 1.40 -8.57 15.99
C TYR A 246 2.40 -8.09 14.92
N HIS A 247 2.23 -6.87 14.43
CA HIS A 247 2.95 -6.39 13.22
C HIS A 247 4.26 -5.69 13.58
N SER A 248 5.05 -5.46 12.52
CA SER A 248 6.12 -4.48 12.50
C SER A 248 5.67 -3.25 11.71
N TYR A 249 6.18 -2.09 12.13
CA TYR A 249 5.81 -0.77 11.50
C TYR A 249 7.15 -0.17 11.07
N ASP A 250 7.37 -0.03 9.74
CA ASP A 250 8.67 0.34 9.17
C ASP A 250 9.79 -0.51 9.78
N GLY A 251 9.50 -1.79 10.08
CA GLY A 251 10.53 -2.76 10.47
C GLY A 251 10.88 -2.81 11.95
N ILE A 252 10.11 -2.12 12.81
CA ILE A 252 10.20 -2.35 14.25
C ILE A 252 8.96 -3.11 14.67
N PRO A 253 9.06 -4.30 15.30
CA PRO A 253 7.88 -4.96 15.87
C PRO A 253 7.20 -4.09 16.92
N ALA A 254 5.88 -4.02 16.79
CA ALA A 254 5.00 -3.33 17.74
C ALA A 254 5.28 -3.77 19.17
N VAL A 255 5.51 -5.07 19.35
CA VAL A 255 5.67 -5.68 20.65
C VAL A 255 7.02 -5.26 21.27
N ALA A 256 7.95 -4.72 20.47
CA ALA A 256 9.32 -4.42 20.94
C ALA A 256 9.78 -3.01 20.59
N ASP A 257 8.84 -2.09 20.37
CA ASP A 257 9.10 -0.74 19.88
C ASP A 257 9.24 0.20 21.09
N TYR A 258 10.48 0.51 21.45
CA TYR A 258 10.70 1.43 22.63
C TYR A 258 10.08 2.81 22.31
N HIS A 259 10.28 3.30 21.09
CA HIS A 259 9.84 4.63 20.68
C HIS A 259 8.35 4.79 21.02
N THR A 260 7.53 3.82 20.60
CA THR A 260 6.08 3.91 20.76
C THR A 260 5.65 3.53 22.17
N LEU A 261 6.14 2.39 22.67
CA LEU A 261 5.60 1.82 23.91
C LEU A 261 6.09 2.63 25.12
N THR A 262 7.29 3.25 25.03
CA THR A 262 7.86 4.04 26.16
C THR A 262 7.93 5.54 25.85
N GLU A 263 8.65 5.97 24.80
N GLU A 263 8.67 5.93 24.80
CA GLU A 263 8.85 7.41 24.57
CA GLU A 263 8.85 7.36 24.50
C GLU A 263 7.50 8.09 24.30
C GLU A 263 7.48 8.03 24.35
N ILE A 264 6.65 7.51 23.44
CA ILE A 264 5.36 8.15 23.17
C ILE A 264 4.40 7.85 24.33
N LEU A 265 4.12 6.56 24.57
CA LEU A 265 3.05 6.13 25.47
C LEU A 265 3.26 6.70 26.88
N ARG A 266 4.49 6.63 27.41
CA ARG A 266 4.77 7.06 28.79
C ARG A 266 5.38 8.47 28.85
N GLU A 267 6.49 8.72 28.17
CA GLU A 267 7.14 10.05 28.30
C GLU A 267 6.25 11.19 27.78
N GLU A 268 5.57 11.00 26.64
CA GLU A 268 4.73 12.05 26.10
C GLU A 268 3.31 11.97 26.68
N TRP A 269 2.70 10.79 26.78
CA TRP A 269 1.27 10.75 27.12
C TRP A 269 1.02 10.57 28.61
N GLY A 270 2.06 10.19 29.35
CA GLY A 270 1.95 9.97 30.80
C GLY A 270 1.18 8.73 31.18
N TYR A 271 1.09 7.73 30.30
CA TYR A 271 0.33 6.53 30.60
C TYR A 271 0.83 5.87 31.90
N LYS A 272 -0.09 5.49 32.76
CA LYS A 272 0.26 5.02 34.08
C LYS A 272 0.19 3.50 34.24
N TYR A 273 -0.30 2.76 33.26
CA TYR A 273 -0.67 1.36 33.51
C TYR A 273 0.16 0.45 32.63
N TRP A 274 -0.41 -0.73 32.29
CA TRP A 274 0.34 -1.79 31.69
C TRP A 274 -0.04 -2.08 30.23
N VAL A 275 0.90 -2.71 29.55
CA VAL A 275 0.76 -3.15 28.18
C VAL A 275 1.02 -4.66 28.19
N THR A 276 0.11 -5.42 27.60
CA THR A 276 0.28 -6.86 27.39
C THR A 276 0.58 -7.11 25.91
N SER A 277 1.31 -8.18 25.62
CA SER A 277 1.48 -8.59 24.22
C SER A 277 0.14 -9.14 23.72
N ASP A 278 0.00 -9.22 22.40
CA ASP A 278 -1.03 -10.09 21.80
C ASP A 278 -0.60 -11.56 21.98
N ALA A 279 -1.44 -12.50 21.49
CA ALA A 279 -1.41 -13.92 21.82
C ALA A 279 -0.37 -14.63 20.93
N GLY A 280 0.70 -15.16 21.56
CA GLY A 280 1.83 -15.63 20.82
C GLY A 280 2.68 -14.54 20.17
N ALA A 281 2.43 -13.25 20.49
CA ALA A 281 3.18 -12.17 19.83
C ALA A 281 4.63 -12.10 20.31
N SER A 282 4.89 -12.61 21.52
CA SER A 282 6.22 -12.53 22.04
C SER A 282 7.10 -13.49 21.22
N ASP A 283 6.59 -14.71 20.93
CA ASP A 283 7.40 -15.75 20.16
C ASP A 283 7.74 -15.18 18.78
N ARG A 284 6.86 -14.33 18.25
CA ARG A 284 6.98 -13.80 16.86
C ARG A 284 8.28 -13.04 16.68
N VAL A 285 8.79 -12.46 17.78
CA VAL A 285 10.09 -11.78 17.75
C VAL A 285 11.16 -12.65 17.07
N CYS A 286 11.22 -13.94 17.43
CA CYS A 286 12.12 -14.92 16.81
C CYS A 286 11.47 -15.53 15.54
N THR A 287 10.27 -16.07 15.67
CA THR A 287 9.69 -17.01 14.68
C THR A 287 9.30 -16.27 13.40
N ALA A 288 8.58 -15.17 13.51
CA ALA A 288 8.16 -14.44 12.28
C ALA A 288 9.19 -13.39 11.84
N PHE A 289 9.66 -12.60 12.81
CA PHE A 289 10.48 -11.41 12.50
C PHE A 289 11.96 -11.77 12.37
N LYS A 290 12.36 -12.94 12.89
CA LYS A 290 13.75 -13.42 12.74
C LYS A 290 14.78 -12.51 13.41
N LEU A 291 14.44 -12.05 14.61
CA LEU A 291 15.29 -11.16 15.39
C LEU A 291 16.03 -11.97 16.47
N CYS A 292 15.80 -13.27 16.48
CA CYS A 292 16.48 -14.19 17.38
C CYS A 292 16.26 -15.63 16.89
N ARG A 293 17.01 -16.58 17.45
CA ARG A 293 16.92 -18.02 17.09
C ARG A 293 15.54 -18.59 17.42
N ALA A 294 14.92 -19.27 16.45
CA ALA A 294 13.53 -19.78 16.57
C ALA A 294 13.51 -21.22 17.11
N ASP A 295 14.59 -21.99 16.89
CA ASP A 295 14.53 -23.38 17.31
C ASP A 295 15.88 -23.80 17.89
N PRO A 296 15.96 -24.14 19.17
CA PRO A 296 14.91 -23.85 20.15
C PRO A 296 14.77 -22.33 20.37
N ILE A 297 13.56 -21.86 20.73
CA ILE A 297 13.31 -20.42 20.74
C ILE A 297 14.17 -19.74 21.83
N ASP A 298 14.78 -18.61 21.48
CA ASP A 298 15.67 -17.88 22.36
C ASP A 298 14.82 -17.02 23.31
N LYS A 299 14.39 -17.63 24.41
CA LYS A 299 13.44 -17.02 25.35
C LYS A 299 14.09 -15.80 26.00
N GLU A 300 15.41 -15.88 26.21
CA GLU A 300 16.09 -14.70 26.77
C GLU A 300 15.99 -13.50 25.82
N ALA A 301 16.25 -13.76 24.54
CA ALA A 301 16.31 -12.72 23.57
C ALA A 301 14.92 -12.06 23.43
N VAL A 302 13.88 -12.90 23.42
CA VAL A 302 12.53 -12.38 23.34
C VAL A 302 12.27 -11.44 24.52
N THR A 303 12.57 -11.92 25.72
CA THR A 303 12.33 -11.16 26.90
C THR A 303 13.08 -9.82 26.82
N LEU A 304 14.33 -9.86 26.35
CA LEU A 304 15.23 -8.70 26.35
C LEU A 304 14.76 -7.67 25.31
N ALA A 305 14.05 -8.13 24.27
CA ALA A 305 13.50 -7.28 23.25
C ALA A 305 12.25 -6.55 23.77
N ILE A 306 11.32 -7.26 24.40
CA ILE A 306 9.96 -6.73 24.56
C ILE A 306 9.80 -6.08 25.93
N LEU A 307 10.36 -6.67 27.00
CA LEU A 307 10.05 -6.14 28.33
C LEU A 307 10.69 -4.76 28.49
N PRO A 308 11.99 -4.55 28.16
CA PRO A 308 12.59 -3.22 28.34
C PRO A 308 12.02 -2.18 27.35
N ALA A 309 11.36 -2.66 26.28
CA ALA A 309 10.80 -1.76 25.29
C ALA A 309 9.56 -1.08 25.87
N GLY A 310 8.94 -1.78 26.83
CA GLY A 310 7.79 -1.29 27.55
C GLY A 310 6.57 -2.19 27.41
N ASN A 311 6.74 -3.39 26.85
CA ASN A 311 5.66 -4.39 26.82
C ASN A 311 5.76 -5.17 28.13
N ASP A 312 4.90 -4.83 29.09
CA ASP A 312 5.01 -5.25 30.50
C ASP A 312 4.70 -6.73 30.73
N VAL A 313 3.71 -7.27 29.99
CA VAL A 313 3.07 -8.52 30.26
C VAL A 313 3.09 -9.37 28.98
N GLU A 314 3.42 -10.65 29.14
CA GLU A 314 3.43 -11.62 28.08
C GLU A 314 2.12 -12.39 28.12
N MET A 315 1.39 -12.35 27.00
CA MET A 315 0.15 -13.09 26.83
CA MET A 315 0.16 -13.09 26.82
C MET A 315 0.48 -14.57 26.58
N GLY A 316 -0.47 -15.45 26.96
CA GLY A 316 -0.41 -16.84 26.54
C GLY A 316 -0.49 -16.97 25.02
N GLY A 317 -0.46 -18.22 24.52
CA GLY A 317 -0.44 -18.49 23.10
C GLY A 317 0.97 -18.61 22.53
N GLY A 318 2.01 -18.38 23.34
CA GLY A 318 3.38 -18.48 22.89
C GLY A 318 4.17 -19.44 23.77
N SER A 319 5.46 -19.17 23.96
CA SER A 319 6.31 -20.10 24.66
C SER A 319 6.63 -19.65 26.08
N TYR A 320 5.94 -18.61 26.60
CA TYR A 320 6.12 -18.12 27.98
C TYR A 320 7.60 -17.75 28.20
N ASN A 321 8.12 -16.93 27.28
CA ASN A 321 9.54 -16.55 27.21
C ASN A 321 9.97 -15.83 28.50
N PHE A 322 9.02 -15.11 29.13
CA PHE A 322 9.26 -14.33 30.35
C PHE A 322 9.64 -15.21 31.57
N GLU A 323 9.47 -16.54 31.49
CA GLU A 323 9.98 -17.43 32.59
C GLU A 323 11.50 -17.29 32.72
N THR A 324 12.21 -16.72 31.72
CA THR A 324 13.65 -16.49 31.83
C THR A 324 13.95 -15.18 32.56
N ILE A 325 12.94 -14.40 32.96
CA ILE A 325 13.27 -13.11 33.62
C ILE A 325 14.24 -13.34 34.79
N ILE A 326 13.98 -14.37 35.61
CA ILE A 326 14.78 -14.63 36.83
C ILE A 326 16.25 -14.87 36.45
N ASP A 327 16.43 -15.69 35.40
CA ASP A 327 17.78 -16.03 34.91
C ASP A 327 18.48 -14.78 34.39
N LEU A 328 17.75 -13.95 33.65
CA LEU A 328 18.34 -12.72 33.07
C LEU A 328 18.80 -11.80 34.20
N VAL A 329 17.99 -11.65 35.25
CA VAL A 329 18.32 -10.77 36.38
C VAL A 329 19.57 -11.31 37.09
N ASN A 330 19.57 -12.60 37.45
CA ASN A 330 20.76 -13.30 38.04
C ASN A 330 22.03 -13.14 37.17
N ALA A 331 21.91 -13.18 35.86
CA ALA A 331 23.03 -13.05 34.98
C ALA A 331 23.50 -11.60 34.85
N GLY A 332 22.76 -10.64 35.42
CA GLY A 332 23.04 -9.19 35.26
C GLY A 332 22.66 -8.67 33.88
N LYS A 333 21.79 -9.40 33.16
CA LYS A 333 21.49 -8.99 31.79
C LYS A 333 20.22 -8.13 31.73
N LEU A 334 19.42 -8.19 32.79
CA LEU A 334 18.20 -7.42 32.89
C LEU A 334 18.22 -6.74 34.26
N ASP A 335 18.09 -5.40 34.28
CA ASP A 335 18.07 -4.65 35.51
C ASP A 335 16.74 -4.96 36.19
N ILE A 336 16.80 -5.25 37.49
CA ILE A 336 15.59 -5.50 38.30
C ILE A 336 14.63 -4.31 38.20
N GLU A 337 15.13 -3.08 38.00
CA GLU A 337 14.26 -1.91 37.97
C GLU A 337 13.31 -1.97 36.77
N ILE A 338 13.74 -2.57 35.66
CA ILE A 338 12.81 -2.80 34.51
C ILE A 338 11.66 -3.74 34.93
N VAL A 339 11.96 -4.80 35.67
CA VAL A 339 10.94 -5.72 36.15
C VAL A 339 10.04 -4.95 37.14
N ASN A 340 10.66 -4.18 38.03
CA ASN A 340 9.90 -3.46 39.09
C ASN A 340 8.93 -2.48 38.46
N THR A 341 9.33 -1.81 37.37
CA THR A 341 8.46 -0.84 36.66
C THR A 341 7.24 -1.56 36.06
N ALA A 342 7.46 -2.74 35.44
CA ALA A 342 6.36 -3.48 34.76
C ALA A 342 5.38 -3.98 35.82
N VAL A 343 5.91 -4.50 36.92
CA VAL A 343 5.06 -5.01 38.00
C VAL A 343 4.24 -3.86 38.57
N SER A 344 4.93 -2.72 38.84
CA SER A 344 4.29 -1.53 39.40
C SER A 344 3.12 -1.08 38.54
N ARG A 345 3.27 -1.18 37.22
CA ARG A 345 2.20 -0.76 36.29
C ARG A 345 0.97 -1.67 36.45
N VAL A 346 1.22 -2.98 36.56
CA VAL A 346 0.11 -3.94 36.76
C VAL A 346 -0.58 -3.67 38.12
N LEU A 347 0.20 -3.51 39.18
CA LEU A 347 -0.37 -3.35 40.55
C LEU A 347 -1.17 -2.06 40.63
N ARG A 348 -0.64 -0.98 40.04
CA ARG A 348 -1.29 0.33 40.04
C ARG A 348 -2.68 0.21 39.43
N ALA A 349 -2.80 -0.45 38.26
CA ALA A 349 -4.13 -0.74 37.69
C ALA A 349 -4.99 -1.50 38.71
N LYS A 350 -4.46 -2.55 39.35
CA LYS A 350 -5.28 -3.34 40.26
C LYS A 350 -5.80 -2.51 41.46
N PHE A 351 -4.93 -1.69 42.06
CA PHE A 351 -5.35 -0.81 43.12
C PHE A 351 -6.47 0.14 42.66
N GLU A 352 -6.28 0.80 41.52
CA GLU A 352 -7.23 1.81 41.06
C GLU A 352 -8.55 1.17 40.63
N MET A 353 -8.50 -0.06 40.14
CA MET A 353 -9.71 -0.82 39.81
C MET A 353 -10.52 -1.14 41.07
N GLY A 354 -9.90 -1.08 42.24
CA GLY A 354 -10.60 -1.38 43.48
C GLY A 354 -10.46 -2.84 43.90
N LEU A 355 -9.66 -3.62 43.15
CA LEU A 355 -9.59 -5.08 43.35
C LEU A 355 -9.12 -5.45 44.76
N PHE A 356 -8.23 -4.66 45.35
CA PHE A 356 -7.71 -5.05 46.65
C PHE A 356 -8.78 -4.87 47.73
N GLU A 357 -9.73 -3.95 47.52
CA GLU A 357 -10.84 -3.74 48.44
C GLU A 357 -11.98 -4.69 48.08
N ASN A 358 -12.15 -5.04 46.81
CA ASN A 358 -13.27 -5.92 46.42
C ASN A 358 -12.83 -6.88 45.32
N PRO A 359 -12.14 -7.99 45.65
CA PRO A 359 -11.56 -8.84 44.60
C PRO A 359 -12.66 -9.67 43.92
N TYR A 360 -13.80 -9.85 44.59
CA TYR A 360 -14.94 -10.67 44.15
C TYR A 360 -15.96 -9.77 43.46
N ASN A 361 -16.29 -10.17 42.24
CA ASN A 361 -17.08 -9.39 41.31
C ASN A 361 -18.47 -10.02 41.20
N ALA A 362 -18.48 -11.36 41.19
CA ALA A 362 -19.50 -12.14 40.59
C ALA A 362 -20.78 -12.03 41.42
N ALA A 363 -21.93 -12.22 40.75
CA ALA A 363 -23.17 -12.32 41.43
C ALA A 363 -23.44 -13.81 41.62
N PRO A 364 -24.41 -14.19 42.47
CA PRO A 364 -24.72 -15.59 42.65
C PRO A 364 -25.46 -16.14 41.45
N ALA A 365 -25.45 -17.47 41.31
CA ALA A 365 -26.03 -18.21 40.22
C ALA A 365 -27.50 -17.84 40.00
N SER A 366 -28.25 -17.68 41.09
CA SER A 366 -29.69 -17.31 41.04
C SER A 366 -29.97 -15.97 40.35
N GLU A 367 -28.98 -15.07 40.25
N GLU A 367 -28.97 -15.06 40.28
CA GLU A 367 -29.16 -13.72 39.67
CA GLU A 367 -29.13 -13.69 39.70
C GLU A 367 -28.67 -13.66 38.21
C GLU A 367 -28.66 -13.65 38.23
N TRP A 368 -27.88 -14.63 37.74
CA TRP A 368 -27.25 -14.48 36.40
C TRP A 368 -28.30 -14.21 35.30
N ASN A 369 -29.46 -14.87 35.37
CA ASN A 369 -30.51 -14.69 34.34
C ASN A 369 -31.16 -13.32 34.44
N LYS A 370 -30.97 -12.63 35.56
CA LYS A 370 -31.54 -11.30 35.75
C LYS A 370 -30.51 -10.22 35.35
N LEU A 371 -29.27 -10.61 35.06
CA LEU A 371 -28.20 -9.66 34.72
C LEU A 371 -27.70 -9.84 33.28
N ILE A 372 -27.75 -11.07 32.76
CA ILE A 372 -27.25 -11.37 31.41
C ILE A 372 -28.44 -11.57 30.47
N HIS A 373 -28.39 -10.97 29.26
CA HIS A 373 -29.48 -11.12 28.22
C HIS A 373 -30.83 -10.58 28.75
N THR A 374 -30.74 -9.47 29.49
CA THR A 374 -31.89 -8.71 29.95
C THR A 374 -32.60 -8.04 28.76
N GLN A 375 -33.86 -7.71 28.97
CA GLN A 375 -34.62 -7.07 27.97
C GLN A 375 -33.98 -5.72 27.62
N GLU A 376 -33.38 -5.04 28.59
CA GLU A 376 -32.75 -3.73 28.37
C GLU A 376 -31.61 -3.91 27.37
N ALA A 377 -30.86 -5.02 27.52
CA ALA A 377 -29.71 -5.31 26.63
C ALA A 377 -30.23 -5.69 25.23
N VAL A 378 -31.25 -6.53 25.17
CA VAL A 378 -31.83 -6.95 23.91
C VAL A 378 -32.41 -5.74 23.16
N ASP A 379 -33.15 -4.90 23.89
CA ASP A 379 -33.77 -3.72 23.32
C ASP A 379 -32.69 -2.82 22.69
N LEU A 380 -31.56 -2.64 23.40
CA LEU A 380 -30.50 -1.76 22.99
C LEU A 380 -29.83 -2.31 21.72
N ALA A 381 -29.71 -3.63 21.66
CA ALA A 381 -29.10 -4.29 20.53
C ALA A 381 -29.92 -3.95 19.31
N ARG A 382 -31.23 -3.96 19.46
CA ARG A 382 -32.09 -3.67 18.32
C ARG A 382 -32.01 -2.19 17.97
N GLU A 383 -32.05 -1.33 18.98
CA GLU A 383 -31.93 0.11 18.77
C GLU A 383 -30.61 0.45 18.08
N LEU A 384 -29.49 -0.08 18.58
CA LEU A 384 -28.17 0.31 18.06
C LEU A 384 -28.00 -0.20 16.62
N ASP A 385 -28.44 -1.45 16.42
CA ASP A 385 -28.45 -2.14 15.10
C ASP A 385 -29.25 -1.28 14.10
N ARG A 386 -30.48 -0.91 14.45
CA ARG A 386 -31.32 -0.22 13.45
C ARG A 386 -30.72 1.14 13.09
N GLU A 387 -30.07 1.78 14.09
CA GLU A 387 -29.41 3.10 13.91
C GLU A 387 -28.12 2.98 13.09
N SER A 388 -27.60 1.75 12.88
CA SER A 388 -26.35 1.51 12.14
C SER A 388 -26.61 1.19 10.67
N ILE A 389 -27.88 0.90 10.31
CA ILE A 389 -28.19 0.54 8.97
C ILE A 389 -28.03 1.78 8.08
N VAL A 390 -27.43 1.59 6.90
CA VAL A 390 -27.12 2.69 5.98
C VAL A 390 -27.95 2.50 4.72
N LEU A 391 -28.76 3.51 4.38
CA LEU A 391 -29.48 3.50 3.14
C LEU A 391 -28.55 4.04 2.05
N LEU A 392 -28.19 3.20 1.09
CA LEU A 392 -27.28 3.63 0.01
C LEU A 392 -28.04 4.20 -1.19
N GLU A 393 -29.16 3.56 -1.55
CA GLU A 393 -29.99 3.99 -2.70
C GLU A 393 -31.47 3.70 -2.40
N ASN A 394 -32.34 4.53 -2.96
CA ASN A 394 -33.74 4.39 -2.83
C ASN A 394 -34.37 5.13 -4.02
N HIS A 395 -34.74 4.37 -5.03
CA HIS A 395 -35.30 4.93 -6.27
C HIS A 395 -36.85 4.90 -6.21
N ASP A 396 -37.44 6.07 -6.53
CA ASP A 396 -38.88 6.25 -6.74
C ASP A 396 -39.67 5.78 -5.52
N ASN A 397 -39.15 5.99 -4.31
CA ASN A 397 -39.86 5.61 -3.08
C ASN A 397 -40.17 4.12 -2.99
N ALA A 398 -39.29 3.27 -3.52
CA ALA A 398 -39.38 1.84 -3.30
C ALA A 398 -39.41 1.52 -1.80
N LEU A 399 -38.59 2.23 -1.01
CA LEU A 399 -38.64 2.13 0.43
C LEU A 399 -39.25 3.42 0.99
N PRO A 400 -40.03 3.31 2.07
CA PRO A 400 -40.23 2.06 2.79
C PRO A 400 -41.28 1.18 2.10
N LEU A 401 -41.16 -0.15 2.27
CA LEU A 401 -42.11 -1.13 1.71
C LEU A 401 -43.47 -0.94 2.41
N LYS A 402 -44.53 -1.23 1.68
CA LYS A 402 -45.87 -1.32 2.25
C LYS A 402 -46.06 -2.67 2.94
N LYS A 403 -46.75 -2.67 4.09
CA LYS A 403 -47.03 -3.91 4.82
C LYS A 403 -48.29 -4.55 4.22
N SER A 404 -48.25 -4.87 2.93
CA SER A 404 -49.41 -5.35 2.20
C SER A 404 -48.93 -6.02 0.92
N GLY A 405 -49.85 -6.68 0.21
CA GLY A 405 -49.53 -7.39 -1.00
C GLY A 405 -48.62 -8.58 -0.74
N SER A 406 -47.74 -8.88 -1.70
CA SER A 406 -46.86 -10.01 -1.59
C SER A 406 -45.40 -9.53 -1.66
N ILE A 407 -44.51 -10.16 -0.89
CA ILE A 407 -43.09 -9.77 -0.77
C ILE A 407 -42.22 -11.02 -0.90
N ALA A 408 -41.32 -11.05 -1.89
CA ALA A 408 -40.37 -12.12 -2.01
C ALA A 408 -39.19 -11.81 -1.07
N VAL A 409 -38.74 -12.83 -0.33
CA VAL A 409 -37.58 -12.72 0.54
C VAL A 409 -36.59 -13.78 0.08
N ILE A 410 -35.45 -13.32 -0.46
CA ILE A 410 -34.56 -14.16 -1.21
C ILE A 410 -33.14 -13.99 -0.68
N GLY A 411 -32.36 -15.09 -0.75
CA GLY A 411 -30.89 -15.00 -0.73
C GLY A 411 -30.32 -15.77 0.47
N PRO A 412 -29.05 -16.21 0.38
CA PRO A 412 -28.44 -17.00 1.43
C PRO A 412 -28.51 -16.30 2.80
N MET A 413 -28.40 -14.98 2.85
CA MET A 413 -28.31 -14.33 4.15
C MET A 413 -29.70 -13.97 4.68
N ALA A 414 -30.77 -14.34 3.96
CA ALA A 414 -32.14 -13.94 4.40
C ALA A 414 -32.61 -14.84 5.54
N HIS A 415 -32.05 -16.06 5.62
CA HIS A 415 -32.54 -17.05 6.56
C HIS A 415 -31.60 -18.26 6.61
N GLY A 416 -31.78 -19.11 7.63
CA GLY A 416 -31.17 -20.43 7.74
C GLY A 416 -29.94 -20.43 8.64
N PHE A 417 -29.36 -19.24 8.89
CA PHE A 417 -28.22 -19.04 9.80
C PHE A 417 -28.18 -17.53 10.08
N MET A 418 -27.64 -17.15 11.24
CA MET A 418 -27.48 -15.75 11.59
C MET A 418 -26.09 -15.31 11.11
N ASN A 419 -26.04 -14.21 10.38
CA ASN A 419 -24.79 -13.79 9.72
C ASN A 419 -23.99 -12.93 10.70
N TYR A 420 -23.65 -13.51 11.87
CA TYR A 420 -22.84 -12.83 12.90
C TYR A 420 -21.39 -12.62 12.43
N GLY A 421 -20.84 -11.50 12.88
CA GLY A 421 -19.41 -11.30 12.68
C GLY A 421 -18.58 -12.23 13.57
N ASP A 422 -17.27 -12.16 13.41
CA ASP A 422 -16.33 -12.84 14.29
C ASP A 422 -16.44 -12.29 15.73
N TYR A 423 -15.77 -12.99 16.64
CA TYR A 423 -15.75 -12.72 18.07
C TYR A 423 -17.16 -12.93 18.60
N VAL A 424 -17.74 -14.05 18.17
CA VAL A 424 -18.91 -14.66 18.88
C VAL A 424 -18.54 -16.08 19.24
N VAL A 425 -19.24 -16.57 20.27
CA VAL A 425 -18.93 -17.87 20.87
C VAL A 425 -19.54 -18.96 19.97
N TYR A 426 -18.95 -20.16 20.04
CA TYR A 426 -19.42 -21.31 19.29
C TYR A 426 -20.93 -21.50 19.41
N GLU A 427 -21.57 -21.72 18.24
CA GLU A 427 -22.98 -22.04 18.03
C GLU A 427 -23.90 -20.81 18.16
N SER A 428 -23.34 -19.61 18.29
CA SER A 428 -24.18 -18.39 18.27
C SER A 428 -25.11 -18.35 17.06
N GLN A 429 -24.60 -18.79 15.90
CA GLN A 429 -25.33 -18.61 14.64
C GLN A 429 -26.71 -19.30 14.64
N TYR A 430 -26.98 -20.23 15.57
CA TYR A 430 -28.26 -20.94 15.64
C TYR A 430 -29.33 -20.16 16.44
N ARG A 431 -29.03 -18.97 16.97
CA ARG A 431 -30.08 -18.16 17.60
C ARG A 431 -29.98 -16.72 17.12
N GLY A 432 -31.16 -16.07 17.03
CA GLY A 432 -31.28 -14.67 16.72
C GLY A 432 -32.32 -14.47 15.65
N VAL A 433 -32.61 -13.20 15.34
CA VAL A 433 -33.69 -12.88 14.36
C VAL A 433 -33.10 -12.72 12.96
N THR A 434 -33.49 -13.60 12.02
CA THR A 434 -33.07 -13.45 10.63
C THR A 434 -33.85 -12.35 9.93
N PRO A 435 -33.38 -11.83 8.77
CA PRO A 435 -34.23 -10.97 7.96
C PRO A 435 -35.63 -11.57 7.70
N LEU A 436 -35.70 -12.87 7.39
CA LEU A 436 -37.01 -13.52 7.12
C LEU A 436 -37.88 -13.47 8.39
N ASP A 437 -37.30 -13.87 9.52
CA ASP A 437 -37.98 -13.78 10.82
C ASP A 437 -38.52 -12.36 10.98
N GLY A 438 -37.66 -11.35 10.77
CA GLY A 438 -38.01 -9.97 11.02
C GLY A 438 -39.18 -9.49 10.15
N ILE A 439 -39.07 -9.80 8.86
CA ILE A 439 -40.00 -9.34 7.86
C ILE A 439 -41.38 -10.00 8.12
N LYS A 440 -41.42 -11.29 8.42
CA LYS A 440 -42.67 -11.99 8.70
C LYS A 440 -43.31 -11.44 9.98
N ALA A 441 -42.49 -11.08 10.97
CA ALA A 441 -43.01 -10.48 12.20
C ALA A 441 -43.62 -9.11 11.95
N ALA A 442 -43.02 -8.32 11.06
CA ALA A 442 -43.48 -6.95 10.84
C ALA A 442 -44.78 -6.90 10.03
N VAL A 443 -45.01 -7.86 9.13
CA VAL A 443 -46.21 -7.82 8.25
C VAL A 443 -47.36 -8.60 8.87
N GLY A 444 -47.04 -9.63 9.66
CA GLY A 444 -47.99 -10.54 10.26
C GLY A 444 -48.88 -11.16 9.20
N ASP A 445 -50.18 -10.94 9.32
CA ASP A 445 -51.13 -11.50 8.35
C ASP A 445 -51.41 -10.52 7.21
N LYS A 446 -50.74 -9.37 7.14
CA LYS A 446 -51.13 -8.29 6.21
C LYS A 446 -50.49 -8.47 4.81
N ALA A 447 -49.45 -9.30 4.69
CA ALA A 447 -48.74 -9.51 3.41
C ALA A 447 -48.37 -10.98 3.29
N THR A 448 -48.34 -11.50 2.05
CA THR A 448 -47.82 -12.83 1.75
C THR A 448 -46.29 -12.73 1.58
N ILE A 449 -45.56 -13.56 2.30
CA ILE A 449 -44.12 -13.64 2.17
C ILE A 449 -43.75 -14.91 1.40
N ASN A 450 -43.03 -14.75 0.28
CA ASN A 450 -42.57 -15.85 -0.57
C ASN A 450 -41.03 -16.01 -0.45
N TYR A 451 -40.58 -16.95 0.37
CA TYR A 451 -39.17 -17.11 0.71
C TYR A 451 -38.49 -18.10 -0.24
N ALA A 452 -37.31 -17.74 -0.77
CA ALA A 452 -36.48 -18.74 -1.45
C ALA A 452 -35.00 -18.46 -1.14
N GLN A 453 -34.24 -19.52 -0.78
CA GLN A 453 -32.82 -19.35 -0.46
C GLN A 453 -32.07 -18.76 -1.66
N GLY A 454 -32.35 -19.25 -2.87
CA GLY A 454 -31.71 -18.69 -4.06
C GLY A 454 -30.37 -19.35 -4.38
N CYS A 455 -29.43 -19.29 -3.44
CA CYS A 455 -28.13 -19.88 -3.60
C CYS A 455 -27.52 -20.07 -2.22
N GLU A 456 -26.54 -20.95 -2.16
CA GLU A 456 -25.65 -21.06 -1.00
C GLU A 456 -24.54 -20.01 -1.15
N ARG A 457 -24.17 -19.32 -0.06
CA ARG A 457 -23.17 -18.24 -0.14
C ARG A 457 -21.83 -18.78 -0.65
N TRP A 458 -21.53 -20.06 -0.37
CA TRP A 458 -20.21 -20.57 -0.59
C TRP A 458 -20.11 -21.40 -1.88
N SER A 459 -21.09 -21.26 -2.77
CA SER A 459 -21.12 -22.10 -3.98
C SER A 459 -21.62 -21.31 -5.19
N ASN A 460 -21.05 -21.65 -6.34
CA ASN A 460 -21.44 -21.06 -7.63
C ASN A 460 -22.69 -21.75 -8.21
N ASP A 461 -23.18 -22.78 -7.53
CA ASP A 461 -24.32 -23.59 -8.03
C ASP A 461 -25.59 -22.70 -8.16
N GLN A 462 -26.26 -22.79 -9.32
CA GLN A 462 -27.46 -21.99 -9.63
C GLN A 462 -28.76 -22.82 -9.62
N SER A 463 -28.74 -24.05 -9.07
CA SER A 463 -29.90 -24.96 -8.82
C SER A 463 -31.10 -24.24 -8.20
N GLY A 464 -30.81 -23.32 -7.26
CA GLY A 464 -31.84 -22.64 -6.49
C GLY A 464 -32.45 -21.45 -7.20
N PHE A 465 -31.92 -21.05 -8.37
CA PHE A 465 -32.39 -19.79 -8.96
C PHE A 465 -33.86 -19.87 -9.35
N ALA A 466 -34.27 -20.99 -9.95
CA ALA A 466 -35.65 -21.16 -10.50
C ALA A 466 -36.70 -20.87 -9.42
N GLU A 467 -36.50 -21.44 -8.23
CA GLU A 467 -37.41 -21.28 -7.13
C GLU A 467 -37.45 -19.81 -6.69
N ALA A 468 -36.29 -19.13 -6.68
CA ALA A 468 -36.20 -17.69 -6.31
C ALA A 468 -36.85 -16.81 -7.38
N VAL A 469 -36.61 -17.11 -8.67
CA VAL A 469 -37.23 -16.38 -9.81
C VAL A 469 -38.76 -16.50 -9.70
N GLU A 470 -39.21 -17.72 -9.43
CA GLU A 470 -40.64 -17.95 -9.29
C GLU A 470 -41.19 -17.09 -8.14
N ALA A 471 -40.54 -17.13 -6.96
CA ALA A 471 -40.97 -16.33 -5.78
C ALA A 471 -41.07 -14.84 -6.13
N ALA A 472 -40.05 -14.30 -6.82
CA ALA A 472 -40.09 -12.90 -7.19
C ALA A 472 -41.30 -12.64 -8.09
N LYS A 473 -41.42 -13.47 -9.15
CA LYS A 473 -42.35 -13.20 -10.26
C LYS A 473 -43.80 -13.19 -9.75
N LYS A 474 -44.06 -13.85 -8.63
CA LYS A 474 -45.41 -13.85 -8.12
C LYS A 474 -45.57 -12.88 -6.94
N SER A 475 -44.63 -11.94 -6.78
CA SER A 475 -44.67 -11.00 -5.65
C SER A 475 -44.68 -9.56 -6.17
N ASP A 476 -45.02 -8.58 -5.32
CA ASP A 476 -45.05 -7.16 -5.76
C ASP A 476 -43.65 -6.53 -5.69
N VAL A 477 -42.80 -7.05 -4.80
CA VAL A 477 -41.46 -6.54 -4.57
C VAL A 477 -40.60 -7.71 -4.08
N ALA A 478 -39.29 -7.64 -4.33
CA ALA A 478 -38.38 -8.63 -3.89
C ALA A 478 -37.30 -7.98 -3.01
N VAL A 479 -36.99 -8.64 -1.89
CA VAL A 479 -35.87 -8.31 -0.98
C VAL A 479 -34.82 -9.42 -1.11
N VAL A 480 -33.64 -9.09 -1.63
CA VAL A 480 -32.54 -10.07 -1.77
C VAL A 480 -31.40 -9.71 -0.79
N VAL A 481 -31.05 -10.67 0.08
CA VAL A 481 -30.08 -10.50 1.16
C VAL A 481 -28.87 -11.39 0.90
N VAL A 482 -27.76 -10.76 0.54
CA VAL A 482 -26.49 -11.42 0.18
C VAL A 482 -25.35 -10.72 0.98
N GLY A 483 -24.14 -11.25 0.96
CA GLY A 483 -23.00 -10.48 1.37
C GLY A 483 -21.79 -11.33 1.66
N THR A 484 -21.18 -11.07 2.83
CA THR A 484 -20.02 -11.80 3.30
C THR A 484 -20.43 -12.56 4.57
N TRP A 485 -19.56 -13.45 5.05
CA TRP A 485 -19.84 -14.24 6.26
C TRP A 485 -18.53 -14.48 7.00
N SER A 486 -18.65 -14.69 8.31
CA SER A 486 -17.52 -15.01 9.12
C SER A 486 -17.85 -16.28 9.88
N ARG A 487 -17.13 -16.53 10.97
CA ARG A 487 -17.31 -17.73 11.82
C ARG A 487 -17.05 -17.42 13.29
N ASP A 488 -17.69 -18.20 14.17
CA ASP A 488 -17.52 -18.12 15.61
C ASP A 488 -16.09 -18.56 15.99
N GLN A 489 -15.73 -18.44 17.26
CA GLN A 489 -14.34 -18.57 17.67
C GLN A 489 -13.86 -20.03 17.49
N LYS A 490 -14.78 -21.01 17.49
CA LYS A 490 -14.40 -22.40 17.29
C LYS A 490 -14.27 -22.69 15.79
N GLU A 491 -15.32 -22.37 15.02
CA GLU A 491 -15.39 -22.71 13.59
C GLU A 491 -14.34 -21.90 12.79
N LEU A 492 -14.08 -20.64 13.19
CA LEU A 492 -13.06 -19.82 12.50
C LEU A 492 -11.69 -20.52 12.54
N TRP A 493 -11.33 -21.08 13.69
CA TRP A 493 -9.99 -21.63 13.91
C TRP A 493 -9.97 -23.13 13.59
N ALA A 494 -11.11 -23.70 13.22
CA ALA A 494 -11.15 -25.05 12.74
C ALA A 494 -11.03 -25.02 11.23
N GLY A 495 -11.06 -23.82 10.62
CA GLY A 495 -10.87 -23.67 9.16
C GLY A 495 -12.14 -23.74 8.31
N LEU A 496 -13.33 -23.63 8.89
CA LEU A 496 -14.55 -23.60 8.05
C LEU A 496 -14.55 -22.33 7.19
N ASN A 497 -15.21 -22.40 6.03
CA ASN A 497 -15.10 -21.36 5.03
C ASN A 497 -15.70 -20.04 5.51
N ALA A 498 -15.07 -18.96 5.04
CA ALA A 498 -15.38 -17.58 5.46
C ALA A 498 -14.87 -16.60 4.40
N THR A 499 -15.45 -15.41 4.40
CA THR A 499 -14.99 -14.32 3.58
C THR A 499 -14.53 -13.11 4.43
N THR A 500 -14.78 -13.12 5.75
CA THR A 500 -14.19 -12.13 6.66
C THR A 500 -13.93 -12.81 7.99
N GLY A 501 -13.16 -12.09 8.82
CA GLY A 501 -12.83 -12.46 10.18
C GLY A 501 -11.33 -12.50 10.40
N GLU A 502 -10.91 -12.59 11.67
CA GLU A 502 -9.50 -12.74 11.98
C GLU A 502 -8.92 -13.95 11.22
N HIS A 503 -7.82 -13.70 10.47
CA HIS A 503 -7.07 -14.70 9.62
C HIS A 503 -7.85 -15.13 8.39
N VAL A 504 -8.86 -14.35 7.99
CA VAL A 504 -9.60 -14.57 6.71
C VAL A 504 -9.53 -13.29 5.89
N ASP A 505 -8.57 -13.25 4.96
CA ASP A 505 -8.26 -12.05 4.19
C ASP A 505 -8.65 -12.30 2.74
N VAL A 506 -8.94 -11.24 1.97
CA VAL A 506 -9.51 -11.41 0.65
C VAL A 506 -8.76 -10.56 -0.37
N ASN A 507 -8.74 -11.04 -1.62
CA ASN A 507 -8.06 -10.38 -2.73
C ASN A 507 -9.08 -9.81 -3.73
N SER A 508 -10.35 -9.80 -3.29
CA SER A 508 -11.49 -9.36 -4.05
C SER A 508 -12.59 -8.92 -3.07
N LEU A 509 -13.27 -7.82 -3.41
CA LEU A 509 -14.39 -7.36 -2.60
C LEU A 509 -15.74 -7.57 -3.31
N SER A 510 -15.74 -8.29 -4.44
CA SER A 510 -16.99 -8.62 -5.16
C SER A 510 -17.75 -9.74 -4.46
N LEU A 511 -19.08 -9.76 -4.66
CA LEU A 511 -19.89 -10.79 -4.10
C LEU A 511 -19.35 -12.15 -4.54
N VAL A 512 -19.24 -13.08 -3.60
CA VAL A 512 -18.66 -14.35 -3.82
C VAL A 512 -19.75 -15.32 -4.31
N GLY A 513 -19.32 -16.26 -5.15
CA GLY A 513 -20.16 -17.39 -5.57
C GLY A 513 -21.31 -16.95 -6.48
N ALA A 514 -22.50 -17.50 -6.23
CA ALA A 514 -23.64 -17.23 -7.14
C ALA A 514 -24.45 -15.99 -6.75
N GLN A 515 -23.98 -15.20 -5.80
CA GLN A 515 -24.80 -14.15 -5.19
C GLN A 515 -25.11 -13.00 -6.17
N ALA A 516 -24.09 -12.52 -6.90
CA ALA A 516 -24.30 -11.50 -7.93
C ALA A 516 -25.21 -12.05 -9.03
N PRO A 517 -24.92 -13.22 -9.61
CA PRO A 517 -25.83 -13.76 -10.62
C PRO A 517 -27.27 -13.97 -10.09
N LEU A 518 -27.42 -14.30 -8.80
CA LEU A 518 -28.77 -14.41 -8.18
C LEU A 518 -29.51 -13.06 -8.25
N ILE A 519 -28.83 -11.98 -7.89
CA ILE A 519 -29.44 -10.65 -7.93
C ILE A 519 -29.90 -10.35 -9.36
N LYS A 520 -29.01 -10.53 -10.32
CA LYS A 520 -29.31 -10.28 -11.73
C LYS A 520 -30.58 -11.04 -12.17
N ALA A 521 -30.74 -12.31 -11.78
CA ALA A 521 -31.86 -13.15 -12.19
C ALA A 521 -33.18 -12.59 -11.64
N ILE A 522 -33.12 -12.02 -10.43
CA ILE A 522 -34.29 -11.43 -9.80
C ILE A 522 -34.58 -10.07 -10.47
N ILE A 523 -33.57 -9.24 -10.64
CA ILE A 523 -33.83 -7.95 -11.24
C ILE A 523 -34.48 -8.16 -12.61
N ASP A 524 -34.00 -9.16 -13.35
CA ASP A 524 -34.41 -9.43 -14.76
C ASP A 524 -35.87 -9.88 -14.81
N THR A 525 -36.49 -10.23 -13.69
CA THR A 525 -37.95 -10.50 -13.68
C THR A 525 -38.77 -9.21 -13.83
N GLY A 526 -38.12 -8.05 -13.70
CA GLY A 526 -38.80 -6.75 -13.70
C GLY A 526 -39.47 -6.44 -12.37
N VAL A 527 -39.51 -7.35 -11.42
CA VAL A 527 -40.09 -6.97 -10.13
C VAL A 527 -39.15 -6.01 -9.40
N PRO A 528 -39.64 -4.94 -8.70
CA PRO A 528 -38.73 -4.02 -8.00
C PRO A 528 -37.91 -4.79 -6.94
N THR A 529 -36.59 -4.67 -7.02
CA THR A 529 -35.71 -5.49 -6.24
C THR A 529 -34.95 -4.55 -5.28
N VAL A 530 -35.08 -4.84 -4.00
CA VAL A 530 -34.29 -4.20 -2.94
C VAL A 530 -33.17 -5.15 -2.51
N VAL A 531 -31.92 -4.68 -2.50
CA VAL A 531 -30.84 -5.54 -2.15
C VAL A 531 -30.34 -5.11 -0.78
N VAL A 532 -30.25 -6.07 0.14
CA VAL A 532 -29.63 -5.81 1.40
C VAL A 532 -28.24 -6.47 1.38
N LEU A 533 -27.21 -5.66 1.61
CA LEU A 533 -25.85 -6.19 1.86
C LEU A 533 -25.66 -6.48 3.35
N SER A 534 -25.39 -7.75 3.66
CA SER A 534 -25.22 -8.22 5.02
C SER A 534 -23.76 -8.65 5.14
N SER A 535 -22.90 -7.86 5.79
CA SER A 535 -21.47 -8.05 5.55
C SER A 535 -20.59 -7.43 6.64
N GLY A 536 -19.27 -7.64 6.56
CA GLY A 536 -18.32 -7.11 7.59
C GLY A 536 -17.33 -6.10 7.03
N LYS A 537 -17.52 -5.70 5.77
CA LYS A 537 -16.66 -4.72 5.07
C LYS A 537 -17.31 -4.29 3.77
N PRO A 538 -16.71 -3.34 3.04
CA PRO A 538 -17.25 -3.00 1.75
C PRO A 538 -17.28 -4.15 0.74
N ILE A 539 -18.34 -4.13 -0.05
CA ILE A 539 -18.56 -5.01 -1.18
C ILE A 539 -18.56 -4.15 -2.45
N THR A 540 -17.87 -4.62 -3.49
CA THR A 540 -17.71 -3.86 -4.73
C THR A 540 -18.64 -4.40 -5.83
N GLU A 541 -19.79 -3.75 -6.00
CA GLU A 541 -20.78 -4.13 -7.02
C GLU A 541 -21.47 -2.87 -7.53
N PRO A 542 -20.75 -1.92 -8.20
CA PRO A 542 -21.30 -0.61 -8.58
C PRO A 542 -22.59 -0.66 -9.41
N TRP A 543 -22.73 -1.71 -10.23
CA TRP A 543 -23.96 -1.92 -11.05
C TRP A 543 -25.25 -1.95 -10.19
N LEU A 544 -25.14 -2.27 -8.90
CA LEU A 544 -26.36 -2.31 -8.06
C LEU A 544 -26.97 -0.91 -7.88
N SER A 545 -26.19 0.17 -7.95
CA SER A 545 -26.69 1.46 -7.45
C SER A 545 -27.94 1.87 -8.24
N ASN A 546 -27.90 1.67 -9.56
CA ASN A 546 -28.94 2.11 -10.41
C ASN A 546 -29.63 0.96 -11.15
N ASN A 547 -29.35 -0.30 -10.83
CA ASN A 547 -30.10 -1.37 -11.46
C ASN A 547 -31.02 -2.04 -10.45
N THR A 548 -31.05 -1.58 -9.21
CA THR A 548 -31.95 -2.11 -8.22
C THR A 548 -32.95 -1.00 -7.85
N ALA A 549 -34.03 -1.33 -7.15
CA ALA A 549 -34.98 -0.31 -6.70
C ALA A 549 -34.41 0.43 -5.46
N ALA A 550 -33.68 -0.30 -4.61
CA ALA A 550 -33.06 0.30 -3.42
C ALA A 550 -31.91 -0.59 -2.96
N LEU A 551 -31.00 0.00 -2.18
CA LEU A 551 -29.79 -0.71 -1.76
C LEU A 551 -29.56 -0.33 -0.31
N VAL A 552 -29.46 -1.36 0.56
CA VAL A 552 -29.33 -1.22 1.99
C VAL A 552 -28.10 -1.99 2.46
N GLN A 553 -27.32 -1.38 3.35
CA GLN A 553 -26.14 -1.96 3.99
C GLN A 553 -26.46 -2.15 5.47
N GLN A 554 -26.39 -3.40 5.92
CA GLN A 554 -26.43 -3.75 7.30
C GLN A 554 -25.15 -4.54 7.59
N PHE A 555 -24.15 -3.88 8.20
CA PHE A 555 -22.97 -4.59 8.63
C PHE A 555 -23.41 -5.63 9.66
N TYR A 556 -22.55 -6.61 9.95
CA TYR A 556 -22.98 -7.84 10.61
C TYR A 556 -23.92 -7.54 11.78
N PRO A 557 -25.11 -8.17 11.78
CA PRO A 557 -26.18 -7.77 12.69
C PRO A 557 -25.94 -8.17 14.14
N SER A 558 -26.77 -7.58 14.99
CA SER A 558 -27.02 -8.06 16.31
C SER A 558 -27.91 -9.31 16.28
N GLU A 559 -28.17 -9.89 17.46
CA GLU A 559 -29.14 -10.98 17.59
C GLU A 559 -30.56 -10.52 17.27
N GLN A 560 -30.77 -9.19 17.15
CA GLN A 560 -32.03 -8.59 16.76
C GLN A 560 -32.00 -8.11 15.28
N GLY A 561 -31.04 -8.61 14.48
CA GLY A 561 -30.74 -7.99 13.21
C GLY A 561 -31.93 -7.89 12.28
N GLY A 562 -32.70 -8.98 12.23
CA GLY A 562 -33.82 -9.05 11.29
C GLY A 562 -34.90 -8.08 11.67
N ASN A 563 -35.11 -7.89 13.00
CA ASN A 563 -36.07 -6.89 13.49
C ASN A 563 -35.57 -5.47 13.16
N ALA A 564 -34.30 -5.18 13.49
CA ALA A 564 -33.71 -3.91 13.11
C ALA A 564 -33.92 -3.64 11.61
N LEU A 565 -33.58 -4.63 10.76
CA LEU A 565 -33.66 -4.48 9.36
C LEU A 565 -35.13 -4.19 8.92
N ALA A 566 -36.08 -4.93 9.47
CA ALA A 566 -37.49 -4.76 9.04
C ALA A 566 -38.04 -3.42 9.56
N ASP A 567 -37.50 -2.93 10.70
CA ASP A 567 -37.84 -1.61 11.24
C ASP A 567 -37.50 -0.53 10.20
N VAL A 568 -36.37 -0.69 9.50
CA VAL A 568 -36.00 0.22 8.42
C VAL A 568 -36.81 -0.08 7.14
N LEU A 569 -36.87 -1.34 6.73
CA LEU A 569 -37.51 -1.70 5.44
C LEU A 569 -38.96 -1.18 5.36
N PHE A 570 -39.72 -1.33 6.45
CA PHE A 570 -41.14 -0.97 6.47
C PHE A 570 -41.37 0.42 7.08
N GLY A 571 -40.29 1.10 7.47
CA GLY A 571 -40.36 2.52 7.75
C GLY A 571 -40.80 2.86 9.15
N ASP A 572 -40.87 1.90 10.07
CA ASP A 572 -41.06 2.21 11.45
C ASP A 572 -39.89 3.07 11.95
N TYR A 573 -38.70 2.85 11.36
CA TYR A 573 -37.53 3.67 11.63
C TYR A 573 -37.00 4.23 10.31
N ASN A 574 -36.76 5.55 10.31
CA ASN A 574 -36.26 6.26 9.14
C ASN A 574 -34.73 6.15 9.17
N PRO A 575 -34.14 5.41 8.23
CA PRO A 575 -32.72 5.07 8.31
C PRO A 575 -31.80 6.29 8.49
N SER A 576 -30.78 6.11 9.35
CA SER A 576 -29.97 7.23 9.84
C SER A 576 -28.48 6.92 9.81
N GLY A 577 -28.07 5.72 9.40
CA GLY A 577 -26.67 5.32 9.40
C GLY A 577 -25.88 6.12 8.40
N LYS A 578 -24.59 6.36 8.73
CA LYS A 578 -23.63 6.92 7.81
C LYS A 578 -22.40 6.01 7.76
N LEU A 579 -21.77 5.91 6.59
CA LEU A 579 -20.72 4.91 6.42
C LEU A 579 -19.53 5.27 7.31
N SER A 580 -19.03 4.29 8.07
CA SER A 580 -17.81 4.44 8.91
C SER A 580 -16.53 4.14 8.10
N VAL A 581 -16.70 3.75 6.84
CA VAL A 581 -15.67 3.22 5.98
C VAL A 581 -16.09 3.47 4.52
N SER A 582 -15.12 3.93 3.71
CA SER A 582 -15.37 4.25 2.31
C SER A 582 -15.46 2.94 1.47
N PHE A 583 -16.37 2.95 0.50
CA PHE A 583 -16.61 1.82 -0.46
C PHE A 583 -15.94 2.10 -1.79
N PRO A 584 -14.95 1.28 -2.21
CA PRO A 584 -14.28 1.52 -3.49
C PRO A 584 -15.12 0.91 -4.64
N HIS A 585 -14.76 1.22 -5.88
CA HIS A 585 -15.41 0.59 -7.02
C HIS A 585 -14.86 -0.84 -7.20
N SER A 586 -13.61 -1.06 -6.83
CA SER A 586 -12.93 -2.30 -7.14
C SER A 586 -11.79 -2.52 -6.16
N VAL A 587 -11.43 -3.79 -5.89
CA VAL A 587 -10.28 -4.09 -5.04
C VAL A 587 -9.01 -3.46 -5.68
N GLY A 588 -9.06 -3.22 -7.00
CA GLY A 588 -7.94 -2.65 -7.71
C GLY A 588 -7.67 -1.20 -7.37
N ASP A 589 -8.60 -0.56 -6.65
CA ASP A 589 -8.61 0.88 -6.46
C ASP A 589 -8.09 1.25 -5.07
N LEU A 590 -7.63 0.28 -4.28
CA LEU A 590 -7.29 0.55 -2.84
C LEU A 590 -5.93 1.25 -2.73
N PRO A 591 -5.70 1.99 -1.64
CA PRO A 591 -6.68 2.23 -0.60
C PRO A 591 -7.69 3.34 -0.93
N ILE A 592 -8.70 3.57 -0.08
CA ILE A 592 -9.84 4.40 -0.47
C ILE A 592 -10.29 5.33 0.68
N TYR A 593 -9.49 5.45 1.73
CA TYR A 593 -9.88 6.27 2.86
C TYR A 593 -10.07 7.73 2.40
N TYR A 594 -11.09 8.39 2.97
CA TYR A 594 -11.52 9.77 2.63
C TYR A 594 -10.44 10.83 3.02
N ASP A 595 -9.55 10.52 3.98
CA ASP A 595 -8.60 11.51 4.63
C ASP A 595 -7.22 11.53 3.95
N TYR A 596 -7.17 11.13 2.69
CA TYR A 596 -5.93 11.03 1.89
C TYR A 596 -5.17 12.36 1.88
N LEU A 597 -3.83 12.31 1.95
CA LEU A 597 -3.02 13.56 1.96
C LEU A 597 -3.31 14.33 0.67
N ASN A 598 -3.29 15.66 0.77
CA ASN A 598 -3.21 16.50 -0.44
C ASN A 598 -2.18 15.92 -1.41
N SER A 599 -2.57 15.88 -2.71
CA SER A 599 -1.83 15.38 -3.91
C SER A 599 -2.26 13.96 -4.27
N ALA A 600 -3.03 13.32 -3.36
CA ALA A 600 -3.56 12.00 -3.65
C ALA A 600 -4.94 12.12 -4.34
N ARG A 601 -5.37 11.04 -5.01
CA ARG A 601 -6.78 10.64 -5.26
C ARG A 601 -7.39 11.37 -6.46
N GLU A 602 -7.36 12.69 -6.44
CA GLU A 602 -7.96 13.50 -7.46
C GLU A 602 -6.86 14.03 -8.37
N ILE A 603 -6.56 13.29 -9.40
CA ILE A 603 -5.42 13.59 -10.18
C ILE A 603 -5.81 13.80 -11.64
N GLY A 604 -6.54 12.89 -12.26
CA GLY A 604 -6.77 13.07 -13.72
C GLY A 604 -8.16 12.65 -14.05
N ASP A 605 -8.36 12.02 -15.19
CA ASP A 605 -9.67 11.56 -15.57
C ASP A 605 -9.71 10.03 -15.47
N ALA A 606 -10.90 9.57 -15.05
CA ALA A 606 -11.23 8.22 -14.89
C ALA A 606 -11.79 7.66 -16.20
N GLY A 607 -11.39 6.44 -16.53
CA GLY A 607 -12.04 5.72 -17.60
C GLY A 607 -13.22 4.94 -17.06
N TYR A 608 -13.82 4.13 -17.96
CA TYR A 608 -15.09 3.49 -17.69
C TYR A 608 -15.26 2.26 -18.59
N ILE A 609 -15.80 1.18 -18.04
CA ILE A 609 -16.21 0.03 -18.85
C ILE A 609 -17.75 -0.02 -18.87
N TYR A 610 -18.36 0.17 -20.05
CA TYR A 610 -19.84 0.12 -20.11
C TYR A 610 -20.30 -1.32 -20.19
N SER A 611 -21.52 -1.57 -19.73
CA SER A 611 -21.98 -2.95 -19.66
C SER A 611 -22.20 -3.49 -21.08
N ASN A 612 -22.39 -2.64 -22.08
CA ASN A 612 -22.51 -3.14 -23.46
C ASN A 612 -21.16 -3.42 -24.14
N GLY A 613 -20.02 -3.31 -23.42
CA GLY A 613 -18.72 -3.71 -23.99
C GLY A 613 -17.83 -2.53 -24.35
N THR A 614 -18.41 -1.34 -24.53
CA THR A 614 -17.64 -0.15 -24.95
C THR A 614 -16.60 0.21 -23.86
N LEU A 615 -15.35 0.46 -24.25
CA LEU A 615 -14.32 0.93 -23.33
C LEU A 615 -14.11 2.44 -23.55
N GLU A 616 -14.20 3.20 -22.47
CA GLU A 616 -13.82 4.61 -22.50
C GLU A 616 -12.51 4.78 -21.75
N PHE A 617 -11.43 5.08 -22.46
CA PHE A 617 -10.11 5.05 -21.85
C PHE A 617 -9.88 6.39 -21.14
N GLY A 618 -9.42 6.32 -19.89
CA GLY A 618 -9.00 7.44 -19.10
C GLY A 618 -7.54 7.32 -18.73
N HIS A 619 -7.16 7.97 -17.62
CA HIS A 619 -5.75 8.03 -17.17
C HIS A 619 -5.59 7.54 -15.73
N GLN A 620 -6.42 8.06 -14.83
CA GLN A 620 -6.45 7.60 -13.43
C GLN A 620 -7.87 7.08 -13.18
N TYR A 621 -8.18 5.84 -13.54
CA TYR A 621 -7.33 4.87 -14.21
C TYR A 621 -7.75 4.74 -15.68
N ALA A 622 -6.91 4.05 -16.47
CA ALA A 622 -7.24 3.73 -17.90
C ALA A 622 -8.69 3.27 -18.04
N LEU A 623 -9.14 2.33 -17.21
CA LEU A 623 -10.50 1.77 -17.32
C LEU A 623 -11.12 1.59 -15.93
N GLY A 624 -10.93 2.55 -15.03
CA GLY A 624 -11.57 2.48 -13.73
C GLY A 624 -11.44 3.83 -13.04
N ASN A 625 -11.89 3.90 -11.81
CA ASN A 625 -12.14 5.17 -11.10
C ASN A 625 -11.61 5.07 -9.68
N PRO A 626 -10.59 5.87 -9.29
CA PRO A 626 -10.08 5.83 -7.92
C PRO A 626 -10.93 6.54 -6.88
N LYS A 627 -11.97 7.24 -7.30
CA LYS A 627 -12.92 7.91 -6.42
C LYS A 627 -13.83 6.84 -5.78
N ALA A 628 -14.23 7.12 -4.54
CA ALA A 628 -15.00 6.18 -3.76
C ALA A 628 -16.33 5.97 -4.45
N TRP A 629 -16.82 4.74 -4.51
CA TRP A 629 -18.21 4.45 -4.94
C TRP A 629 -19.22 5.12 -4.01
N TYR A 630 -19.01 4.89 -2.72
CA TYR A 630 -19.67 5.64 -1.65
C TYR A 630 -18.61 6.14 -0.68
N PRO A 631 -18.62 7.44 -0.33
CA PRO A 631 -17.63 7.95 0.62
C PRO A 631 -17.93 7.74 2.12
N PHE A 632 -16.87 7.77 2.94
CA PHE A 632 -16.99 7.96 4.38
C PHE A 632 -18.09 9.00 4.71
N GLY A 633 -19.04 8.65 5.58
CA GLY A 633 -20.04 9.59 6.10
C GLY A 633 -21.32 9.62 5.27
N TYR A 634 -21.38 8.77 4.25
CA TYR A 634 -22.49 8.72 3.32
C TYR A 634 -23.64 7.94 3.95
N GLY A 635 -24.84 8.50 3.84
CA GLY A 635 -26.03 7.71 4.16
C GLY A 635 -27.26 8.52 3.90
N LYS A 636 -28.25 7.91 3.23
CA LYS A 636 -29.47 8.60 2.81
C LYS A 636 -30.52 8.46 3.90
N SER A 637 -31.64 9.18 3.70
CA SER A 637 -32.79 9.11 4.59
C SER A 637 -34.04 8.99 3.69
N TYR A 638 -35.17 8.58 4.25
CA TYR A 638 -36.48 8.71 3.58
C TYR A 638 -36.84 10.19 3.49
N SER A 639 -36.24 11.01 4.36
CA SER A 639 -36.48 12.43 4.49
C SER A 639 -35.33 13.21 3.84
N SER A 640 -35.62 14.40 3.30
CA SER A 640 -34.64 15.33 2.80
C SER A 640 -34.31 16.40 3.86
N PHE A 641 -33.04 16.80 3.92
CA PHE A 641 -32.57 17.84 4.85
C PHE A 641 -31.97 19.01 4.08
N GLU A 642 -32.41 20.21 4.44
CA GLU A 642 -31.95 21.46 3.84
C GLU A 642 -31.19 22.23 4.92
N TYR A 643 -29.89 22.42 4.68
CA TYR A 643 -29.05 23.12 5.62
C TYR A 643 -29.09 24.63 5.32
N GLY A 644 -29.10 25.46 6.38
CA GLY A 644 -28.94 26.89 6.22
C GLY A 644 -27.47 27.30 6.15
N ALA A 645 -27.24 28.60 6.35
CA ALA A 645 -25.89 29.16 6.31
C ALA A 645 -25.13 28.65 7.53
N VAL A 646 -23.87 28.31 7.30
CA VAL A 646 -22.99 27.92 8.35
C VAL A 646 -22.50 29.18 9.04
N LYS A 647 -22.49 29.18 10.37
CA LYS A 647 -21.96 30.29 11.18
C LYS A 647 -20.91 29.77 12.14
N LEU A 648 -19.85 30.56 12.35
CA LEU A 648 -18.91 30.35 13.44
C LEU A 648 -19.13 31.42 14.50
N ASP A 649 -18.99 31.06 15.77
CA ASP A 649 -19.15 32.04 16.86
C ASP A 649 -17.94 33.00 16.93
N LYS A 650 -16.76 32.54 16.46
CA LYS A 650 -15.54 33.33 16.44
C LYS A 650 -14.76 33.00 15.16
N THR A 651 -14.11 34.01 14.59
CA THR A 651 -13.43 33.97 13.29
C THR A 651 -11.91 34.16 13.47
N ASN A 652 -11.50 35.00 14.42
CA ASN A 652 -10.08 35.25 14.64
C ASN A 652 -9.77 34.67 16.01
N VAL A 653 -8.96 33.61 16.07
CA VAL A 653 -8.83 32.84 17.26
C VAL A 653 -7.38 32.46 17.51
N THR A 654 -7.19 31.85 18.67
CA THR A 654 -5.95 31.38 19.24
C THR A 654 -6.03 29.85 19.33
N GLU A 655 -4.89 29.21 19.53
CA GLU A 655 -4.79 27.78 19.59
C GLU A 655 -5.47 27.25 20.86
N ALA A 656 -5.75 28.12 21.82
CA ALA A 656 -6.40 27.71 23.05
C ALA A 656 -7.93 27.86 22.95
N ASP A 657 -8.44 28.42 21.87
CA ASP A 657 -9.88 28.69 21.78
C ASP A 657 -10.64 27.43 21.32
N THR A 658 -11.97 27.54 21.42
CA THR A 658 -12.94 26.62 20.79
C THR A 658 -13.84 27.38 19.85
N VAL A 659 -13.91 26.93 18.58
CA VAL A 659 -14.78 27.49 17.57
C VAL A 659 -16.05 26.65 17.52
N THR A 660 -17.20 27.27 17.74
CA THR A 660 -18.49 26.56 17.72
C THR A 660 -19.14 26.79 16.37
N VAL A 661 -19.41 25.69 15.70
CA VAL A 661 -19.97 25.68 14.41
C VAL A 661 -21.48 25.54 14.61
N SER A 662 -22.23 26.38 13.88
CA SER A 662 -23.66 26.40 13.99
C SER A 662 -24.31 26.31 12.62
N VAL A 663 -25.43 25.57 12.54
CA VAL A 663 -26.15 25.49 11.29
C VAL A 663 -27.56 24.98 11.58
N ASP A 664 -28.52 25.55 10.87
CA ASP A 664 -29.91 25.16 10.99
C ASP A 664 -30.19 24.11 9.90
N VAL A 665 -30.81 23.00 10.30
CA VAL A 665 -31.14 21.93 9.37
C VAL A 665 -32.65 21.71 9.42
N LYS A 666 -33.27 21.78 8.24
CA LYS A 666 -34.71 21.62 8.11
C LYS A 666 -35.04 20.24 7.52
N ASN A 667 -35.96 19.53 8.18
CA ASN A 667 -36.53 18.32 7.65
C ASN A 667 -37.66 18.75 6.73
N THR A 668 -37.44 18.72 5.41
CA THR A 668 -38.44 19.19 4.47
C THR A 668 -39.53 18.13 4.24
N ASP A 669 -39.44 16.98 4.90
CA ASP A 669 -40.48 15.96 4.80
C ASP A 669 -41.60 16.33 5.77
N ALA A 670 -42.81 16.52 5.25
CA ALA A 670 -43.92 16.92 6.07
C ALA A 670 -44.60 15.74 6.78
N THR A 671 -44.25 14.50 6.45
CA THR A 671 -45.03 13.36 6.95
C THR A 671 -44.25 12.52 7.97
N ARG A 672 -42.92 12.70 8.09
CA ARG A 672 -42.19 11.86 9.03
C ARG A 672 -40.93 12.54 9.55
N GLU A 673 -40.71 12.27 10.83
CA GLU A 673 -39.50 12.53 11.56
C GLU A 673 -38.32 11.88 10.81
N GLY A 674 -37.15 12.52 10.85
CA GLY A 674 -35.96 11.97 10.20
C GLY A 674 -34.71 12.36 10.96
N THR A 675 -33.71 11.47 10.97
CA THR A 675 -32.48 11.74 11.70
C THR A 675 -31.34 11.99 10.70
N GLU A 676 -30.65 13.12 10.90
CA GLU A 676 -29.50 13.51 10.08
C GLU A 676 -28.26 13.50 10.97
N VAL A 677 -27.13 13.06 10.38
CA VAL A 677 -25.83 13.20 11.02
C VAL A 677 -25.08 14.33 10.32
N VAL A 678 -25.01 15.47 11.00
CA VAL A 678 -24.26 16.61 10.56
C VAL A 678 -22.79 16.37 10.94
N GLN A 679 -21.94 16.49 9.91
CA GLN A 679 -20.53 16.20 9.96
C GLN A 679 -19.74 17.46 9.65
N VAL A 680 -18.70 17.74 10.46
CA VAL A 680 -17.86 18.88 10.26
C VAL A 680 -16.47 18.39 9.87
N TYR A 681 -15.98 18.86 8.73
CA TYR A 681 -14.64 18.53 8.27
C TYR A 681 -13.78 19.79 8.35
N VAL A 682 -12.57 19.64 8.88
CA VAL A 682 -11.63 20.74 8.94
C VAL A 682 -10.61 20.55 7.81
N VAL A 683 -10.26 21.67 7.17
CA VAL A 683 -9.18 21.71 6.18
C VAL A 683 -8.14 22.72 6.67
N ASP A 684 -6.93 22.22 6.93
CA ASP A 684 -5.80 23.14 7.12
C ASP A 684 -5.35 23.57 5.72
N GLU A 685 -5.61 24.85 5.36
CA GLU A 685 -5.58 25.27 3.93
C GLU A 685 -4.15 25.27 3.37
N VAL A 686 -3.20 25.81 4.13
CA VAL A 686 -1.80 25.97 3.74
C VAL A 686 -0.99 25.48 4.94
N ALA A 687 -0.15 24.47 4.72
CA ALA A 687 0.60 23.87 5.81
C ALA A 687 2.11 23.82 5.53
N SER A 688 2.89 23.54 6.57
CA SER A 688 4.37 23.47 6.44
C SER A 688 4.79 22.09 5.89
N VAL A 689 3.98 21.07 6.17
CA VAL A 689 4.13 19.71 5.57
C VAL A 689 2.77 19.30 5.00
N VAL A 690 2.76 18.20 4.24
CA VAL A 690 1.57 17.75 3.52
C VAL A 690 0.69 17.08 4.57
N VAL A 691 -0.60 17.47 4.58
CA VAL A 691 -1.53 17.01 5.55
C VAL A 691 -2.74 16.38 4.83
N PRO A 692 -3.56 15.65 5.61
CA PRO A 692 -4.82 15.10 5.12
C PRO A 692 -5.67 16.24 4.52
N ASN A 693 -6.34 15.90 3.40
CA ASN A 693 -7.07 16.88 2.55
C ASN A 693 -8.20 17.50 3.37
N ARG A 694 -8.83 16.68 4.22
CA ARG A 694 -9.91 17.08 5.08
C ARG A 694 -10.03 16.04 6.20
N LEU A 695 -10.47 16.47 7.38
CA LEU A 695 -10.55 15.52 8.53
C LEU A 695 -11.86 15.77 9.27
N LEU A 696 -12.56 14.67 9.58
CA LEU A 696 -13.71 14.79 10.45
C LEU A 696 -13.21 15.26 11.81
N LYS A 697 -13.78 16.35 12.34
CA LYS A 697 -13.38 16.85 13.63
C LYS A 697 -14.59 17.07 14.55
N GLY A 698 -15.81 16.83 14.08
CA GLY A 698 -16.93 16.81 14.95
C GLY A 698 -18.16 16.41 14.16
N PHE A 699 -19.20 15.98 14.84
CA PHE A 699 -20.45 15.63 14.20
C PHE A 699 -21.56 15.65 15.24
N LYS A 700 -22.81 15.75 14.79
CA LYS A 700 -23.93 15.59 15.69
C LYS A 700 -25.08 14.89 14.96
N LYS A 701 -25.55 13.82 15.54
CA LYS A 701 -26.75 13.09 15.10
C LYS A 701 -27.99 13.68 15.77
N VAL A 702 -28.92 14.25 14.99
CA VAL A 702 -30.08 14.94 15.52
C VAL A 702 -31.37 14.38 14.88
N VAL A 703 -32.39 14.24 15.72
CA VAL A 703 -33.72 13.86 15.31
C VAL A 703 -34.55 15.12 15.03
N ILE A 704 -35.06 15.27 13.80
CA ILE A 704 -35.74 16.48 13.39
C ILE A 704 -37.18 16.14 13.10
N PRO A 705 -38.15 16.68 13.86
CA PRO A 705 -39.55 16.38 13.60
C PRO A 705 -39.88 16.83 12.18
N ALA A 706 -40.90 16.18 11.64
CA ALA A 706 -41.42 16.45 10.34
C ALA A 706 -41.70 17.95 10.15
N GLY A 707 -41.28 18.47 9.00
CA GLY A 707 -41.41 19.88 8.68
C GLY A 707 -40.58 20.86 9.53
N GLN A 708 -39.84 20.40 10.54
CA GLN A 708 -39.19 21.34 11.47
C GLN A 708 -37.75 21.66 11.06
N THR A 709 -37.26 22.73 11.67
CA THR A 709 -35.91 23.19 11.58
C THR A 709 -35.28 23.04 12.96
N LYS A 710 -34.05 22.51 12.99
CA LYS A 710 -33.29 22.29 14.22
C LYS A 710 -31.91 22.96 14.10
N THR A 711 -31.53 23.67 15.15
CA THR A 711 -30.23 24.33 15.29
C THR A 711 -29.24 23.28 15.78
N VAL A 712 -28.17 23.06 15.01
CA VAL A 712 -27.08 22.11 15.35
C VAL A 712 -25.82 22.91 15.69
N GLU A 713 -25.24 22.67 16.87
CA GLU A 713 -24.02 23.31 17.33
C GLU A 713 -22.96 22.23 17.54
N ILE A 714 -21.78 22.42 16.96
CA ILE A 714 -20.70 21.41 17.06
C ILE A 714 -19.43 22.16 17.41
N PRO A 715 -18.77 21.81 18.54
CA PRO A 715 -17.56 22.50 18.99
C PRO A 715 -16.28 21.94 18.33
N LEU A 716 -15.33 22.83 18.00
CA LEU A 716 -14.01 22.47 17.50
C LEU A 716 -12.98 23.05 18.46
N LYS A 717 -12.30 22.18 19.21
CA LYS A 717 -11.16 22.63 20.01
C LYS A 717 -9.97 22.81 19.07
N VAL A 718 -9.49 24.05 18.97
CA VAL A 718 -8.45 24.44 17.98
C VAL A 718 -7.18 23.60 18.22
N GLN A 719 -6.86 23.36 19.49
CA GLN A 719 -5.71 22.57 19.90
C GLN A 719 -5.69 21.18 19.22
N ASP A 720 -6.83 20.73 18.67
CA ASP A 720 -6.90 19.35 18.13
C ASP A 720 -6.76 19.35 16.60
N LEU A 721 -6.52 20.51 16.01
CA LEU A 721 -6.48 20.62 14.49
C LEU A 721 -5.06 20.79 13.97
N GLY A 722 -4.05 20.44 14.77
CA GLY A 722 -2.65 20.68 14.40
C GLY A 722 -2.08 19.59 13.50
N LEU A 723 -0.79 19.71 13.20
CA LEU A 723 -0.07 18.73 12.39
C LEU A 723 1.28 18.43 13.04
N TRP A 724 1.96 17.44 12.47
CA TRP A 724 3.29 17.06 12.90
C TRP A 724 4.31 17.63 11.91
N ASN A 725 5.11 18.60 12.35
CA ASN A 725 5.88 19.41 11.43
C ASN A 725 7.16 18.65 11.08
N VAL A 726 8.05 19.33 10.36
CA VAL A 726 9.23 18.73 9.81
C VAL A 726 10.15 18.25 10.94
N ARG A 727 10.09 18.86 12.13
CA ARG A 727 10.85 18.36 13.30
C ARG A 727 10.02 17.36 14.12
N MET A 728 8.88 16.88 13.59
CA MET A 728 8.06 15.94 14.30
C MET A 728 7.65 16.51 15.68
N LYS A 729 7.24 17.77 15.65
CA LYS A 729 6.59 18.44 16.76
C LYS A 729 5.14 18.74 16.37
N TYR A 730 4.20 18.58 17.32
CA TYR A 730 2.80 18.87 17.07
C TYR A 730 2.60 20.38 17.15
N VAL A 731 2.07 21.02 16.11
CA VAL A 731 1.89 22.50 16.15
C VAL A 731 0.55 22.85 15.51
N VAL A 732 -0.10 23.88 16.04
CA VAL A 732 -1.22 24.47 15.36
C VAL A 732 -0.69 25.75 14.75
N GLU A 733 -0.39 25.68 13.45
CA GLU A 733 0.26 26.77 12.78
C GLU A 733 -0.76 27.87 12.54
N PRO A 734 -0.36 29.15 12.78
CA PRO A 734 -1.20 30.29 12.40
C PRO A 734 -1.62 30.24 10.94
N GLY A 735 -2.86 30.65 10.64
CA GLY A 735 -3.38 30.78 9.31
C GLY A 735 -4.79 30.20 9.25
N ALA A 736 -5.27 29.97 8.03
CA ALA A 736 -6.68 29.70 7.74
C ALA A 736 -6.99 28.22 7.86
N PHE A 737 -8.19 27.98 8.45
CA PHE A 737 -8.79 26.66 8.56
C PHE A 737 -10.22 26.71 7.99
N GLY A 738 -10.44 25.94 6.94
CA GLY A 738 -11.73 25.74 6.37
C GLY A 738 -12.54 24.79 7.23
N VAL A 739 -13.84 25.06 7.26
CA VAL A 739 -14.79 24.25 7.94
C VAL A 739 -15.87 23.88 6.92
N LEU A 740 -15.96 22.59 6.61
CA LEU A 740 -16.91 22.05 5.64
C LEU A 740 -17.98 21.29 6.42
N VAL A 741 -19.23 21.67 6.25
CA VAL A 741 -20.33 21.10 7.01
C VAL A 741 -21.22 20.40 6.01
N GLY A 742 -21.56 19.14 6.26
CA GLY A 742 -22.33 18.37 5.29
C GLY A 742 -22.87 17.05 5.81
N SER A 743 -23.48 16.33 4.86
CA SER A 743 -24.23 15.14 5.06
C SER A 743 -23.36 13.88 4.82
N SER A 744 -22.13 14.08 4.30
CA SER A 744 -21.10 13.05 4.17
C SER A 744 -19.75 13.78 4.03
N SER A 745 -18.67 13.03 3.84
CA SER A 745 -17.37 13.61 3.60
C SER A 745 -17.32 14.29 2.21
N GLU A 746 -18.23 13.93 1.29
CA GLU A 746 -18.26 14.59 -0.04
C GLU A 746 -19.41 15.61 -0.14
N ASP A 747 -20.54 15.31 0.49
CA ASP A 747 -21.77 16.08 0.33
C ASP A 747 -21.73 17.27 1.26
N ILE A 748 -20.97 18.30 0.86
CA ILE A 748 -20.83 19.49 1.68
C ILE A 748 -21.98 20.44 1.36
N ARG A 749 -22.66 20.91 2.40
CA ARG A 749 -23.87 21.78 2.28
C ARG A 749 -23.60 23.23 2.70
N GLY A 750 -22.44 23.51 3.27
CA GLY A 750 -22.08 24.87 3.66
C GLY A 750 -20.68 24.87 4.21
N ASN A 751 -20.08 26.07 4.35
CA ASN A 751 -18.75 26.16 4.79
C ASN A 751 -18.50 27.53 5.43
N ALA A 752 -17.38 27.61 6.17
CA ALA A 752 -16.86 28.87 6.76
C ALA A 752 -15.35 28.73 6.96
N THR A 753 -14.71 29.85 7.33
CA THR A 753 -13.27 29.88 7.55
C THR A 753 -12.96 30.66 8.82
N PHE A 754 -12.09 30.11 9.66
CA PHE A 754 -11.54 30.83 10.83
C PHE A 754 -10.02 30.93 10.70
N TYR A 755 -9.39 31.85 11.45
CA TYR A 755 -7.97 32.16 11.27
C TYR A 755 -7.33 32.07 12.65
N VAL A 756 -6.34 31.18 12.78
CA VAL A 756 -5.59 31.02 14.01
C VAL A 756 -4.44 32.04 13.95
N GLN A 757 -4.25 32.76 15.07
CA GLN A 757 -3.26 33.89 15.20
C GLN A 757 -2.22 33.55 16.26
N LYS B 4 44.33 36.99 -18.13
CA LYS B 4 43.06 36.25 -18.47
C LYS B 4 42.54 35.58 -17.20
N PRO B 5 41.21 35.51 -17.00
CA PRO B 5 40.66 35.04 -15.72
C PRO B 5 41.03 33.57 -15.42
N ARG B 6 41.23 33.25 -14.15
CA ARG B 6 41.66 31.94 -13.72
C ARG B 6 40.62 30.88 -14.08
N TYR B 7 39.34 31.25 -14.12
CA TYR B 7 38.31 30.25 -14.41
C TYR B 7 38.46 29.71 -15.84
N LYS B 8 39.13 30.46 -16.72
CA LYS B 8 39.23 30.06 -18.12
C LYS B 8 40.39 29.07 -18.34
N ASP B 9 41.21 28.83 -17.33
CA ASP B 9 42.52 28.15 -17.45
C ASP B 9 42.37 26.69 -17.03
N PRO B 10 42.53 25.71 -17.95
CA PRO B 10 42.33 24.31 -17.59
C PRO B 10 43.33 23.75 -16.57
N SER B 11 44.46 24.40 -16.38
CA SER B 11 45.43 23.93 -15.39
C SER B 11 45.03 24.33 -13.96
N VAL B 12 44.08 25.25 -13.80
CA VAL B 12 43.68 25.67 -12.44
C VAL B 12 42.77 24.58 -11.85
N PRO B 13 42.90 24.23 -10.56
CA PRO B 13 42.03 23.23 -9.95
C PRO B 13 40.53 23.61 -10.03
N VAL B 14 39.68 22.60 -10.23
CA VAL B 14 38.27 22.84 -10.50
C VAL B 14 37.64 23.73 -9.42
N GLU B 15 37.86 23.45 -8.13
CA GLU B 15 37.25 24.25 -7.08
C GLU B 15 37.67 25.72 -7.15
N GLU B 16 38.90 25.97 -7.62
CA GLU B 16 39.40 27.33 -7.76
C GLU B 16 38.78 27.97 -9.01
N ARG B 17 38.59 27.21 -10.09
CA ARG B 17 37.89 27.73 -11.26
C ARG B 17 36.46 28.16 -10.85
N VAL B 18 35.79 27.33 -10.04
CA VAL B 18 34.42 27.65 -9.62
C VAL B 18 34.44 28.93 -8.78
N THR B 19 35.36 28.97 -7.81
CA THR B 19 35.46 30.17 -6.95
C THR B 19 35.66 31.41 -7.84
N ASP B 20 36.64 31.35 -8.74
CA ASP B 20 37.01 32.52 -9.54
C ASP B 20 35.81 32.99 -10.37
N LEU B 21 35.10 32.04 -11.01
CA LEU B 21 33.95 32.37 -11.86
C LEU B 21 32.81 32.93 -10.99
N LEU B 22 32.51 32.26 -9.88
CA LEU B 22 31.38 32.65 -9.08
C LEU B 22 31.57 34.10 -8.58
N GLY B 23 32.79 34.44 -8.18
CA GLY B 23 33.08 35.76 -7.72
C GLY B 23 32.88 36.87 -8.75
N ARG B 24 32.82 36.55 -10.05
CA ARG B 24 32.62 37.54 -11.12
C ARG B 24 31.13 37.66 -11.50
N MET B 25 30.24 36.86 -10.91
CA MET B 25 28.83 36.82 -11.37
C MET B 25 27.94 37.77 -10.57
N THR B 26 27.08 38.48 -11.29
CA THR B 26 26.00 39.23 -10.67
C THR B 26 24.92 38.25 -10.16
N LEU B 27 24.00 38.77 -9.35
CA LEU B 27 22.98 37.95 -8.77
C LEU B 27 22.01 37.53 -9.90
N GLU B 28 21.86 38.40 -10.90
CA GLU B 28 21.09 38.07 -12.12
C GLU B 28 21.74 36.88 -12.84
N GLU B 29 23.06 36.87 -12.96
CA GLU B 29 23.75 35.81 -13.70
C GLU B 29 23.65 34.49 -12.91
N LYS B 30 23.68 34.60 -11.57
CA LYS B 30 23.56 33.43 -10.69
C LYS B 30 22.18 32.79 -10.84
N MET B 31 21.13 33.62 -10.80
CA MET B 31 19.71 33.22 -10.96
C MET B 31 19.58 32.47 -12.28
N SER B 32 20.20 33.03 -13.33
CA SER B 32 20.10 32.49 -14.67
C SER B 32 20.65 31.06 -14.75
N GLN B 33 21.72 30.76 -14.00
CA GLN B 33 22.23 29.39 -13.95
C GLN B 33 21.22 28.40 -13.33
N LEU B 34 20.34 28.86 -12.42
CA LEU B 34 19.52 27.91 -11.63
C LEU B 34 18.10 27.74 -12.20
N ILE B 35 17.85 28.29 -13.39
CA ILE B 35 16.49 28.25 -13.99
C ILE B 35 16.60 27.70 -15.41
N GLN B 36 15.88 26.60 -15.66
CA GLN B 36 15.97 25.88 -16.96
C GLN B 36 15.26 26.67 -18.07
N GLY B 37 15.99 26.84 -19.20
CA GLY B 37 15.47 27.43 -20.41
C GLY B 37 14.90 26.37 -21.32
N ASP B 38 14.63 26.77 -22.57
CA ASP B 38 13.98 25.90 -23.52
C ASP B 38 14.35 26.37 -24.92
N ILE B 39 14.80 25.46 -25.79
CA ILE B 39 15.22 25.79 -27.15
C ILE B 39 14.11 26.50 -27.93
N THR B 40 12.83 26.23 -27.61
CA THR B 40 11.73 26.88 -28.30
C THR B 40 11.64 28.35 -27.88
N ASN B 41 12.45 28.81 -26.93
CA ASN B 41 12.53 30.26 -26.62
C ASN B 41 13.17 30.96 -27.83
N TRP B 42 13.94 30.27 -28.67
CA TRP B 42 14.46 30.98 -29.88
C TRP B 42 14.24 30.22 -31.18
N MET B 43 13.76 28.99 -31.10
CA MET B 43 13.53 28.19 -32.27
C MET B 43 12.02 27.94 -32.38
N ASN B 44 11.42 28.30 -33.50
CA ASN B 44 10.02 27.97 -33.79
C ASN B 44 9.99 26.47 -34.10
N GLU B 45 9.09 25.75 -33.42
CA GLU B 45 9.10 24.29 -33.45
C GLU B 45 8.68 23.76 -34.82
N THR B 46 7.78 24.50 -35.47
CA THR B 46 7.10 24.03 -36.68
C THR B 46 7.91 24.46 -37.93
N THR B 47 8.55 25.63 -37.90
CA THR B 47 9.25 26.18 -39.08
C THR B 47 10.77 26.12 -38.91
N GLY B 48 11.27 26.09 -37.67
CA GLY B 48 12.71 26.16 -37.45
C GLY B 48 13.26 27.59 -37.46
N GLU B 49 12.41 28.60 -37.61
CA GLU B 49 12.89 29.99 -37.65
C GLU B 49 13.45 30.39 -36.29
N PHE B 50 14.53 31.15 -36.35
CA PHE B 50 15.27 31.60 -35.22
C PHE B 50 14.72 32.94 -34.71
N ASN B 51 14.62 33.11 -33.39
CA ASN B 51 14.16 34.34 -32.82
C ASN B 51 15.26 34.88 -31.87
N LEU B 52 15.98 35.89 -32.38
CA LEU B 52 17.16 36.39 -31.69
C LEU B 52 16.78 36.96 -30.34
N THR B 53 15.70 37.75 -30.32
CA THR B 53 15.26 38.38 -29.11
C THR B 53 15.05 37.29 -28.05
N GLY B 54 14.47 36.17 -28.46
CA GLY B 54 14.10 35.11 -27.52
C GLY B 54 15.34 34.40 -26.98
N LEU B 55 16.39 34.27 -27.79
CA LEU B 55 17.66 33.72 -27.33
C LEU B 55 18.32 34.66 -26.32
N GLU B 56 18.27 35.97 -26.58
CA GLU B 56 18.88 36.94 -25.68
C GLU B 56 18.18 36.85 -24.33
N TRP B 57 16.85 36.81 -24.34
CA TRP B 57 16.12 36.77 -23.10
C TRP B 57 16.37 35.44 -22.37
N SER B 58 16.30 34.29 -23.06
CA SER B 58 16.51 32.99 -22.45
C SER B 58 17.91 32.90 -21.80
N THR B 59 18.92 33.36 -22.55
CA THR B 59 20.24 33.32 -22.06
C THR B 59 20.37 34.18 -20.78
N LYS B 60 19.75 35.36 -20.74
CA LYS B 60 19.93 36.28 -19.61
C LYS B 60 19.20 35.74 -18.37
N MET B 61 18.02 35.17 -18.60
CA MET B 61 17.07 34.85 -17.54
C MET B 61 17.11 33.36 -17.18
N ARG B 62 17.37 32.47 -18.15
CA ARG B 62 17.36 31.03 -17.87
C ARG B 62 18.36 30.29 -18.77
N GLY B 63 19.64 30.61 -18.57
CA GLY B 63 20.67 30.35 -19.51
C GLY B 63 21.63 29.24 -19.11
N GLY B 64 21.49 28.71 -17.89
CA GLY B 64 22.36 27.65 -17.35
C GLY B 64 22.25 26.39 -18.19
N MET B 65 21.00 26.05 -18.53
CA MET B 65 20.71 24.83 -19.24
C MET B 65 19.35 24.93 -19.93
N PHE B 66 19.17 24.18 -21.01
CA PHE B 66 17.87 24.22 -21.68
C PHE B 66 17.52 22.88 -22.33
N TYR B 67 16.21 22.69 -22.48
CA TYR B 67 15.63 21.47 -22.94
C TYR B 67 15.53 21.52 -24.46
N VAL B 68 15.71 20.36 -25.10
CA VAL B 68 15.65 20.27 -26.57
C VAL B 68 14.86 19.05 -27.02
N GLY B 69 14.01 18.50 -26.15
CA GLY B 69 13.23 17.28 -26.45
C GLY B 69 11.97 17.56 -27.27
N TYR B 70 12.15 18.05 -28.51
CA TYR B 70 11.02 18.34 -29.41
C TYR B 70 11.09 17.44 -30.64
N PRO B 71 9.95 16.98 -31.23
CA PRO B 71 10.02 16.04 -32.35
C PRO B 71 10.26 16.80 -33.67
N VAL B 72 11.49 17.26 -33.88
CA VAL B 72 11.79 18.18 -35.01
C VAL B 72 12.92 17.56 -35.83
N PRO B 73 13.24 18.09 -37.03
CA PRO B 73 14.39 17.57 -37.77
C PRO B 73 15.73 17.75 -37.04
N TRP B 74 16.69 16.95 -37.43
CA TRP B 74 17.95 16.97 -36.76
C TRP B 74 18.59 18.36 -36.78
N ASP B 75 18.59 19.00 -37.95
CA ASP B 75 19.23 20.28 -38.12
C ASP B 75 18.50 21.36 -37.31
N TYR B 76 17.23 21.19 -36.95
CA TYR B 76 16.65 22.23 -36.07
C TYR B 76 17.35 22.22 -34.72
N ILE B 77 17.67 21.01 -34.22
CA ILE B 77 18.26 20.89 -32.91
C ILE B 77 19.69 21.40 -32.98
N ALA B 78 20.49 20.83 -33.88
CA ALA B 78 21.89 21.18 -33.98
C ALA B 78 22.12 22.68 -34.27
N ASP B 79 21.39 23.27 -35.23
CA ASP B 79 21.69 24.68 -35.61
C ASP B 79 21.31 25.62 -34.48
N ASN B 80 20.25 25.30 -33.75
CA ASN B 80 19.79 26.21 -32.68
C ASN B 80 20.56 25.99 -31.38
N VAL B 81 21.06 24.78 -31.17
CA VAL B 81 21.97 24.59 -30.07
C VAL B 81 23.26 25.38 -30.36
N LYS B 82 23.76 25.30 -31.60
CA LYS B 82 25.00 26.05 -31.96
C LYS B 82 24.83 27.55 -31.70
N LYS B 83 23.68 28.10 -32.14
CA LYS B 83 23.34 29.53 -31.98
C LYS B 83 23.46 29.93 -30.51
N ALA B 84 22.94 29.06 -29.62
CA ALA B 84 22.91 29.33 -28.22
C ALA B 84 24.31 29.21 -27.61
N GLN B 85 25.13 28.23 -28.01
CA GLN B 85 26.49 28.13 -27.45
C GLN B 85 27.33 29.29 -28.01
N ASP B 86 27.13 29.61 -29.28
CA ASP B 86 27.92 30.72 -29.92
C ASP B 86 27.57 32.06 -29.24
N TYR B 87 26.28 32.26 -28.97
CA TYR B 87 25.84 33.47 -28.31
C TYR B 87 26.47 33.58 -26.92
N ILE B 88 26.55 32.45 -26.21
CA ILE B 88 27.14 32.50 -24.87
C ILE B 88 28.59 32.95 -24.98
N LEU B 89 29.32 32.33 -25.90
CA LEU B 89 30.77 32.52 -26.01
C LEU B 89 31.12 33.94 -26.47
N GLN B 90 30.43 34.41 -27.51
CA GLN B 90 30.75 35.69 -28.18
C GLN B 90 29.97 36.90 -27.63
N ASN B 91 28.81 36.69 -27.00
CA ASN B 91 27.90 37.81 -26.71
C ASN B 91 27.50 37.88 -25.23
N THR B 92 28.15 37.10 -24.35
CA THR B 92 28.07 37.34 -22.90
C THR B 92 29.47 37.65 -22.36
N THR B 93 29.51 38.22 -21.17
CA THR B 93 30.78 38.56 -20.49
C THR B 93 31.53 37.27 -20.10
N LEU B 94 30.82 36.31 -19.51
CA LEU B 94 31.49 35.23 -18.83
C LEU B 94 31.64 33.99 -19.72
N GLY B 95 30.81 33.85 -20.77
CA GLY B 95 30.94 32.67 -21.66
C GLY B 95 30.72 31.34 -20.93
N ILE B 96 29.72 31.29 -20.05
CA ILE B 96 29.42 30.03 -19.27
C ILE B 96 28.65 29.06 -20.14
N PRO B 97 29.27 27.99 -20.68
CA PRO B 97 28.55 27.12 -21.60
C PRO B 97 27.28 26.54 -20.96
N ALA B 98 26.28 26.35 -21.80
CA ALA B 98 25.01 25.79 -21.45
C ALA B 98 25.10 24.26 -21.43
N ILE B 99 24.39 23.67 -20.47
CA ILE B 99 24.06 22.25 -20.48
C ILE B 99 22.83 22.11 -21.39
N VAL B 100 22.79 21.08 -22.25
CA VAL B 100 21.76 20.90 -23.31
C VAL B 100 21.12 19.54 -23.11
N GLN B 101 19.84 19.56 -22.69
CA GLN B 101 19.18 18.43 -22.05
C GLN B 101 18.14 17.76 -22.98
N THR B 102 18.15 16.42 -23.06
CA THR B 102 17.01 15.69 -23.62
C THR B 102 16.82 14.34 -22.92
N GLU B 103 15.88 13.52 -23.43
CA GLU B 103 15.58 12.19 -22.87
C GLU B 103 16.32 11.13 -23.68
N SER B 104 16.63 10.02 -23.01
CA SER B 104 17.43 8.96 -23.55
C SER B 104 16.93 7.63 -23.02
N LEU B 105 15.79 7.61 -22.31
CA LEU B 105 15.42 6.43 -21.48
C LEU B 105 15.82 5.10 -22.16
N HIS B 106 15.23 4.79 -23.32
CA HIS B 106 15.59 3.61 -24.13
C HIS B 106 15.93 4.00 -25.57
N GLY B 107 16.71 5.07 -25.71
CA GLY B 107 17.09 5.66 -26.98
C GLY B 107 17.02 7.17 -26.97
N PHE B 108 17.95 7.80 -27.69
CA PHE B 108 18.00 9.25 -27.89
C PHE B 108 16.63 9.66 -28.44
N LEU B 109 15.99 10.64 -27.77
CA LEU B 109 14.59 11.10 -28.07
C LEU B 109 14.60 12.11 -29.25
N ILE B 110 14.78 11.58 -30.46
CA ILE B 110 14.71 12.33 -31.71
C ILE B 110 14.34 11.31 -32.80
N GLY B 111 13.58 11.79 -33.79
CA GLY B 111 13.08 11.01 -34.87
C GLY B 111 14.22 10.26 -35.54
N ASN B 112 13.96 8.98 -35.83
CA ASN B 112 14.85 8.10 -36.59
C ASN B 112 16.19 7.82 -35.87
N ALA B 113 16.23 7.95 -34.54
CA ALA B 113 17.38 7.46 -33.81
C ALA B 113 17.10 6.02 -33.39
N THR B 114 18.08 5.32 -32.80
CA THR B 114 17.90 3.90 -32.49
C THR B 114 16.97 3.77 -31.29
N ILE B 115 15.91 2.96 -31.43
CA ILE B 115 15.01 2.67 -30.30
C ILE B 115 15.34 1.28 -29.74
N TYR B 116 15.74 1.25 -28.46
CA TYR B 116 16.06 0.04 -27.73
C TYR B 116 14.77 -0.42 -27.05
N ASN B 117 14.80 -1.62 -26.46
CA ASN B 117 13.64 -2.12 -25.83
C ASN B 117 13.46 -1.30 -24.55
N SER B 118 12.29 -1.37 -23.93
CA SER B 118 12.01 -0.53 -22.75
C SER B 118 12.80 -1.01 -21.56
N PRO B 119 13.11 -0.12 -20.59
CA PRO B 119 14.00 -0.51 -19.48
C PRO B 119 13.58 -1.72 -18.62
N ILE B 120 12.27 -1.90 -18.41
CA ILE B 120 11.77 -3.05 -17.58
C ILE B 120 12.17 -4.35 -18.31
N GLY B 121 12.23 -4.28 -19.64
CA GLY B 121 12.68 -5.41 -20.45
C GLY B 121 14.19 -5.59 -20.43
N PHE B 122 14.95 -4.55 -20.77
CA PHE B 122 16.41 -4.74 -20.81
C PHE B 122 16.99 -5.10 -19.42
N ALA B 123 16.30 -4.79 -18.32
CA ALA B 123 16.69 -5.29 -17.01
C ALA B 123 16.65 -6.82 -16.98
N CYS B 124 15.69 -7.42 -17.70
CA CYS B 124 15.54 -8.88 -17.74
C CYS B 124 16.76 -9.57 -18.41
N SER B 125 17.56 -8.80 -19.14
CA SER B 125 18.80 -9.32 -19.73
C SER B 125 19.80 -9.68 -18.63
N PHE B 126 19.68 -9.06 -17.44
CA PHE B 126 20.70 -9.16 -16.37
C PHE B 126 22.10 -9.01 -16.96
N ASN B 127 22.24 -8.10 -17.95
CA ASN B 127 23.48 -7.89 -18.69
C ASN B 127 23.90 -6.43 -18.60
N PRO B 128 24.41 -5.96 -17.44
CA PRO B 128 24.79 -4.56 -17.31
C PRO B 128 25.90 -4.09 -18.27
N GLU B 129 26.83 -4.97 -18.66
CA GLU B 129 27.87 -4.60 -19.63
C GLU B 129 27.26 -4.27 -21.00
N LEU B 130 26.25 -5.04 -21.42
CA LEU B 130 25.60 -4.79 -22.70
C LEU B 130 24.79 -3.50 -22.64
N ILE B 131 24.26 -3.20 -21.46
CA ILE B 131 23.43 -1.98 -21.27
C ILE B 131 24.36 -0.77 -21.29
N GLU B 132 25.57 -0.97 -20.76
CA GLU B 132 26.58 0.05 -20.84
C GLU B 132 26.96 0.28 -22.31
N LYS B 133 27.06 -0.78 -23.12
CA LYS B 133 27.28 -0.56 -24.56
C LYS B 133 26.16 0.30 -25.14
N MET B 134 24.91 -0.06 -24.84
CA MET B 134 23.77 0.70 -25.26
C MET B 134 23.92 2.18 -24.86
N ALA B 135 24.26 2.45 -23.60
CA ALA B 135 24.32 3.85 -23.18
C ALA B 135 25.45 4.58 -23.94
N ARG B 136 26.54 3.87 -24.27
CA ARG B 136 27.61 4.52 -25.04
C ARG B 136 27.09 4.90 -26.42
N LEU B 137 26.28 4.04 -27.07
CA LEU B 137 25.82 4.37 -28.43
C LEU B 137 24.78 5.48 -28.37
N ILE B 138 23.91 5.42 -27.36
CA ILE B 138 22.96 6.50 -27.12
C ILE B 138 23.71 7.83 -27.01
N GLY B 139 24.79 7.90 -26.21
CA GLY B 139 25.53 9.14 -26.05
C GLY B 139 26.14 9.61 -27.37
N GLN B 140 26.62 8.66 -28.19
CA GLN B 140 27.16 8.98 -29.51
C GLN B 140 26.06 9.69 -30.30
N GLU B 141 24.86 9.08 -30.28
CA GLU B 141 23.76 9.64 -31.10
C GLU B 141 23.39 11.06 -30.63
N ALA B 142 23.25 11.23 -29.31
CA ALA B 142 22.86 12.50 -28.71
C ALA B 142 23.92 13.58 -28.99
N SER B 143 25.17 13.21 -28.74
CA SER B 143 26.37 14.07 -28.87
C SER B 143 26.47 14.68 -30.29
N ALA B 144 26.04 13.90 -31.29
CA ALA B 144 26.13 14.26 -32.68
C ALA B 144 25.39 15.58 -32.91
N LEU B 145 24.33 15.85 -32.15
CA LEU B 145 23.46 17.00 -32.41
C LEU B 145 23.72 18.14 -31.45
N GLY B 146 24.71 17.98 -30.57
CA GLY B 146 25.10 19.03 -29.61
C GLY B 146 24.53 18.86 -28.20
N VAL B 147 23.82 17.75 -27.95
CA VAL B 147 23.31 17.37 -26.60
C VAL B 147 24.48 16.96 -25.69
N ASN B 148 24.50 17.48 -24.46
CA ASN B 148 25.53 17.11 -23.48
C ASN B 148 24.93 16.69 -22.11
N HIS B 149 23.61 16.41 -22.07
CA HIS B 149 22.93 16.01 -20.86
C HIS B 149 21.70 15.17 -21.24
N VAL B 150 21.54 14.01 -20.59
CA VAL B 150 20.40 13.15 -20.86
C VAL B 150 19.70 12.82 -19.53
N MET B 151 18.37 12.74 -19.60
CA MET B 151 17.53 12.70 -18.39
C MET B 151 17.23 11.25 -17.99
N GLY B 152 18.32 10.55 -17.65
CA GLY B 152 18.34 9.16 -17.20
C GLY B 152 19.68 8.89 -16.50
N PRO B 153 19.85 7.76 -15.79
CA PRO B 153 18.86 6.70 -15.69
C PRO B 153 17.74 6.91 -14.65
N VAL B 154 16.61 6.24 -14.89
CA VAL B 154 15.60 6.03 -13.84
C VAL B 154 16.07 4.85 -12.99
N VAL B 155 16.23 5.13 -11.69
CA VAL B 155 16.64 4.14 -10.66
C VAL B 155 15.52 3.96 -9.62
N ASP B 156 14.31 4.46 -9.95
CA ASP B 156 13.09 4.10 -9.27
C ASP B 156 12.79 2.60 -9.43
N LEU B 157 12.11 2.02 -8.44
CA LEU B 157 11.86 0.60 -8.43
C LEU B 157 10.38 0.34 -8.70
N ALA B 158 10.09 -0.76 -9.42
CA ALA B 158 8.73 -1.13 -9.81
C ALA B 158 8.04 -1.89 -8.68
N ARG B 159 7.65 -1.16 -7.63
CA ARG B 159 7.12 -1.79 -6.44
C ARG B 159 5.62 -1.59 -6.39
N GLU B 160 5.07 -0.80 -7.33
CA GLU B 160 3.64 -0.54 -7.42
C GLU B 160 3.18 -0.74 -8.87
N LEU B 161 2.57 -1.90 -9.11
CA LEU B 161 2.45 -2.41 -10.47
C LEU B 161 1.29 -1.76 -11.21
N ARG B 162 0.46 -1.03 -10.48
CA ARG B 162 -0.62 -0.26 -11.09
C ARG B 162 -0.04 1.00 -11.73
N PHE B 163 1.14 1.42 -11.26
CA PHE B 163 1.68 2.71 -11.69
C PHE B 163 2.17 2.64 -13.14
N GLY B 164 1.86 3.69 -13.91
CA GLY B 164 2.12 3.78 -15.32
C GLY B 164 3.57 3.69 -15.74
N ARG B 165 4.54 3.98 -14.84
CA ARG B 165 5.91 4.13 -15.32
C ARG B 165 6.76 2.93 -14.89
N VAL B 166 6.10 1.81 -14.54
CA VAL B 166 6.80 0.56 -14.26
C VAL B 166 7.81 0.29 -15.38
N GLU B 167 7.35 0.46 -16.62
CA GLU B 167 8.16 0.15 -17.83
C GLU B 167 9.47 0.95 -17.90
N GLU B 168 9.53 2.11 -17.26
CA GLU B 168 10.71 3.01 -17.33
C GLU B 168 11.79 2.64 -16.29
N THR B 169 11.42 1.73 -15.38
CA THR B 169 12.29 1.24 -14.33
C THR B 169 13.06 -0.02 -14.76
N TYR B 170 14.06 -0.35 -13.95
CA TYR B 170 14.84 -1.60 -14.10
C TYR B 170 14.30 -2.73 -13.20
N GLY B 171 13.01 -2.71 -12.88
CA GLY B 171 12.36 -3.71 -12.02
C GLY B 171 12.23 -3.33 -10.57
N GLU B 172 11.97 -4.34 -9.72
CA GLU B 172 11.56 -4.11 -8.32
C GLU B 172 12.75 -4.17 -7.34
N ASP B 173 13.93 -4.59 -7.81
CA ASP B 173 15.04 -4.95 -6.94
C ASP B 173 16.06 -3.84 -6.86
N PRO B 174 16.42 -3.41 -5.63
CA PRO B 174 17.47 -2.42 -5.43
C PRO B 174 18.81 -2.78 -6.10
N PHE B 175 19.28 -4.01 -5.96
CA PHE B 175 20.60 -4.37 -6.42
C PHE B 175 20.66 -4.33 -7.95
N LEU B 176 19.68 -4.93 -8.61
CA LEU B 176 19.69 -5.01 -10.07
C LEU B 176 19.56 -3.60 -10.64
N ALA B 177 18.68 -2.81 -10.04
CA ALA B 177 18.46 -1.44 -10.54
C ALA B 177 19.74 -0.62 -10.31
N GLY B 178 20.39 -0.83 -9.16
CA GLY B 178 21.64 -0.13 -8.84
C GLY B 178 22.76 -0.42 -9.87
N GLU B 179 22.88 -1.71 -10.24
CA GLU B 179 23.93 -2.15 -11.13
C GLU B 179 23.66 -1.62 -12.55
N ILE B 180 22.42 -1.73 -13.00
CA ILE B 180 22.11 -1.21 -14.30
C ILE B 180 22.28 0.32 -14.30
N GLY B 181 21.86 0.98 -13.22
CA GLY B 181 21.96 2.41 -13.14
C GLY B 181 23.41 2.88 -13.22
N TYR B 182 24.28 2.19 -12.50
CA TYR B 182 25.72 2.45 -12.55
C TYR B 182 26.26 2.38 -13.98
N HIS B 183 25.94 1.27 -14.66
CA HIS B 183 26.47 0.97 -15.97
C HIS B 183 25.93 1.97 -17.00
N TYR B 184 24.64 2.29 -16.93
CA TYR B 184 24.04 3.27 -17.81
C TYR B 184 24.71 4.63 -17.61
N THR B 185 24.91 5.01 -16.37
CA THR B 185 25.54 6.30 -16.05
C THR B 185 26.94 6.30 -16.65
N LYS B 186 27.67 5.20 -16.48
CA LYS B 186 29.06 5.17 -16.89
C LYS B 186 29.12 5.29 -18.42
N GLY B 187 28.24 4.56 -19.13
CA GLY B 187 28.15 4.61 -20.55
C GLY B 187 27.91 6.02 -21.06
N ILE B 188 26.95 6.70 -20.42
CA ILE B 188 26.61 8.04 -20.87
C ILE B 188 27.82 8.94 -20.64
N GLN B 189 28.34 8.94 -19.42
CA GLN B 189 29.29 9.95 -19.03
C GLN B 189 30.66 9.67 -19.64
N SER B 190 30.89 8.48 -20.19
CA SER B 190 32.08 8.20 -20.93
C SER B 190 32.23 9.22 -22.08
N HIS B 191 31.13 9.83 -22.53
CA HIS B 191 31.15 10.83 -23.61
C HIS B 191 31.21 12.27 -23.11
N ASN B 192 31.37 12.49 -21.80
CA ASN B 192 31.29 13.79 -21.19
C ASN B 192 29.89 14.39 -21.36
N ILE B 193 28.90 13.51 -21.50
CA ILE B 193 27.49 13.81 -21.44
C ILE B 193 27.03 13.53 -20.02
N SER B 194 26.37 14.50 -19.39
CA SER B 194 25.84 14.34 -18.00
C SER B 194 24.71 13.32 -18.02
N ALA B 195 24.73 12.38 -17.09
CA ALA B 195 23.57 11.62 -16.67
C ALA B 195 22.70 12.51 -15.77
N ASN B 196 21.50 12.02 -15.46
CA ASN B 196 20.56 12.70 -14.61
C ASN B 196 19.74 11.62 -13.90
N VAL B 197 20.21 11.26 -12.71
CA VAL B 197 19.68 10.12 -11.97
C VAL B 197 18.32 10.54 -11.41
N LYS B 198 17.25 9.79 -11.71
CA LYS B 198 15.89 10.22 -11.35
C LYS B 198 15.04 9.02 -10.88
N HIS B 199 13.99 9.20 -10.09
CA HIS B 199 13.48 10.44 -9.54
C HIS B 199 13.66 10.41 -8.02
N PHE B 200 14.55 11.25 -7.52
CA PHE B 200 14.99 11.17 -6.12
C PHE B 200 13.93 11.74 -5.17
N VAL B 201 13.38 10.97 -4.22
CA VAL B 201 13.60 9.54 -4.00
C VAL B 201 12.34 8.95 -3.35
N GLY B 202 12.01 7.70 -3.75
CA GLY B 202 10.88 6.94 -3.24
C GLY B 202 9.62 7.16 -4.07
N PHE B 203 9.76 7.46 -5.35
CA PHE B 203 8.70 8.03 -6.16
C PHE B 203 7.66 6.98 -6.57
N SER B 204 8.11 5.76 -6.91
CA SER B 204 7.33 4.81 -7.69
C SER B 204 6.51 3.81 -6.85
N GLN B 205 6.07 4.20 -5.63
CA GLN B 205 4.99 3.45 -4.91
C GLN B 205 3.82 4.38 -4.60
N PRO B 206 3.27 5.10 -5.60
CA PRO B 206 2.22 6.08 -5.30
C PRO B 206 0.93 5.44 -4.77
N GLU B 207 0.29 6.10 -3.81
CA GLU B 207 -0.98 5.67 -3.24
C GLU B 207 -2.03 5.42 -4.34
N GLN B 208 -2.62 4.21 -4.36
CA GLN B 208 -3.64 3.73 -5.33
C GLN B 208 -3.01 3.50 -6.72
N GLY B 209 -1.67 3.57 -6.83
CA GLY B 209 -0.95 3.52 -8.12
C GLY B 209 -1.09 4.74 -9.02
N LEU B 210 -1.70 5.83 -8.56
CA LEU B 210 -1.97 7.01 -9.38
C LEU B 210 -0.71 7.85 -9.57
N ASN B 211 -0.45 8.25 -10.80
CA ASN B 211 0.61 9.18 -11.17
C ASN B 211 0.71 10.39 -10.24
N THR B 212 1.87 10.50 -9.56
CA THR B 212 2.32 11.62 -8.66
C THR B 212 1.66 11.56 -7.29
N ALA B 213 0.91 10.50 -6.98
CA ALA B 213 0.24 10.48 -5.68
C ALA B 213 1.31 10.22 -4.60
N PRO B 214 1.05 10.61 -3.35
CA PRO B 214 2.06 10.52 -2.30
C PRO B 214 2.32 9.09 -1.85
N VAL B 215 3.45 8.92 -1.17
CA VAL B 215 3.97 7.64 -0.84
C VAL B 215 4.04 7.53 0.67
N HIS B 216 3.45 6.43 1.14
CA HIS B 216 3.58 5.98 2.53
C HIS B 216 4.83 5.14 2.70
N GLY B 217 5.68 5.54 3.64
CA GLY B 217 6.85 4.76 4.01
C GLY B 217 7.63 5.43 5.11
N GLY B 218 8.40 4.62 5.81
CA GLY B 218 9.30 5.19 6.82
C GLY B 218 10.73 5.38 6.33
N GLU B 219 11.56 5.91 7.22
CA GLU B 219 12.93 6.16 6.87
C GLU B 219 13.67 4.84 6.68
N ARG B 220 13.36 3.79 7.45
CA ARG B 220 14.07 2.52 7.28
C ARG B 220 13.83 1.95 5.86
N TYR B 221 12.58 1.96 5.40
CA TYR B 221 12.26 1.51 4.06
C TYR B 221 12.97 2.37 3.01
N LEU B 222 13.06 3.70 3.29
CA LEU B 222 13.67 4.59 2.33
C LEU B 222 15.14 4.25 2.17
N ARG B 223 15.85 4.06 3.29
CA ARG B 223 17.28 3.80 3.24
C ARG B 223 17.60 2.36 2.80
N THR B 224 16.78 1.38 3.20
CA THR B 224 17.00 -0.03 2.92
C THR B 224 16.71 -0.33 1.44
N THR B 225 15.64 0.26 0.89
CA THR B 225 15.11 -0.19 -0.41
C THR B 225 15.24 0.88 -1.50
N TRP B 226 14.92 2.14 -1.20
CA TRP B 226 14.77 3.21 -2.24
C TRP B 226 16.11 3.83 -2.61
N LEU B 227 16.98 4.03 -1.62
CA LEU B 227 18.15 4.86 -1.82
C LEU B 227 19.30 4.05 -2.46
N PRO B 228 19.50 2.75 -2.17
CA PRO B 228 20.66 2.05 -2.75
C PRO B 228 20.94 2.23 -4.24
N SER B 229 19.92 2.12 -5.08
CA SER B 229 20.11 2.25 -6.50
C SER B 229 20.61 3.66 -6.87
N PHE B 230 20.18 4.69 -6.16
CA PHE B 230 20.68 6.07 -6.39
C PHE B 230 22.17 6.16 -6.02
N LYS B 231 22.54 5.49 -4.93
CA LYS B 231 23.91 5.56 -4.38
C LYS B 231 24.94 5.08 -5.39
N ARG B 232 24.63 3.98 -6.06
CA ARG B 232 25.54 3.37 -6.99
C ARG B 232 25.83 4.34 -8.16
N ALA B 233 24.76 4.82 -8.80
CA ALA B 233 24.92 5.78 -9.95
C ALA B 233 25.63 7.08 -9.51
N ILE B 234 25.27 7.60 -8.34
CA ILE B 234 25.73 8.92 -7.93
C ILE B 234 27.17 8.83 -7.40
N MET B 235 27.36 8.00 -6.38
CA MET B 235 28.59 7.95 -5.64
C MET B 235 29.63 7.12 -6.40
N ASP B 236 29.21 6.02 -7.05
CA ASP B 236 30.22 5.14 -7.67
C ASP B 236 30.44 5.51 -9.14
N ALA B 237 29.38 5.85 -9.87
CA ALA B 237 29.53 6.18 -11.29
C ALA B 237 29.77 7.69 -11.50
N GLY B 238 29.63 8.48 -10.44
CA GLY B 238 30.02 9.93 -10.49
C GLY B 238 29.01 10.76 -11.24
N ALA B 239 27.72 10.43 -11.11
CA ALA B 239 26.70 11.13 -11.93
C ALA B 239 26.77 12.64 -11.66
N TRP B 240 26.73 13.45 -12.72
CA TRP B 240 26.88 14.89 -12.61
C TRP B 240 25.55 15.61 -12.36
N SER B 241 24.42 14.91 -12.47
CA SER B 241 23.19 15.56 -12.09
C SER B 241 22.17 14.53 -11.60
N ILE B 242 21.24 15.04 -10.79
CA ILE B 242 20.10 14.32 -10.21
C ILE B 242 18.83 15.12 -10.52
N MET B 243 17.70 14.43 -10.75
CA MET B 243 16.36 15.06 -10.77
C MET B 243 15.55 14.62 -9.53
N SER B 244 15.00 15.59 -8.77
CA SER B 244 14.12 15.22 -7.64
C SER B 244 12.72 14.88 -8.17
N ALA B 245 11.88 14.34 -7.29
CA ALA B 245 10.59 13.72 -7.74
C ALA B 245 9.38 14.61 -7.47
N TYR B 246 8.21 14.12 -7.93
CA TYR B 246 6.95 14.82 -7.86
C TYR B 246 6.16 14.54 -6.57
N HIS B 247 6.53 13.49 -5.87
CA HIS B 247 5.76 12.94 -4.72
C HIS B 247 6.20 13.57 -3.40
N SER B 248 5.38 13.33 -2.37
CA SER B 248 5.73 13.41 -1.00
C SER B 248 5.94 12.00 -0.44
N TYR B 249 6.88 11.89 0.49
CA TYR B 249 7.24 10.63 1.17
C TYR B 249 6.99 10.84 2.65
N ASP B 250 6.05 10.08 3.24
CA ASP B 250 5.53 10.35 4.58
C ASP B 250 5.25 11.86 4.80
N GLY B 251 4.78 12.56 3.77
CA GLY B 251 4.26 13.93 3.93
C GLY B 251 5.30 15.04 3.77
N ILE B 252 6.52 14.72 3.35
CA ILE B 252 7.51 15.75 2.93
C ILE B 252 7.65 15.69 1.42
N PRO B 253 7.43 16.80 0.67
CA PRO B 253 7.68 16.76 -0.78
C PRO B 253 9.14 16.43 -1.10
N ALA B 254 9.33 15.53 -2.05
CA ALA B 254 10.69 15.18 -2.52
C ALA B 254 11.48 16.43 -2.95
N VAL B 255 10.77 17.40 -3.55
CA VAL B 255 11.38 18.56 -4.11
C VAL B 255 11.87 19.48 -2.98
N ALA B 256 11.34 19.28 -1.76
CA ALA B 256 11.62 20.24 -0.68
C ALA B 256 12.12 19.54 0.59
N ASP B 257 12.71 18.36 0.43
CA ASP B 257 13.11 17.52 1.56
C ASP B 257 14.60 17.72 1.88
N TYR B 258 14.85 18.51 2.93
CA TYR B 258 16.20 18.79 3.37
C TYR B 258 16.89 17.49 3.82
N HIS B 259 16.20 16.65 4.57
CA HIS B 259 16.81 15.42 5.10
C HIS B 259 17.42 14.60 3.95
N THR B 260 16.72 14.44 2.84
CA THR B 260 17.16 13.57 1.75
C THR B 260 18.10 14.33 0.82
N LEU B 261 17.66 15.51 0.36
CA LEU B 261 18.39 16.29 -0.64
C LEU B 261 19.70 16.84 -0.07
N THR B 262 19.77 17.15 1.23
CA THR B 262 21.03 17.78 1.81
C THR B 262 21.68 16.81 2.81
N GLU B 263 20.96 16.41 3.87
CA GLU B 263 21.58 15.58 4.95
C GLU B 263 22.13 14.27 4.36
N ILE B 264 21.33 13.54 3.60
CA ILE B 264 21.75 12.28 3.07
C ILE B 264 22.68 12.51 1.88
N LEU B 265 22.19 13.23 0.86
CA LEU B 265 22.86 13.32 -0.48
C LEU B 265 24.22 14.01 -0.37
N ARG B 266 24.30 15.09 0.40
CA ARG B 266 25.57 15.83 0.56
C ARG B 266 26.27 15.37 1.85
N GLU B 267 25.65 15.49 3.01
CA GLU B 267 26.42 15.33 4.26
C GLU B 267 26.86 13.88 4.48
N GLU B 268 26.05 12.90 4.05
CA GLU B 268 26.42 11.50 4.16
C GLU B 268 27.14 11.05 2.89
N TRP B 269 26.57 11.27 1.70
CA TRP B 269 27.09 10.63 0.54
C TRP B 269 28.20 11.47 -0.14
N GLY B 270 28.32 12.74 0.24
CA GLY B 270 29.37 13.62 -0.37
C GLY B 270 29.09 14.01 -1.82
N TYR B 271 27.83 13.99 -2.28
CA TYR B 271 27.52 14.35 -3.64
C TYR B 271 27.97 15.79 -3.96
N LYS B 272 28.63 15.99 -5.09
CA LYS B 272 29.29 17.27 -5.33
C LYS B 272 28.55 18.12 -6.37
N TYR B 273 27.48 17.63 -7.01
CA TYR B 273 26.88 18.38 -8.12
C TYR B 273 25.46 18.83 -7.77
N TRP B 274 24.61 18.90 -8.79
CA TRP B 274 23.39 19.68 -8.68
C TRP B 274 22.16 18.78 -8.82
N VAL B 275 21.05 19.29 -8.30
CA VAL B 275 19.76 18.62 -8.35
C VAL B 275 18.78 19.56 -9.04
N THR B 276 18.07 19.04 -10.04
CA THR B 276 16.97 19.83 -10.66
C THR B 276 15.63 19.26 -10.19
N SER B 277 14.59 20.10 -10.13
CA SER B 277 13.22 19.62 -9.91
C SER B 277 12.76 18.87 -11.16
N ASP B 278 11.67 18.12 -11.02
CA ASP B 278 10.96 17.64 -12.17
C ASP B 278 10.11 18.78 -12.75
N ALA B 279 9.39 18.47 -13.84
CA ALA B 279 8.72 19.45 -14.72
C ALA B 279 7.42 19.96 -14.08
N GLY B 280 7.42 21.23 -13.67
CA GLY B 280 6.33 21.81 -12.90
C GLY B 280 6.26 21.31 -11.47
N ALA B 281 7.34 20.67 -11.00
CA ALA B 281 7.35 20.07 -9.68
C ALA B 281 7.51 21.17 -8.62
N SER B 282 8.10 22.30 -9.04
CA SER B 282 8.22 23.43 -8.14
C SER B 282 6.82 23.94 -7.78
N ASP B 283 5.95 24.17 -8.77
CA ASP B 283 4.62 24.80 -8.52
C ASP B 283 3.83 23.90 -7.57
N ARG B 284 4.11 22.60 -7.63
CA ARG B 284 3.33 21.57 -6.88
C ARG B 284 3.37 21.84 -5.39
N VAL B 285 4.46 22.43 -4.89
CA VAL B 285 4.59 22.76 -3.51
C VAL B 285 3.33 23.54 -3.03
N CYS B 286 2.84 24.50 -3.84
CA CYS B 286 1.61 25.22 -3.50
C CYS B 286 0.38 24.49 -4.04
N THR B 287 0.46 24.01 -5.28
CA THR B 287 -0.75 23.65 -6.04
C THR B 287 -1.21 22.27 -5.63
N ALA B 288 -0.34 21.26 -5.52
CA ALA B 288 -0.85 19.90 -5.18
C ALA B 288 -0.73 19.64 -3.67
N PHE B 289 0.38 20.07 -3.08
CA PHE B 289 0.70 19.77 -1.67
C PHE B 289 0.06 20.80 -0.72
N LYS B 290 -0.32 21.96 -1.25
CA LYS B 290 -1.00 22.97 -0.45
C LYS B 290 -0.11 23.46 0.70
N LEU B 291 1.16 23.72 0.42
CA LEU B 291 2.05 24.30 1.40
C LEU B 291 2.27 25.78 1.18
N CYS B 292 1.54 26.38 0.26
CA CYS B 292 1.56 27.81 0.05
C CYS B 292 0.38 28.19 -0.82
N ARG B 293 0.09 29.51 -0.91
CA ARG B 293 -1.03 30.04 -1.66
C ARG B 293 -0.85 29.68 -3.14
N ALA B 294 -1.91 29.14 -3.75
CA ALA B 294 -1.85 28.64 -5.14
C ALA B 294 -2.20 29.76 -6.14
N ASP B 295 -3.04 30.71 -5.74
CA ASP B 295 -3.56 31.69 -6.68
C ASP B 295 -3.61 33.07 -6.03
N PRO B 296 -2.79 34.03 -6.48
CA PRO B 296 -1.69 33.78 -7.41
C PRO B 296 -0.57 32.98 -6.73
N ILE B 297 0.17 32.14 -7.47
CA ILE B 297 1.08 31.21 -6.83
C ILE B 297 2.15 32.02 -6.06
N ASP B 298 2.52 31.55 -4.86
CA ASP B 298 3.44 32.21 -3.99
C ASP B 298 4.85 31.74 -4.34
N LYS B 299 5.48 32.49 -5.21
CA LYS B 299 6.68 32.17 -5.86
C LYS B 299 7.82 32.22 -4.85
N GLU B 300 7.73 33.16 -3.91
CA GLU B 300 8.68 33.24 -2.85
C GLU B 300 8.67 31.96 -2.01
N ALA B 301 7.48 31.58 -1.57
CA ALA B 301 7.31 30.44 -0.68
C ALA B 301 7.81 29.14 -1.38
N VAL B 302 7.53 29.01 -2.69
CA VAL B 302 8.05 27.86 -3.42
C VAL B 302 9.58 27.87 -3.36
N THR B 303 10.16 29.03 -3.68
CA THR B 303 11.60 29.14 -3.77
C THR B 303 12.22 28.85 -2.40
N LEU B 304 11.63 29.40 -1.33
CA LEU B 304 12.15 29.25 0.04
C LEU B 304 12.04 27.79 0.53
N ALA B 305 11.07 27.04 -0.02
CA ALA B 305 10.88 25.63 0.34
C ALA B 305 11.92 24.76 -0.37
N ILE B 306 12.15 24.96 -1.67
CA ILE B 306 12.91 23.97 -2.46
C ILE B 306 14.41 24.30 -2.53
N LEU B 307 14.79 25.58 -2.62
CA LEU B 307 16.19 25.90 -2.91
C LEU B 307 17.04 25.61 -1.66
N PRO B 308 16.64 26.08 -0.47
CA PRO B 308 17.41 25.75 0.73
C PRO B 308 17.37 24.27 1.13
N ALA B 309 16.41 23.51 0.59
CA ALA B 309 16.28 22.15 0.91
C ALA B 309 17.40 21.40 0.18
N GLY B 310 17.91 21.97 -0.93
CA GLY B 310 18.95 21.35 -1.73
C GLY B 310 18.54 21.07 -3.16
N ASN B 311 17.33 21.51 -3.56
CA ASN B 311 16.94 21.45 -4.94
C ASN B 311 17.44 22.71 -5.63
N ASP B 312 18.55 22.54 -6.35
CA ASP B 312 19.34 23.64 -6.84
C ASP B 312 18.70 24.37 -8.03
N VAL B 313 18.06 23.60 -8.92
CA VAL B 313 17.69 24.05 -10.23
C VAL B 313 16.20 23.82 -10.39
N GLU B 314 15.49 24.84 -10.86
CA GLU B 314 14.07 24.77 -11.14
C GLU B 314 13.87 24.45 -12.62
N MET B 315 13.18 23.35 -12.88
CA MET B 315 12.88 22.92 -14.21
CA MET B 315 12.87 22.90 -14.21
C MET B 315 11.74 23.78 -14.78
N GLY B 316 11.65 23.83 -16.11
CA GLY B 316 10.47 24.42 -16.75
C GLY B 316 9.25 23.54 -16.54
N GLY B 317 8.14 23.92 -17.17
CA GLY B 317 6.86 23.29 -16.98
C GLY B 317 6.09 23.85 -15.79
N GLY B 318 6.66 24.83 -15.05
CA GLY B 318 5.98 25.47 -13.92
C GLY B 318 5.85 26.97 -14.14
N SER B 319 5.89 27.74 -13.05
CA SER B 319 5.71 29.20 -13.05
C SER B 319 7.06 29.93 -12.86
N TYR B 320 8.19 29.22 -12.97
CA TYR B 320 9.52 29.85 -12.83
C TYR B 320 9.56 30.72 -11.55
N ASN B 321 9.24 30.07 -10.41
CA ASN B 321 9.15 30.68 -9.08
C ASN B 321 10.51 31.25 -8.67
N PHE B 322 11.58 30.63 -9.17
CA PHE B 322 13.00 31.07 -8.89
C PHE B 322 13.32 32.48 -9.40
N GLU B 323 12.45 33.10 -10.23
CA GLU B 323 12.73 34.46 -10.71
CA GLU B 323 12.70 34.48 -10.70
C GLU B 323 12.65 35.42 -9.49
N THR B 324 12.11 34.93 -8.36
CA THR B 324 12.02 35.71 -7.12
C THR B 324 13.29 35.61 -6.29
N ILE B 325 14.27 34.81 -6.74
CA ILE B 325 15.49 34.66 -5.92
C ILE B 325 16.05 36.04 -5.59
N ILE B 326 16.10 36.92 -6.59
CA ILE B 326 16.71 38.24 -6.40
C ILE B 326 15.96 39.04 -5.33
N ASP B 327 14.62 38.96 -5.35
CA ASP B 327 13.81 39.74 -4.42
C ASP B 327 13.98 39.20 -2.99
N LEU B 328 14.07 37.88 -2.87
CA LEU B 328 14.24 37.25 -1.60
C LEU B 328 15.60 37.64 -1.01
N VAL B 329 16.65 37.66 -1.84
CA VAL B 329 18.00 38.05 -1.35
C VAL B 329 17.92 39.50 -0.84
N ASN B 330 17.29 40.39 -1.64
CA ASN B 330 17.10 41.81 -1.31
C ASN B 330 16.32 42.00 -0.01
N ALA B 331 15.35 41.13 0.26
CA ALA B 331 14.52 41.30 1.42
C ALA B 331 15.18 40.73 2.68
N GLY B 332 16.35 40.10 2.55
CA GLY B 332 17.01 39.41 3.68
C GLY B 332 16.37 38.06 3.99
N LYS B 333 15.61 37.48 3.06
CA LYS B 333 14.82 36.29 3.35
C LYS B 333 15.54 35.02 2.88
N LEU B 334 16.45 35.19 1.93
CA LEU B 334 17.28 34.15 1.41
C LEU B 334 18.73 34.59 1.51
N ASP B 335 19.57 33.77 2.17
CA ASP B 335 21.00 34.03 2.32
C ASP B 335 21.67 33.82 0.95
N ILE B 336 22.48 34.79 0.54
CA ILE B 336 23.19 34.70 -0.75
C ILE B 336 24.00 33.39 -0.81
N GLU B 337 24.44 32.90 0.35
CA GLU B 337 25.33 31.75 0.39
C GLU B 337 24.60 30.49 -0.13
N ILE B 338 23.30 30.42 0.11
CA ILE B 338 22.47 29.34 -0.44
C ILE B 338 22.53 29.37 -1.96
N VAL B 339 22.39 30.56 -2.55
CA VAL B 339 22.40 30.69 -4.00
C VAL B 339 23.78 30.29 -4.50
N ASN B 340 24.78 30.83 -3.84
CA ASN B 340 26.16 30.60 -4.19
C ASN B 340 26.43 29.09 -4.23
N THR B 341 25.95 28.37 -3.22
CA THR B 341 26.16 26.90 -3.15
C THR B 341 25.53 26.24 -4.38
N ALA B 342 24.31 26.67 -4.72
CA ALA B 342 23.55 26.06 -5.79
C ALA B 342 24.24 26.31 -7.15
N VAL B 343 24.65 27.57 -7.36
CA VAL B 343 25.32 27.89 -8.60
C VAL B 343 26.62 27.09 -8.66
N SER B 344 27.33 27.02 -7.52
CA SER B 344 28.63 26.36 -7.48
C SER B 344 28.49 24.91 -7.94
N ARG B 345 27.40 24.27 -7.50
CA ARG B 345 27.08 22.87 -7.85
C ARG B 345 26.97 22.73 -9.37
N VAL B 346 26.24 23.66 -10.00
CA VAL B 346 26.07 23.66 -11.45
C VAL B 346 27.43 23.89 -12.15
N LEU B 347 28.17 24.92 -11.74
CA LEU B 347 29.44 25.26 -12.42
C LEU B 347 30.42 24.08 -12.34
N ARG B 348 30.51 23.43 -11.17
CA ARG B 348 31.47 22.37 -10.93
C ARG B 348 31.19 21.22 -11.89
N ALA B 349 29.90 20.88 -12.08
CA ALA B 349 29.56 19.90 -13.08
C ALA B 349 30.09 20.34 -14.47
N LYS B 350 29.74 21.56 -14.86
CA LYS B 350 30.14 22.05 -16.17
C LYS B 350 31.68 21.99 -16.33
N PHE B 351 32.43 22.36 -15.31
CA PHE B 351 33.88 22.30 -15.43
C PHE B 351 34.32 20.84 -15.59
N GLU B 352 33.77 19.94 -14.78
CA GLU B 352 34.14 18.51 -14.85
C GLU B 352 33.72 17.89 -16.18
N MET B 353 32.61 18.34 -16.75
CA MET B 353 32.20 17.83 -18.04
C MET B 353 33.16 18.28 -19.17
N GLY B 354 34.05 19.24 -18.92
CA GLY B 354 34.96 19.74 -19.98
C GLY B 354 34.33 20.81 -20.87
N LEU B 355 33.12 21.26 -20.51
CA LEU B 355 32.38 22.25 -21.28
C LEU B 355 33.17 23.56 -21.47
N PHE B 356 33.90 24.03 -20.46
CA PHE B 356 34.61 25.28 -20.64
C PHE B 356 35.76 25.12 -21.65
N GLU B 357 36.33 23.92 -21.80
CA GLU B 357 37.38 23.64 -22.80
C GLU B 357 36.76 23.20 -24.13
N ASN B 358 35.62 22.51 -24.13
CA ASN B 358 34.93 22.11 -25.39
C ASN B 358 33.43 22.36 -25.30
N PRO B 359 32.93 23.60 -25.48
CA PRO B 359 31.49 23.83 -25.31
C PRO B 359 30.67 23.24 -26.46
N TYR B 360 31.30 23.04 -27.63
CA TYR B 360 30.66 22.46 -28.84
C TYR B 360 30.89 20.95 -28.89
N ASN B 361 29.78 20.24 -29.07
CA ASN B 361 29.66 18.78 -28.99
C ASN B 361 29.51 18.24 -30.41
N ALA B 362 28.74 19.00 -31.20
CA ALA B 362 28.01 18.47 -32.30
C ALA B 362 28.98 18.11 -33.43
N ALA B 363 28.57 17.17 -34.27
CA ALA B 363 29.28 16.85 -35.47
C ALA B 363 28.59 17.60 -36.61
N PRO B 364 29.22 17.69 -37.79
CA PRO B 364 28.62 18.40 -38.90
C PRO B 364 27.50 17.58 -39.51
N ALA B 365 26.58 18.29 -40.17
CA ALA B 365 25.38 17.70 -40.80
C ALA B 365 25.71 16.46 -41.62
N SER B 366 26.80 16.55 -42.37
CA SER B 366 27.19 15.47 -43.29
C SER B 366 27.56 14.16 -42.58
N GLU B 367 27.82 14.20 -41.27
N GLU B 367 27.85 14.23 -41.27
CA GLU B 367 28.24 12.99 -40.52
CA GLU B 367 28.30 13.07 -40.45
C GLU B 367 27.08 12.41 -39.70
C GLU B 367 27.10 12.43 -39.71
N TRP B 368 25.97 13.14 -39.56
CA TRP B 368 24.92 12.65 -38.67
C TRP B 368 24.45 11.24 -39.07
N ASN B 369 24.36 10.97 -40.38
CA ASN B 369 23.85 9.66 -40.81
C ASN B 369 24.86 8.56 -40.52
N LYS B 370 26.13 8.91 -40.23
CA LYS B 370 27.14 7.91 -39.91
C LYS B 370 27.29 7.73 -38.41
N LEU B 371 26.56 8.52 -37.60
CA LEU B 371 26.70 8.53 -36.14
C LEU B 371 25.39 8.08 -35.45
N ILE B 372 24.25 8.35 -36.10
CA ILE B 372 22.90 8.09 -35.60
C ILE B 372 22.31 6.95 -36.43
N HIS B 373 21.71 5.95 -35.74
CA HIS B 373 21.06 4.78 -36.36
C HIS B 373 22.04 3.94 -37.19
N THR B 374 23.27 3.82 -36.70
CA THR B 374 24.32 2.95 -37.29
C THR B 374 23.94 1.48 -37.13
N GLN B 375 24.55 0.64 -37.97
CA GLN B 375 24.35 -0.75 -37.93
C GLN B 375 24.76 -1.30 -36.57
N GLU B 376 25.82 -0.77 -35.94
CA GLU B 376 26.28 -1.20 -34.62
C GLU B 376 25.16 -0.99 -33.57
N ALA B 377 24.50 0.18 -33.63
CA ALA B 377 23.37 0.48 -32.72
C ALA B 377 22.17 -0.43 -33.04
N VAL B 378 21.84 -0.66 -34.31
CA VAL B 378 20.70 -1.48 -34.68
C VAL B 378 20.94 -2.93 -34.24
N ASP B 379 22.15 -3.43 -34.48
CA ASP B 379 22.51 -4.78 -34.07
C ASP B 379 22.42 -4.91 -32.55
N LEU B 380 22.93 -3.93 -31.81
CA LEU B 380 22.90 -3.98 -30.34
C LEU B 380 21.43 -3.99 -29.87
N ALA B 381 20.56 -3.22 -30.55
CA ALA B 381 19.16 -3.16 -30.15
C ALA B 381 18.54 -4.56 -30.28
N ARG B 382 18.92 -5.28 -31.34
CA ARG B 382 18.39 -6.64 -31.54
C ARG B 382 18.99 -7.61 -30.52
N GLU B 383 20.31 -7.46 -30.25
CA GLU B 383 21.00 -8.36 -29.32
C GLU B 383 20.44 -8.18 -27.90
N LEU B 384 20.28 -6.95 -27.46
CA LEU B 384 19.84 -6.70 -26.10
C LEU B 384 18.36 -7.10 -25.90
N ASP B 385 17.54 -6.76 -26.90
CA ASP B 385 16.12 -7.17 -26.94
C ASP B 385 16.00 -8.70 -26.87
N ARG B 386 16.77 -9.42 -27.70
CA ARG B 386 16.65 -10.89 -27.70
C ARG B 386 17.10 -11.46 -26.34
N GLU B 387 18.12 -10.85 -25.70
CA GLU B 387 18.64 -11.29 -24.38
C GLU B 387 17.68 -10.95 -23.23
N SER B 388 16.63 -10.15 -23.53
CA SER B 388 15.63 -9.66 -22.55
C SER B 388 14.36 -10.51 -22.57
N ILE B 389 14.19 -11.32 -23.61
CA ILE B 389 12.99 -12.11 -23.73
C ILE B 389 13.02 -13.21 -22.67
N VAL B 390 11.88 -13.39 -22.00
CA VAL B 390 11.75 -14.33 -20.89
C VAL B 390 10.80 -15.45 -21.31
N LEU B 391 11.32 -16.69 -21.31
CA LEU B 391 10.51 -17.86 -21.57
C LEU B 391 9.78 -18.22 -20.27
N LEU B 392 8.46 -18.16 -20.25
CA LEU B 392 7.73 -18.40 -18.98
C LEU B 392 7.27 -19.86 -18.90
N GLU B 393 6.83 -20.41 -20.05
CA GLU B 393 6.44 -21.84 -20.17
C GLU B 393 6.73 -22.36 -21.58
N ASN B 394 6.94 -23.67 -21.66
CA ASN B 394 7.27 -24.40 -22.85
C ASN B 394 6.96 -25.86 -22.55
N HIS B 395 5.83 -26.36 -23.05
CA HIS B 395 5.38 -27.71 -22.77
C HIS B 395 5.69 -28.63 -23.97
N ASP B 396 6.25 -29.82 -23.69
CA ASP B 396 6.47 -30.83 -24.73
C ASP B 396 7.24 -30.25 -25.91
N ASN B 397 8.15 -29.31 -25.68
CA ASN B 397 9.04 -28.79 -26.71
C ASN B 397 8.23 -28.18 -27.85
N ALA B 398 7.15 -27.47 -27.52
CA ALA B 398 6.47 -26.65 -28.49
C ALA B 398 7.45 -25.62 -29.05
N LEU B 399 8.35 -25.14 -28.19
CA LEU B 399 9.37 -24.22 -28.62
C LEU B 399 10.73 -24.93 -28.51
N PRO B 400 11.68 -24.65 -29.42
CA PRO B 400 11.52 -23.70 -30.50
C PRO B 400 10.71 -24.30 -31.67
N LEU B 401 10.02 -23.42 -32.42
CA LEU B 401 9.20 -23.78 -33.60
C LEU B 401 10.11 -24.28 -34.74
N LYS B 402 9.57 -25.17 -35.59
CA LYS B 402 10.25 -25.56 -36.83
C LYS B 402 10.09 -24.46 -37.88
N LYS B 403 11.10 -24.27 -38.72
CA LYS B 403 11.01 -23.36 -39.87
C LYS B 403 10.49 -24.17 -41.08
N SER B 404 9.28 -24.72 -40.93
CA SER B 404 8.60 -25.55 -41.93
C SER B 404 7.13 -25.63 -41.56
N GLY B 405 6.34 -26.29 -42.41
CA GLY B 405 4.91 -26.46 -42.17
C GLY B 405 4.21 -25.11 -42.28
N SER B 406 3.05 -24.99 -41.60
CA SER B 406 2.27 -23.74 -41.56
C SER B 406 2.29 -23.14 -40.15
N ILE B 407 2.37 -21.82 -40.06
CA ILE B 407 2.37 -21.08 -38.77
C ILE B 407 1.33 -19.96 -38.83
N ALA B 408 0.38 -19.97 -37.90
CA ALA B 408 -0.54 -18.82 -37.74
C ALA B 408 0.12 -17.76 -36.87
N VAL B 409 0.01 -16.50 -37.29
CA VAL B 409 0.45 -15.36 -36.54
C VAL B 409 -0.76 -14.44 -36.31
N ILE B 410 -1.17 -14.33 -35.04
CA ILE B 410 -2.46 -13.78 -34.67
C ILE B 410 -2.30 -12.75 -33.56
N GLY B 411 -3.18 -11.73 -33.58
CA GLY B 411 -3.37 -10.84 -32.44
C GLY B 411 -2.99 -9.40 -32.74
N PRO B 412 -3.53 -8.45 -31.96
CA PRO B 412 -3.38 -7.04 -32.26
C PRO B 412 -1.91 -6.62 -32.23
N MET B 413 -1.10 -7.25 -31.38
CA MET B 413 0.30 -6.82 -31.26
C MET B 413 1.21 -7.55 -32.26
N ALA B 414 0.64 -8.40 -33.10
CA ALA B 414 1.49 -9.19 -34.03
C ALA B 414 1.93 -8.31 -35.21
N HIS B 415 1.16 -7.25 -35.51
CA HIS B 415 1.38 -6.47 -36.71
C HIS B 415 0.53 -5.21 -36.68
N GLY B 416 0.86 -4.27 -37.56
CA GLY B 416 -0.03 -3.14 -37.84
C GLY B 416 0.44 -1.87 -37.14
N PHE B 417 1.25 -2.05 -36.09
CA PHE B 417 1.82 -0.94 -35.31
C PHE B 417 2.96 -1.57 -34.51
N MET B 418 4.01 -0.79 -34.19
CA MET B 418 5.06 -1.24 -33.29
C MET B 418 4.67 -0.87 -31.85
N ASN B 419 4.70 -1.85 -30.95
CA ASN B 419 4.18 -1.68 -29.61
C ASN B 419 5.29 -1.05 -28.72
N TYR B 420 5.77 0.15 -29.05
CA TYR B 420 6.89 0.71 -28.27
C TYR B 420 6.36 1.15 -26.92
N GLY B 421 7.25 1.22 -25.94
CA GLY B 421 6.88 1.84 -24.68
C GLY B 421 6.86 3.35 -24.80
N ASP B 422 6.58 4.02 -23.69
CA ASP B 422 6.67 5.49 -23.65
C ASP B 422 8.14 5.94 -23.78
N TYR B 423 8.32 7.26 -23.84
CA TYR B 423 9.56 7.97 -24.07
C TYR B 423 10.10 7.53 -25.41
N VAL B 424 9.18 7.54 -26.38
CA VAL B 424 9.46 7.46 -27.82
C VAL B 424 8.87 8.70 -28.52
N VAL B 425 9.51 9.16 -29.60
CA VAL B 425 9.09 10.44 -30.25
C VAL B 425 7.90 10.19 -31.18
N TYR B 426 7.12 11.24 -31.39
CA TYR B 426 5.93 11.19 -32.27
C TYR B 426 6.22 10.39 -33.54
N GLU B 427 5.31 9.46 -33.84
CA GLU B 427 5.24 8.65 -35.08
C GLU B 427 6.29 7.52 -35.12
N SER B 428 7.03 7.29 -34.04
CA SER B 428 7.88 6.10 -33.97
C SER B 428 7.12 4.83 -34.35
N GLN B 429 5.85 4.74 -33.92
CA GLN B 429 5.12 3.49 -34.02
C GLN B 429 5.04 2.99 -35.47
N TYR B 430 5.33 3.85 -36.46
CA TYR B 430 5.21 3.50 -37.89
C TYR B 430 6.50 2.88 -38.49
N ARG B 431 7.57 2.68 -37.72
CA ARG B 431 8.80 2.03 -38.18
C ARG B 431 9.25 0.99 -37.15
N GLY B 432 9.88 -0.08 -37.66
CA GLY B 432 10.41 -1.16 -36.86
C GLY B 432 9.87 -2.48 -37.33
N VAL B 433 10.42 -3.55 -36.77
CA VAL B 433 10.10 -4.92 -37.18
C VAL B 433 9.02 -5.46 -36.24
N THR B 434 7.85 -5.76 -36.78
CA THR B 434 6.76 -6.31 -35.99
C THR B 434 7.00 -7.82 -35.83
N PRO B 435 6.37 -8.50 -34.84
CA PRO B 435 6.47 -9.95 -34.77
C PRO B 435 6.22 -10.63 -36.14
N LEU B 436 5.20 -10.17 -36.87
CA LEU B 436 4.87 -10.76 -38.20
C LEU B 436 6.06 -10.60 -39.15
N ASP B 437 6.57 -9.37 -39.27
CA ASP B 437 7.76 -9.06 -40.08
C ASP B 437 8.92 -10.00 -39.71
N GLY B 438 9.15 -10.22 -38.42
CA GLY B 438 10.29 -11.02 -38.00
C GLY B 438 10.11 -12.50 -38.33
N ILE B 439 8.88 -12.99 -38.14
CA ILE B 439 8.58 -14.38 -38.35
C ILE B 439 8.70 -14.68 -39.86
N LYS B 440 8.15 -13.81 -40.71
CA LYS B 440 8.20 -13.99 -42.17
C LYS B 440 9.65 -14.00 -42.66
N ALA B 441 10.47 -13.07 -42.15
CA ALA B 441 11.90 -13.00 -42.51
C ALA B 441 12.61 -14.29 -42.07
N ALA B 442 12.22 -14.83 -40.93
CA ALA B 442 12.91 -15.96 -40.34
C ALA B 442 12.66 -17.23 -41.16
N VAL B 443 11.45 -17.42 -41.66
CA VAL B 443 11.13 -18.69 -42.34
C VAL B 443 11.34 -18.59 -43.86
N GLY B 444 11.27 -17.38 -44.43
CA GLY B 444 11.31 -17.18 -45.89
C GLY B 444 10.28 -18.05 -46.60
N ASP B 445 10.73 -18.87 -47.56
CA ASP B 445 9.79 -19.70 -48.33
C ASP B 445 9.61 -21.09 -47.70
N LYS B 446 10.22 -21.32 -46.54
CA LYS B 446 10.25 -22.66 -45.97
C LYS B 446 8.97 -22.98 -45.19
N ALA B 447 8.15 -21.98 -44.87
CA ALA B 447 6.91 -22.16 -44.10
C ALA B 447 5.85 -21.18 -44.61
N THR B 448 4.58 -21.59 -44.51
CA THR B 448 3.47 -20.75 -44.86
C THR B 448 3.04 -19.97 -43.61
N ILE B 449 2.98 -18.63 -43.71
CA ILE B 449 2.53 -17.78 -42.60
C ILE B 449 1.10 -17.30 -42.85
N ASN B 450 0.19 -17.63 -41.92
CA ASN B 450 -1.25 -17.29 -41.97
C ASN B 450 -1.54 -16.23 -40.91
N TYR B 451 -1.61 -14.97 -41.35
CA TYR B 451 -1.78 -13.85 -40.48
C TYR B 451 -3.28 -13.55 -40.26
N ALA B 452 -3.66 -13.21 -39.02
CA ALA B 452 -4.98 -12.65 -38.73
C ALA B 452 -4.89 -11.77 -37.47
N GLN B 453 -5.35 -10.51 -37.59
CA GLN B 453 -5.30 -9.54 -36.48
C GLN B 453 -6.04 -10.09 -35.24
N GLY B 454 -7.26 -10.62 -35.43
CA GLY B 454 -7.98 -11.30 -34.38
C GLY B 454 -8.86 -10.35 -33.58
N CYS B 455 -8.27 -9.29 -33.01
CA CYS B 455 -9.05 -8.26 -32.40
C CYS B 455 -8.28 -6.95 -32.45
N GLU B 456 -8.97 -5.87 -32.10
CA GLU B 456 -8.32 -4.60 -31.79
C GLU B 456 -8.03 -4.58 -30.30
N ARG B 457 -6.86 -4.07 -29.90
CA ARG B 457 -6.45 -4.10 -28.50
C ARG B 457 -7.41 -3.28 -27.62
N TRP B 458 -8.02 -2.26 -28.20
CA TRP B 458 -8.76 -1.26 -27.48
C TRP B 458 -10.26 -1.57 -27.53
N SER B 459 -10.62 -2.77 -27.98
CA SER B 459 -12.04 -3.11 -28.22
C SER B 459 -12.35 -4.53 -27.78
N ASN B 460 -13.61 -4.70 -27.35
CA ASN B 460 -14.20 -5.96 -26.95
C ASN B 460 -14.86 -6.66 -28.15
N ASP B 461 -14.85 -6.00 -29.29
CA ASP B 461 -15.44 -6.57 -30.51
C ASP B 461 -14.72 -7.87 -30.88
N GLN B 462 -15.51 -8.93 -31.12
CA GLN B 462 -15.02 -10.25 -31.50
C GLN B 462 -15.31 -10.62 -32.97
N SER B 463 -15.62 -9.63 -33.83
CA SER B 463 -15.85 -9.83 -35.26
C SER B 463 -14.69 -10.58 -35.90
N GLY B 464 -13.47 -10.24 -35.45
CA GLY B 464 -12.27 -10.74 -36.07
C GLY B 464 -11.97 -12.19 -35.71
N PHE B 465 -12.67 -12.75 -34.72
CA PHE B 465 -12.25 -14.05 -34.19
C PHE B 465 -12.35 -15.17 -35.24
N ALA B 466 -13.40 -15.18 -36.07
CA ALA B 466 -13.64 -16.30 -37.02
C ALA B 466 -12.49 -16.41 -38.04
N GLU B 467 -12.03 -15.26 -38.53
CA GLU B 467 -10.87 -15.21 -39.40
C GLU B 467 -9.62 -15.74 -38.69
N ALA B 468 -9.43 -15.41 -37.40
CA ALA B 468 -8.24 -15.87 -36.66
C ALA B 468 -8.33 -17.38 -36.43
N VAL B 469 -9.51 -17.84 -36.04
CA VAL B 469 -9.79 -19.23 -35.83
C VAL B 469 -9.44 -20.02 -37.11
N GLU B 470 -9.85 -19.49 -38.27
CA GLU B 470 -9.62 -20.18 -39.55
C GLU B 470 -8.11 -20.23 -39.80
N ALA B 471 -7.41 -19.13 -39.47
CA ALA B 471 -6.00 -19.05 -39.72
C ALA B 471 -5.26 -20.10 -38.87
N ALA B 472 -5.72 -20.27 -37.63
CA ALA B 472 -5.10 -21.24 -36.73
C ALA B 472 -5.31 -22.67 -37.26
N LYS B 473 -6.55 -22.95 -37.65
CA LYS B 473 -7.00 -24.28 -38.03
C LYS B 473 -6.26 -24.75 -39.28
N LYS B 474 -5.90 -23.84 -40.18
CA LYS B 474 -5.11 -24.29 -41.34
C LYS B 474 -3.60 -24.19 -41.06
N SER B 475 -3.16 -24.17 -39.78
CA SER B 475 -1.72 -24.10 -39.45
C SER B 475 -1.33 -25.21 -38.49
N ASP B 476 -0.04 -25.55 -38.47
CA ASP B 476 0.42 -26.59 -37.56
C ASP B 476 0.53 -26.05 -36.11
N VAL B 477 0.70 -24.74 -35.97
CA VAL B 477 0.97 -24.11 -34.68
C VAL B 477 0.54 -22.65 -34.82
N ALA B 478 0.14 -22.05 -33.71
CA ALA B 478 -0.37 -20.71 -33.74
C ALA B 478 0.43 -19.84 -32.75
N VAL B 479 0.78 -18.63 -33.19
CA VAL B 479 1.48 -17.64 -32.36
C VAL B 479 0.55 -16.45 -32.18
N VAL B 480 0.16 -16.17 -30.93
CA VAL B 480 -0.80 -15.13 -30.61
C VAL B 480 -0.07 -14.07 -29.76
N VAL B 481 -0.04 -12.83 -30.26
CA VAL B 481 0.72 -11.68 -29.62
C VAL B 481 -0.29 -10.64 -29.14
N VAL B 482 -0.42 -10.54 -27.82
CA VAL B 482 -1.35 -9.64 -27.12
C VAL B 482 -0.57 -8.89 -26.02
N GLY B 483 -1.22 -7.94 -25.33
CA GLY B 483 -0.64 -7.39 -24.08
C GLY B 483 -1.15 -6.00 -23.76
N THR B 484 -0.23 -5.09 -23.44
CA THR B 484 -0.54 -3.68 -23.10
C THR B 484 0.05 -2.78 -24.22
N TRP B 485 -0.27 -1.50 -24.19
CA TRP B 485 0.28 -0.57 -25.20
C TRP B 485 0.41 0.78 -24.52
N SER B 486 1.34 1.60 -25.03
CA SER B 486 1.48 2.93 -24.54
C SER B 486 1.37 3.86 -25.73
N ARG B 487 1.93 5.07 -25.60
CA ARG B 487 1.90 6.12 -26.63
C ARG B 487 3.21 6.92 -26.63
N ASP B 488 3.55 7.46 -27.80
CA ASP B 488 4.68 8.40 -27.96
C ASP B 488 4.41 9.73 -27.24
N GLN B 489 5.41 10.61 -27.18
CA GLN B 489 5.33 11.76 -26.29
C GLN B 489 4.23 12.73 -26.71
N LYS B 490 3.80 12.67 -27.98
CA LYS B 490 2.77 13.55 -28.47
C LYS B 490 1.41 12.95 -28.13
N GLU B 491 1.20 11.72 -28.61
CA GLU B 491 -0.11 11.05 -28.47
C GLU B 491 -0.44 10.75 -27.00
N LEU B 492 0.57 10.47 -26.18
CA LEU B 492 0.37 10.23 -24.73
C LEU B 492 -0.32 11.45 -24.09
N TRP B 493 0.15 12.67 -24.42
CA TRP B 493 -0.33 13.91 -23.75
C TRP B 493 -1.47 14.57 -24.51
N ALA B 494 -1.81 14.01 -25.67
CA ALA B 494 -2.97 14.37 -26.41
C ALA B 494 -4.17 13.55 -25.93
N GLY B 495 -3.94 12.49 -25.16
CA GLY B 495 -5.03 11.75 -24.52
C GLY B 495 -5.48 10.51 -25.29
N LEU B 496 -4.73 10.05 -26.29
CA LEU B 496 -5.04 8.82 -26.98
C LEU B 496 -4.96 7.64 -26.00
N ASN B 497 -5.75 6.62 -26.28
CA ASN B 497 -5.91 5.53 -25.35
C ASN B 497 -4.64 4.70 -25.20
N ALA B 498 -4.44 4.24 -23.96
CA ALA B 498 -3.24 3.47 -23.55
C ALA B 498 -3.56 2.67 -22.28
N THR B 499 -2.72 1.65 -22.01
CA THR B 499 -2.82 0.83 -20.80
C THR B 499 -1.52 0.92 -19.97
N THR B 500 -0.48 1.61 -20.46
CA THR B 500 0.72 1.96 -19.67
C THR B 500 1.32 3.26 -20.21
N GLY B 501 2.20 3.82 -19.39
CA GLY B 501 3.00 5.00 -19.69
C GLY B 501 2.78 6.09 -18.65
N GLU B 502 3.61 7.13 -18.70
CA GLU B 502 3.47 8.21 -17.74
C GLU B 502 2.04 8.75 -17.81
N HIS B 503 1.40 8.89 -16.64
CA HIS B 503 0.02 9.39 -16.45
C HIS B 503 -1.03 8.42 -16.99
N VAL B 504 -0.65 7.16 -17.25
CA VAL B 504 -1.59 6.10 -17.63
C VAL B 504 -1.49 4.97 -16.61
N ASP B 505 -2.36 5.00 -15.60
CA ASP B 505 -2.32 4.01 -14.49
C ASP B 505 -3.50 3.05 -14.56
N VAL B 506 -3.36 1.87 -13.98
CA VAL B 506 -4.41 0.85 -14.13
C VAL B 506 -4.84 0.27 -12.77
N ASN B 507 -6.10 -0.15 -12.70
CA ASN B 507 -6.69 -0.81 -11.52
C ASN B 507 -6.90 -2.31 -11.79
N SER B 508 -6.27 -2.81 -12.86
CA SER B 508 -6.37 -4.18 -13.24
C SER B 508 -5.12 -4.54 -14.07
N LEU B 509 -4.66 -5.79 -13.95
CA LEU B 509 -3.56 -6.21 -14.76
C LEU B 509 -3.95 -7.33 -15.74
N SER B 510 -5.25 -7.65 -15.82
CA SER B 510 -5.76 -8.61 -16.81
C SER B 510 -5.71 -8.00 -18.22
N LEU B 511 -5.54 -8.88 -19.22
CA LEU B 511 -5.61 -8.49 -20.59
C LEU B 511 -6.90 -7.71 -20.84
N VAL B 512 -6.77 -6.58 -21.53
CA VAL B 512 -7.84 -5.67 -21.76
C VAL B 512 -8.57 -6.10 -23.04
N GLY B 513 -9.87 -5.78 -23.09
CA GLY B 513 -10.71 -5.98 -24.27
C GLY B 513 -10.86 -7.44 -24.67
N ALA B 514 -10.70 -7.70 -25.97
CA ALA B 514 -11.00 -9.03 -26.56
C ALA B 514 -9.80 -9.98 -26.48
N GLN B 515 -8.70 -9.55 -25.88
CA GLN B 515 -7.43 -10.26 -26.01
C GLN B 515 -7.50 -11.66 -25.37
N ALA B 516 -8.02 -11.75 -24.14
CA ALA B 516 -8.13 -13.05 -23.44
C ALA B 516 -9.09 -13.97 -24.21
N PRO B 517 -10.31 -13.48 -24.54
CA PRO B 517 -11.21 -14.33 -25.31
C PRO B 517 -10.60 -14.70 -26.66
N LEU B 518 -9.78 -13.85 -27.30
CA LEU B 518 -9.11 -14.23 -28.56
C LEU B 518 -8.27 -15.48 -28.31
N ILE B 519 -7.49 -15.46 -27.23
CA ILE B 519 -6.60 -16.56 -26.92
C ILE B 519 -7.42 -17.84 -26.75
N LYS B 520 -8.48 -17.76 -25.93
CA LYS B 520 -9.31 -18.93 -25.66
C LYS B 520 -9.82 -19.49 -26.99
N ALA B 521 -10.28 -18.62 -27.91
CA ALA B 521 -10.86 -19.08 -29.16
C ALA B 521 -9.81 -19.86 -29.95
N ILE B 522 -8.56 -19.38 -29.93
CA ILE B 522 -7.55 -20.07 -30.67
C ILE B 522 -7.21 -21.41 -30.00
N ILE B 523 -7.07 -21.41 -28.68
CA ILE B 523 -6.71 -22.61 -27.98
C ILE B 523 -7.76 -23.71 -28.26
N ASP B 524 -9.04 -23.33 -28.24
CA ASP B 524 -10.17 -24.26 -28.34
C ASP B 524 -10.14 -24.99 -29.69
N THR B 525 -9.38 -24.43 -30.62
CA THR B 525 -9.10 -24.98 -31.92
C THR B 525 -8.32 -26.30 -31.80
N GLY B 526 -7.56 -26.49 -30.70
CA GLY B 526 -6.76 -27.67 -30.46
C GLY B 526 -5.42 -27.58 -31.17
N VAL B 527 -5.20 -26.52 -31.95
CA VAL B 527 -3.89 -26.25 -32.51
C VAL B 527 -2.97 -25.77 -31.39
N PRO B 528 -1.71 -26.27 -31.31
CA PRO B 528 -0.80 -25.82 -30.27
C PRO B 528 -0.63 -24.30 -30.40
N THR B 529 -0.81 -23.60 -29.27
CA THR B 529 -0.85 -22.13 -29.23
C THR B 529 0.26 -21.59 -28.33
N VAL B 530 1.10 -20.75 -28.89
CA VAL B 530 2.14 -20.05 -28.17
C VAL B 530 1.68 -18.60 -27.96
N VAL B 531 1.66 -18.13 -26.71
CA VAL B 531 1.28 -16.81 -26.42
C VAL B 531 2.54 -15.99 -26.11
N VAL B 532 2.64 -14.87 -26.81
CA VAL B 532 3.63 -13.86 -26.52
C VAL B 532 2.92 -12.69 -25.84
N LEU B 533 3.36 -12.40 -24.61
CA LEU B 533 2.94 -11.18 -23.95
C LEU B 533 3.88 -10.06 -24.41
N SER B 534 3.27 -8.98 -24.93
CA SER B 534 3.96 -7.79 -25.46
C SER B 534 3.49 -6.59 -24.64
N SER B 535 4.29 -6.14 -23.66
CA SER B 535 3.74 -5.31 -22.64
C SER B 535 4.79 -4.50 -21.88
N GLY B 536 4.35 -3.62 -20.98
CA GLY B 536 5.26 -2.80 -20.19
C GLY B 536 5.22 -3.12 -18.71
N LYS B 537 4.47 -4.16 -18.32
CA LYS B 537 4.38 -4.54 -16.90
C LYS B 537 3.76 -5.92 -16.80
N PRO B 538 3.68 -6.51 -15.58
CA PRO B 538 2.94 -7.74 -15.45
C PRO B 538 1.50 -7.67 -15.97
N ILE B 539 1.08 -8.79 -16.57
CA ILE B 539 -0.28 -9.14 -16.93
C ILE B 539 -0.69 -10.39 -16.12
N THR B 540 -1.89 -10.33 -15.54
CA THR B 540 -2.42 -11.38 -14.67
C THR B 540 -3.36 -12.30 -15.47
N GLU B 541 -2.83 -13.40 -16.00
CA GLU B 541 -3.66 -14.45 -16.67
C GLU B 541 -3.09 -15.83 -16.35
N PRO B 542 -3.22 -16.26 -15.09
CA PRO B 542 -2.63 -17.52 -14.66
C PRO B 542 -3.04 -18.75 -15.49
N TRP B 543 -4.27 -18.75 -15.99
CA TRP B 543 -4.80 -19.86 -16.79
C TRP B 543 -3.92 -20.13 -18.04
N LEU B 544 -3.20 -19.12 -18.50
CA LEU B 544 -2.34 -19.30 -19.70
C LEU B 544 -1.22 -20.30 -19.44
N SER B 545 -0.72 -20.44 -18.20
CA SER B 545 0.53 -21.22 -17.96
C SER B 545 0.37 -22.65 -18.50
N ASN B 546 -0.74 -23.30 -18.16
CA ASN B 546 -0.95 -24.71 -18.49
C ASN B 546 -2.06 -24.93 -19.54
N ASN B 547 -2.65 -23.89 -20.11
CA ASN B 547 -3.66 -24.06 -21.18
C ASN B 547 -3.09 -23.69 -22.56
N THR B 548 -1.83 -23.26 -22.61
CA THR B 548 -1.18 -22.93 -23.86
C THR B 548 0.03 -23.85 -24.02
N ALA B 549 0.54 -23.94 -25.23
CA ALA B 549 1.64 -24.83 -25.51
C ALA B 549 2.94 -24.20 -25.00
N ALA B 550 3.00 -22.87 -25.07
CA ALA B 550 4.15 -22.13 -24.49
C ALA B 550 3.76 -20.66 -24.27
N LEU B 551 4.59 -19.96 -23.48
CA LEU B 551 4.28 -18.63 -22.97
C LEU B 551 5.58 -17.83 -22.89
N VAL B 552 5.59 -16.68 -23.61
CA VAL B 552 6.77 -15.88 -23.79
C VAL B 552 6.44 -14.44 -23.42
N GLN B 553 7.35 -13.81 -22.67
CA GLN B 553 7.28 -12.39 -22.26
C GLN B 553 8.32 -11.59 -23.05
N GLN B 554 7.82 -10.65 -23.85
CA GLN B 554 8.67 -9.67 -24.43
C GLN B 554 8.17 -8.29 -23.96
N PHE B 555 8.83 -7.71 -22.95
CA PHE B 555 8.55 -6.35 -22.59
C PHE B 555 8.83 -5.43 -23.79
N TYR B 556 8.35 -4.19 -23.72
CA TYR B 556 8.13 -3.39 -24.93
C TYR B 556 9.37 -3.42 -25.81
N PRO B 557 9.23 -3.80 -27.10
CA PRO B 557 10.40 -4.09 -27.93
C PRO B 557 11.23 -2.86 -28.35
N SER B 558 12.44 -3.19 -28.84
CA SER B 558 13.28 -2.34 -29.63
C SER B 558 12.67 -2.19 -31.03
N GLU B 559 13.23 -1.30 -31.87
CA GLU B 559 12.84 -1.32 -33.29
C GLU B 559 13.17 -2.64 -34.00
N GLN B 560 13.97 -3.51 -33.37
CA GLN B 560 14.26 -4.82 -33.92
C GLN B 560 13.41 -5.92 -33.28
N GLY B 561 12.32 -5.55 -32.59
CA GLY B 561 11.65 -6.48 -31.66
C GLY B 561 11.23 -7.77 -32.33
N GLY B 562 10.69 -7.66 -33.55
CA GLY B 562 10.16 -8.81 -34.25
C GLY B 562 11.25 -9.81 -34.61
N ASN B 563 12.45 -9.31 -34.93
CA ASN B 563 13.60 -10.19 -35.25
C ASN B 563 14.08 -10.89 -33.97
N ALA B 564 14.17 -10.11 -32.88
CA ALA B 564 14.59 -10.65 -31.60
C ALA B 564 13.62 -11.76 -31.17
N LEU B 565 12.32 -11.48 -31.30
CA LEU B 565 11.32 -12.43 -30.95
C LEU B 565 11.50 -13.67 -31.83
N ALA B 566 11.75 -13.50 -33.13
CA ALA B 566 11.81 -14.69 -34.03
C ALA B 566 13.07 -15.51 -33.73
N ASP B 567 14.15 -14.80 -33.39
CA ASP B 567 15.41 -15.40 -32.95
C ASP B 567 15.17 -16.40 -31.83
N VAL B 568 14.31 -16.06 -30.84
CA VAL B 568 13.97 -16.95 -29.71
C VAL B 568 12.98 -18.05 -30.19
N LEU B 569 11.89 -17.63 -30.83
CA LEU B 569 10.80 -18.55 -31.24
C LEU B 569 11.31 -19.72 -32.09
N PHE B 570 12.23 -19.47 -33.03
CA PHE B 570 12.79 -20.49 -33.95
C PHE B 570 14.15 -21.02 -33.43
N GLY B 571 14.63 -20.52 -32.30
CA GLY B 571 15.66 -21.17 -31.60
C GLY B 571 17.06 -20.87 -32.13
N ASP B 572 17.23 -19.84 -32.98
CA ASP B 572 18.55 -19.29 -33.24
C ASP B 572 19.16 -18.74 -31.95
N TYR B 573 18.32 -18.25 -31.02
CA TYR B 573 18.83 -17.82 -29.71
C TYR B 573 18.06 -18.58 -28.63
N ASN B 574 18.82 -19.16 -27.69
CA ASN B 574 18.23 -19.93 -26.62
C ASN B 574 17.85 -18.93 -25.53
N PRO B 575 16.53 -18.70 -25.32
CA PRO B 575 16.10 -17.61 -24.45
C PRO B 575 16.76 -17.64 -23.06
N SER B 576 17.15 -16.46 -22.58
CA SER B 576 18.01 -16.33 -21.41
C SER B 576 17.53 -15.26 -20.43
N GLY B 577 16.39 -14.62 -20.70
CA GLY B 577 15.88 -13.55 -19.87
C GLY B 577 15.39 -14.08 -18.54
N LYS B 578 15.45 -13.22 -17.52
CA LYS B 578 14.91 -13.47 -16.20
C LYS B 578 14.12 -12.23 -15.73
N LEU B 579 12.97 -12.47 -15.08
CA LEU B 579 12.05 -11.40 -14.73
C LEU B 579 12.73 -10.40 -13.79
N SER B 580 12.64 -9.12 -14.17
CA SER B 580 13.12 -8.01 -13.42
C SER B 580 12.09 -7.56 -12.36
N VAL B 581 10.86 -8.03 -12.51
CA VAL B 581 9.72 -7.66 -11.70
C VAL B 581 8.86 -8.91 -11.49
N SER B 582 8.32 -9.08 -10.27
CA SER B 582 7.46 -10.25 -9.96
C SER B 582 6.05 -10.07 -10.58
N PHE B 583 5.46 -11.21 -10.97
CA PHE B 583 4.09 -11.30 -11.57
C PHE B 583 3.08 -11.83 -10.55
N PRO B 584 2.06 -11.02 -10.15
CA PRO B 584 1.06 -11.47 -9.20
C PRO B 584 0.01 -12.32 -9.93
N HIS B 585 -0.80 -13.09 -9.19
CA HIS B 585 -1.96 -13.77 -9.76
C HIS B 585 -3.04 -12.74 -10.14
N SER B 586 -3.14 -11.63 -9.38
CA SER B 586 -4.28 -10.71 -9.53
C SER B 586 -3.90 -9.34 -9.00
N VAL B 587 -4.54 -8.29 -9.53
CA VAL B 587 -4.30 -6.95 -9.04
C VAL B 587 -4.67 -6.88 -7.55
N GLY B 588 -5.45 -7.83 -7.04
CA GLY B 588 -5.90 -7.78 -5.64
C GLY B 588 -4.86 -8.28 -4.66
N ASP B 589 -3.77 -8.83 -5.19
CA ASP B 589 -2.76 -9.47 -4.44
C ASP B 589 -1.57 -8.54 -4.17
N LEU B 590 -1.62 -7.28 -4.61
CA LEU B 590 -0.43 -6.39 -4.54
C LEU B 590 -0.17 -5.92 -3.11
N PRO B 591 1.07 -5.53 -2.79
CA PRO B 591 2.22 -5.60 -3.67
C PRO B 591 2.80 -7.02 -3.72
N ILE B 592 3.82 -7.27 -4.56
CA ILE B 592 4.26 -8.61 -4.85
C ILE B 592 5.79 -8.73 -4.96
N TYR B 593 6.53 -7.68 -4.53
CA TYR B 593 7.98 -7.72 -4.61
C TYR B 593 8.55 -8.92 -3.83
N TYR B 594 9.62 -9.53 -4.36
CA TYR B 594 10.25 -10.80 -3.85
C TYR B 594 10.94 -10.52 -2.51
N ASP B 595 11.31 -9.24 -2.26
CA ASP B 595 12.19 -8.83 -1.12
C ASP B 595 11.39 -8.36 0.12
N TYR B 596 10.14 -8.83 0.25
CA TYR B 596 9.29 -8.50 1.40
C TYR B 596 10.01 -8.75 2.73
N LEU B 597 9.72 -7.91 3.73
CA LEU B 597 10.25 -8.10 5.07
C LEU B 597 9.76 -9.44 5.63
N ASN B 598 10.64 -10.10 6.37
CA ASN B 598 10.21 -11.22 7.18
C ASN B 598 8.92 -10.86 7.93
N SER B 599 7.99 -11.83 7.96
CA SER B 599 6.65 -11.83 8.57
C SER B 599 5.60 -11.56 7.50
N ALA B 600 6.03 -11.15 6.30
CA ALA B 600 5.10 -10.89 5.22
C ALA B 600 4.95 -12.15 4.40
N ARG B 601 3.89 -12.16 3.57
CA ARG B 601 3.74 -12.95 2.34
C ARG B 601 3.41 -14.40 2.65
N GLU B 602 4.27 -15.06 3.44
CA GLU B 602 4.14 -16.49 3.69
C GLU B 602 3.45 -16.74 5.04
N ILE B 603 2.12 -16.82 5.03
CA ILE B 603 1.39 -16.67 6.27
C ILE B 603 0.42 -17.83 6.44
N GLY B 604 -0.50 -18.07 5.54
CA GLY B 604 -1.42 -19.19 5.87
C GLY B 604 -1.61 -20.03 4.64
N ASP B 605 -2.82 -20.45 4.37
CA ASP B 605 -3.09 -21.26 3.19
C ASP B 605 -3.89 -20.43 2.21
N ALA B 606 -3.65 -20.65 0.93
CA ALA B 606 -4.33 -19.99 -0.13
C ALA B 606 -5.57 -20.78 -0.56
N GLY B 607 -6.67 -20.09 -0.89
CA GLY B 607 -7.77 -20.70 -1.57
C GLY B 607 -7.58 -20.64 -3.08
N TYR B 608 -8.62 -21.04 -3.80
CA TYR B 608 -8.54 -21.31 -5.20
C TYR B 608 -9.96 -21.35 -5.80
N ILE B 609 -10.10 -20.72 -6.96
CA ILE B 609 -11.30 -20.77 -7.72
C ILE B 609 -11.04 -21.66 -8.95
N TYR B 610 -11.65 -22.84 -9.03
CA TYR B 610 -11.44 -23.72 -10.21
C TYR B 610 -12.25 -23.19 -11.38
N SER B 611 -11.86 -23.53 -12.62
CA SER B 611 -12.54 -22.96 -13.80
C SER B 611 -13.94 -23.56 -13.95
N ASN B 612 -14.19 -24.75 -13.39
CA ASN B 612 -15.55 -25.30 -13.38
C ASN B 612 -16.43 -24.69 -12.28
N GLY B 613 -15.97 -23.66 -11.55
CA GLY B 613 -16.86 -22.97 -10.59
C GLY B 613 -16.74 -23.45 -9.15
N THR B 614 -16.10 -24.61 -8.90
CA THR B 614 -15.87 -25.06 -7.51
C THR B 614 -14.98 -24.04 -6.77
N LEU B 615 -15.38 -23.68 -5.55
CA LEU B 615 -14.62 -22.77 -4.68
C LEU B 615 -13.98 -23.60 -3.55
N GLU B 616 -12.67 -23.40 -3.36
CA GLU B 616 -11.93 -23.99 -2.25
C GLU B 616 -11.44 -22.85 -1.36
N PHE B 617 -11.98 -22.77 -0.15
CA PHE B 617 -11.75 -21.61 0.66
C PHE B 617 -10.46 -21.78 1.46
N GLY B 618 -9.60 -20.77 1.39
CA GLY B 618 -8.42 -20.65 2.24
C GLY B 618 -8.54 -19.48 3.20
N HIS B 619 -7.41 -18.87 3.52
CA HIS B 619 -7.31 -17.84 4.57
C HIS B 619 -6.54 -16.62 4.09
N GLN B 620 -5.34 -16.86 3.54
CA GLN B 620 -4.50 -15.87 2.86
C GLN B 620 -4.32 -16.33 1.42
N TYR B 621 -5.28 -16.04 0.54
CA TYR B 621 -6.56 -15.36 0.74
C TYR B 621 -7.69 -16.41 0.74
N ALA B 622 -8.87 -16.00 1.18
CA ALA B 622 -10.05 -16.84 1.11
C ALA B 622 -10.14 -17.56 -0.24
N LEU B 623 -9.94 -16.82 -1.32
CA LEU B 623 -10.17 -17.39 -2.66
C LEU B 623 -9.13 -16.87 -3.65
N GLY B 624 -7.87 -16.77 -3.21
CA GLY B 624 -6.77 -16.33 -4.08
C GLY B 624 -5.46 -16.58 -3.36
N ASN B 625 -4.37 -16.21 -3.98
CA ASN B 625 -3.02 -16.65 -3.55
C ASN B 625 -2.08 -15.45 -3.58
N PRO B 626 -1.52 -15.02 -2.42
CA PRO B 626 -0.60 -13.88 -2.37
C PRO B 626 0.83 -14.16 -2.88
N LYS B 627 1.13 -15.42 -3.19
CA LYS B 627 2.41 -15.81 -3.74
C LYS B 627 2.45 -15.38 -5.21
N ALA B 628 3.65 -15.10 -5.70
CA ALA B 628 3.87 -14.63 -7.07
C ALA B 628 3.43 -15.74 -8.00
N TRP B 629 2.71 -15.40 -9.07
CA TRP B 629 2.51 -16.31 -10.18
C TRP B 629 3.84 -16.70 -10.82
N TYR B 630 4.66 -15.69 -11.13
CA TYR B 630 6.10 -15.89 -11.46
C TYR B 630 6.94 -14.95 -10.58
N PRO B 631 7.99 -15.45 -9.90
CA PRO B 631 8.82 -14.59 -9.07
C PRO B 631 9.92 -13.80 -9.82
N PHE B 632 10.33 -12.68 -9.23
CA PHE B 632 11.59 -12.03 -9.55
C PHE B 632 12.67 -13.08 -9.89
N GLY B 633 13.36 -12.91 -11.02
CA GLY B 633 14.51 -13.72 -11.41
C GLY B 633 14.14 -15.00 -12.15
N TYR B 634 12.84 -15.16 -12.45
CA TYR B 634 12.32 -16.36 -13.07
C TYR B 634 12.58 -16.28 -14.58
N GLY B 635 13.07 -17.37 -15.14
CA GLY B 635 13.13 -17.49 -16.60
C GLY B 635 13.61 -18.86 -17.01
N LYS B 636 12.97 -19.45 -18.02
CA LYS B 636 13.34 -20.78 -18.46
C LYS B 636 14.32 -20.69 -19.63
N SER B 637 14.74 -21.87 -20.09
CA SER B 637 15.63 -22.00 -21.25
C SER B 637 15.17 -23.24 -22.01
N TYR B 638 15.63 -23.39 -23.24
CA TYR B 638 15.45 -24.64 -24.00
C TYR B 638 16.32 -25.74 -23.39
N SER B 639 17.32 -25.32 -22.62
CA SER B 639 18.32 -26.15 -22.05
C SER B 639 17.99 -26.30 -20.56
N SER B 640 18.37 -27.42 -19.95
CA SER B 640 18.33 -27.61 -18.49
C SER B 640 19.73 -27.39 -17.87
N PHE B 641 19.75 -26.79 -16.67
CA PHE B 641 21.00 -26.56 -15.99
C PHE B 641 21.01 -27.29 -14.64
N GLU B 642 22.12 -27.97 -14.35
CA GLU B 642 22.33 -28.74 -13.15
C GLU B 642 23.45 -28.06 -12.35
N TYR B 643 23.13 -27.55 -11.16
CA TYR B 643 24.08 -26.85 -10.32
C TYR B 643 24.80 -27.85 -9.41
N GLY B 644 26.10 -27.66 -9.18
CA GLY B 644 26.79 -28.48 -8.16
C GLY B 644 26.74 -27.83 -6.78
N ALA B 645 27.64 -28.28 -5.90
CA ALA B 645 27.70 -27.79 -4.52
C ALA B 645 28.17 -26.34 -4.55
N VAL B 646 27.62 -25.52 -3.64
CA VAL B 646 28.03 -24.17 -3.51
C VAL B 646 29.20 -24.15 -2.54
N LYS B 647 30.21 -23.38 -2.87
CA LYS B 647 31.38 -23.26 -2.02
C LYS B 647 31.64 -21.77 -1.78
N LEU B 648 32.12 -21.43 -0.60
CA LEU B 648 32.63 -20.09 -0.33
C LEU B 648 34.13 -20.17 -0.07
N ASP B 649 34.88 -19.22 -0.59
CA ASP B 649 36.31 -19.16 -0.36
C ASP B 649 36.65 -18.81 1.09
N LYS B 650 35.72 -18.17 1.82
CA LYS B 650 35.91 -17.79 3.23
C LYS B 650 34.57 -17.96 3.94
N THR B 651 34.64 -18.41 5.20
CA THR B 651 33.50 -18.72 6.02
C THR B 651 33.47 -17.82 7.28
N ASN B 652 34.62 -17.55 7.89
CA ASN B 652 34.68 -16.67 9.08
C ASN B 652 35.28 -15.34 8.58
N VAL B 653 34.52 -14.24 8.53
CA VAL B 653 35.00 -13.03 7.85
C VAL B 653 34.67 -11.80 8.69
N THR B 654 35.17 -10.65 8.26
CA THR B 654 34.78 -9.38 8.83
C THR B 654 34.10 -8.54 7.76
N GLU B 655 33.65 -7.36 8.18
CA GLU B 655 32.97 -6.42 7.39
C GLU B 655 33.87 -5.84 6.29
N ALA B 656 35.20 -5.91 6.46
CA ALA B 656 36.08 -5.37 5.39
C ALA B 656 36.31 -6.40 4.27
N ASP B 657 35.84 -7.64 4.42
CA ASP B 657 36.22 -8.75 3.51
C ASP B 657 35.24 -8.86 2.35
N THR B 658 35.60 -9.71 1.38
CA THR B 658 34.77 -10.11 0.26
C THR B 658 34.69 -11.64 0.23
N VAL B 659 33.46 -12.17 0.17
CA VAL B 659 33.19 -13.60 0.09
C VAL B 659 32.86 -13.92 -1.36
N THR B 660 33.61 -14.86 -1.95
CA THR B 660 33.36 -15.24 -3.33
C THR B 660 32.64 -16.57 -3.32
N VAL B 661 31.48 -16.53 -3.96
CA VAL B 661 30.63 -17.65 -4.11
C VAL B 661 31.05 -18.32 -5.42
N SER B 662 31.16 -19.65 -5.35
CA SER B 662 31.52 -20.45 -6.47
C SER B 662 30.55 -21.62 -6.61
N VAL B 663 30.22 -21.95 -7.85
CA VAL B 663 29.39 -23.10 -8.16
C VAL B 663 29.59 -23.48 -9.62
N ASP B 664 29.55 -24.78 -9.87
CA ASP B 664 29.66 -25.30 -11.21
C ASP B 664 28.24 -25.60 -11.72
N VAL B 665 27.97 -25.17 -12.95
CA VAL B 665 26.71 -25.27 -13.59
C VAL B 665 26.94 -26.02 -14.89
N LYS B 666 26.22 -27.14 -15.00
CA LYS B 666 26.33 -28.01 -16.16
C LYS B 666 25.14 -27.80 -17.09
N ASN B 667 25.40 -27.63 -18.41
CA ASN B 667 24.34 -27.62 -19.46
C ASN B 667 24.07 -29.09 -19.83
N THR B 668 22.97 -29.66 -19.33
CA THR B 668 22.72 -31.08 -19.60
C THR B 668 22.18 -31.27 -21.03
N ASP B 669 21.94 -30.18 -21.76
CA ASP B 669 21.47 -30.27 -23.14
C ASP B 669 22.66 -30.65 -24.04
N ALA B 670 22.49 -31.77 -24.74
CA ALA B 670 23.49 -32.34 -25.64
C ALA B 670 23.58 -31.59 -26.97
N THR B 671 22.56 -30.81 -27.36
CA THR B 671 22.49 -30.30 -28.73
C THR B 671 22.74 -28.79 -28.81
N ARG B 672 22.48 -28.04 -27.73
CA ARG B 672 22.40 -26.55 -27.77
C ARG B 672 23.24 -25.96 -26.65
N GLU B 673 23.97 -24.93 -27.00
CA GLU B 673 24.44 -23.91 -26.09
C GLU B 673 23.25 -23.33 -25.30
N GLY B 674 23.47 -22.94 -24.05
CA GLY B 674 22.38 -22.30 -23.32
C GLY B 674 22.99 -21.32 -22.34
N THR B 675 22.28 -20.23 -22.06
CA THR B 675 22.71 -19.18 -21.15
C THR B 675 21.85 -19.24 -19.90
N GLU B 676 22.52 -19.24 -18.74
CA GLU B 676 21.90 -19.25 -17.44
C GLU B 676 22.32 -17.98 -16.69
N VAL B 677 21.38 -17.41 -15.93
CA VAL B 677 21.71 -16.34 -15.00
C VAL B 677 21.68 -16.92 -13.58
N VAL B 678 22.88 -17.08 -13.04
CA VAL B 678 23.08 -17.53 -11.71
C VAL B 678 22.88 -16.32 -10.79
N GLN B 679 21.98 -16.49 -9.82
CA GLN B 679 21.55 -15.45 -8.90
C GLN B 679 21.94 -15.84 -7.49
N VAL B 680 22.49 -14.88 -6.75
CA VAL B 680 22.89 -15.08 -5.37
C VAL B 680 22.08 -14.15 -4.48
N TYR B 681 21.31 -14.76 -3.56
CA TYR B 681 20.48 -14.05 -2.58
C TYR B 681 21.13 -14.25 -1.21
N VAL B 682 21.27 -13.13 -0.49
CA VAL B 682 21.77 -13.16 0.87
C VAL B 682 20.58 -13.06 1.85
N VAL B 683 20.64 -13.87 2.91
CA VAL B 683 19.69 -13.83 4.02
C VAL B 683 20.48 -13.43 5.28
N ASP B 684 20.14 -12.30 5.87
CA ASP B 684 20.60 -11.97 7.22
C ASP B 684 19.72 -12.75 8.20
N GLU B 685 20.26 -13.81 8.82
CA GLU B 685 19.45 -14.85 9.46
C GLU B 685 18.72 -14.32 10.69
N VAL B 686 19.45 -13.63 11.56
CA VAL B 686 18.98 -13.07 12.80
C VAL B 686 19.43 -11.62 12.81
N ALA B 687 18.48 -10.69 12.96
CA ALA B 687 18.80 -9.28 12.86
C ALA B 687 18.24 -8.52 14.07
N SER B 688 18.66 -7.29 14.27
CA SER B 688 18.18 -6.52 15.43
C SER B 688 16.89 -5.79 15.09
N VAL B 689 16.69 -5.57 13.79
CA VAL B 689 15.44 -5.01 13.27
C VAL B 689 14.97 -5.95 12.16
N VAL B 690 13.71 -5.80 11.77
CA VAL B 690 13.17 -6.66 10.75
C VAL B 690 13.76 -6.24 9.42
N VAL B 691 14.15 -7.24 8.59
CA VAL B 691 14.80 -7.02 7.32
C VAL B 691 14.11 -7.81 6.20
N PRO B 692 14.41 -7.43 4.94
CA PRO B 692 13.97 -8.21 3.79
C PRO B 692 14.38 -9.68 3.95
N ASN B 693 13.46 -10.57 3.51
CA ASN B 693 13.55 -11.98 3.75
C ASN B 693 14.76 -12.53 3.01
N ARG B 694 15.05 -11.94 1.86
CA ARG B 694 16.16 -12.30 1.06
C ARG B 694 16.43 -11.13 0.11
N LEU B 695 17.64 -11.03 -0.42
CA LEU B 695 18.04 -9.91 -1.27
C LEU B 695 19.04 -10.39 -2.30
N LEU B 696 18.79 -10.05 -3.56
CA LEU B 696 19.75 -10.27 -4.62
C LEU B 696 20.97 -9.43 -4.33
N LYS B 697 22.14 -10.07 -4.30
CA LYS B 697 23.35 -9.36 -3.96
C LYS B 697 24.45 -9.68 -4.99
N GLY B 698 24.14 -10.51 -5.97
CA GLY B 698 25.11 -10.84 -6.96
C GLY B 698 24.49 -11.69 -8.03
N PHE B 699 24.99 -11.60 -9.25
CA PHE B 699 24.52 -12.52 -10.28
C PHE B 699 25.60 -12.62 -11.35
N LYS B 700 25.53 -13.66 -12.15
CA LYS B 700 26.39 -13.73 -13.33
C LYS B 700 25.68 -14.52 -14.42
N LYS B 701 25.63 -13.93 -15.60
CA LYS B 701 25.03 -14.49 -16.79
C LYS B 701 26.13 -15.20 -17.56
N VAL B 702 26.01 -16.51 -17.77
CA VAL B 702 27.07 -17.31 -18.38
C VAL B 702 26.49 -18.11 -19.56
N VAL B 703 27.26 -18.13 -20.67
CA VAL B 703 26.98 -19.00 -21.81
C VAL B 703 27.70 -20.34 -21.62
N ILE B 704 26.95 -21.43 -21.61
CA ILE B 704 27.49 -22.75 -21.35
C ILE B 704 27.28 -23.59 -22.59
N PRO B 705 28.38 -24.02 -23.23
CA PRO B 705 28.27 -24.90 -24.39
C PRO B 705 27.52 -26.18 -24.02
N ALA B 706 26.88 -26.76 -25.03
CA ALA B 706 26.17 -28.01 -24.89
C ALA B 706 27.03 -29.05 -24.17
N GLY B 707 26.46 -29.64 -23.11
CA GLY B 707 27.04 -30.73 -22.41
C GLY B 707 28.11 -30.32 -21.43
N GLN B 708 28.51 -29.05 -21.41
CA GLN B 708 29.66 -28.66 -20.62
C GLN B 708 29.25 -28.17 -19.23
N THR B 709 30.27 -28.09 -18.38
CA THR B 709 30.17 -27.57 -17.06
C THR B 709 31.03 -26.31 -16.99
N LYS B 710 30.50 -25.30 -16.31
CA LYS B 710 31.16 -24.02 -16.18
C LYS B 710 31.17 -23.55 -14.70
N THR B 711 32.36 -23.12 -14.25
CA THR B 711 32.56 -22.53 -12.93
C THR B 711 32.07 -21.10 -12.96
N VAL B 712 31.17 -20.77 -12.05
CA VAL B 712 30.65 -19.42 -11.90
C VAL B 712 31.14 -18.89 -10.55
N GLU B 713 31.78 -17.73 -10.57
CA GLU B 713 32.24 -17.07 -9.35
C GLU B 713 31.53 -15.71 -9.21
N ILE B 714 31.01 -15.42 -8.03
CA ILE B 714 30.26 -14.17 -7.78
C ILE B 714 30.77 -13.61 -6.47
N PRO B 715 31.31 -12.37 -6.42
CA PRO B 715 31.82 -11.83 -5.17
C PRO B 715 30.70 -11.12 -4.39
N LEU B 716 30.70 -11.26 -3.06
CA LEU B 716 29.84 -10.47 -2.15
C LEU B 716 30.76 -9.63 -1.26
N LYS B 717 30.72 -8.32 -1.44
CA LYS B 717 31.36 -7.40 -0.55
C LYS B 717 30.52 -7.33 0.73
N VAL B 718 31.13 -7.71 1.86
CA VAL B 718 30.38 -7.93 3.13
C VAL B 718 29.78 -6.59 3.56
N GLN B 719 30.48 -5.47 3.28
CA GLN B 719 30.06 -4.15 3.73
C GLN B 719 28.71 -3.76 3.13
N ASP B 720 28.27 -4.49 2.10
CA ASP B 720 27.05 -4.11 1.37
C ASP B 720 25.84 -4.93 1.85
N LEU B 721 26.01 -5.69 2.94
CA LEU B 721 24.98 -6.70 3.35
C LEU B 721 24.32 -6.32 4.67
N GLY B 722 24.47 -5.05 5.03
CA GLY B 722 24.03 -4.55 6.33
C GLY B 722 22.60 -4.05 6.32
N LEU B 723 22.21 -3.47 7.45
CA LEU B 723 20.84 -3.03 7.69
C LEU B 723 20.90 -1.69 8.41
N TRP B 724 19.72 -1.11 8.57
CA TRP B 724 19.55 0.15 9.26
C TRP B 724 18.89 -0.13 10.61
N ASN B 725 19.67 0.02 11.69
CA ASN B 725 19.28 -0.44 13.00
C ASN B 725 18.31 0.57 13.61
N VAL B 726 17.96 0.33 14.87
CA VAL B 726 16.96 1.09 15.58
C VAL B 726 17.41 2.56 15.77
N ARG B 727 18.71 2.82 15.73
CA ARG B 727 19.24 4.22 15.79
C ARG B 727 19.39 4.80 14.38
N MET B 728 18.91 4.07 13.36
CA MET B 728 18.99 4.48 11.96
C MET B 728 20.45 4.68 11.53
N LYS B 729 21.30 3.77 12.01
CA LYS B 729 22.67 3.67 11.56
C LYS B 729 22.83 2.39 10.75
N TYR B 730 23.67 2.46 9.73
CA TYR B 730 23.95 1.34 8.90
C TYR B 730 25.00 0.48 9.61
N VAL B 731 24.72 -0.81 9.79
CA VAL B 731 25.60 -1.69 10.52
C VAL B 731 25.61 -3.06 9.83
N VAL B 732 26.80 -3.64 9.73
CA VAL B 732 26.88 -5.07 9.40
C VAL B 732 27.04 -5.80 10.72
N GLU B 733 25.93 -6.40 11.18
CA GLU B 733 25.90 -7.00 12.52
C GLU B 733 26.63 -8.32 12.48
N PRO B 734 27.52 -8.60 13.47
CA PRO B 734 28.09 -9.95 13.60
C PRO B 734 27.03 -11.04 13.63
N GLY B 735 27.30 -12.17 12.97
CA GLY B 735 26.41 -13.32 12.98
C GLY B 735 26.35 -13.96 11.59
N ALA B 736 25.39 -14.83 11.39
CA ALA B 736 25.34 -15.68 10.20
C ALA B 736 24.60 -14.99 9.04
N PHE B 737 25.13 -15.22 7.84
CA PHE B 737 24.47 -14.84 6.58
C PHE B 737 24.37 -16.06 5.69
N GLY B 738 23.13 -16.35 5.30
CA GLY B 738 22.81 -17.36 4.35
C GLY B 738 23.03 -16.86 2.95
N VAL B 739 23.51 -17.78 2.12
CA VAL B 739 23.75 -17.51 0.70
C VAL B 739 22.98 -18.59 -0.09
N LEU B 740 21.96 -18.15 -0.80
CA LEU B 740 21.08 -18.96 -1.61
C LEU B 740 21.47 -18.74 -3.06
N VAL B 741 21.81 -19.80 -3.79
CA VAL B 741 22.28 -19.69 -5.15
C VAL B 741 21.25 -20.40 -6.01
N GLY B 742 20.75 -19.74 -7.07
CA GLY B 742 19.64 -20.31 -7.86
C GLY B 742 19.37 -19.67 -9.22
N SER B 743 18.34 -20.24 -9.87
CA SER B 743 17.87 -19.92 -11.16
C SER B 743 16.79 -18.82 -11.14
N SER B 744 16.24 -18.54 -9.95
CA SER B 744 15.29 -17.45 -9.68
C SER B 744 15.35 -17.13 -8.18
N SER B 745 14.62 -16.11 -7.72
CA SER B 745 14.51 -15.82 -6.30
C SER B 745 13.86 -16.97 -5.51
N GLU B 746 13.06 -17.80 -6.19
CA GLU B 746 12.40 -18.95 -5.58
C GLU B 746 13.15 -20.28 -5.86
N ASP B 747 13.68 -20.46 -7.09
CA ASP B 747 14.27 -21.75 -7.50
C ASP B 747 15.72 -21.84 -6.99
N ILE B 748 15.87 -22.19 -5.72
CA ILE B 748 17.19 -22.22 -5.15
C ILE B 748 17.79 -23.63 -5.37
N ARG B 749 19.01 -23.69 -5.89
CA ARG B 749 19.68 -24.97 -6.27
C ARG B 749 20.81 -25.34 -5.31
N GLY B 750 21.19 -24.44 -4.42
CA GLY B 750 22.30 -24.68 -3.53
C GLY B 750 22.37 -23.58 -2.51
N ASN B 751 23.08 -23.80 -1.39
CA ASN B 751 23.23 -22.73 -0.45
C ASN B 751 24.48 -22.94 0.42
N ALA B 752 24.83 -21.91 1.19
CA ALA B 752 25.90 -21.99 2.18
C ALA B 752 25.73 -20.89 3.22
N THR B 753 26.60 -20.88 4.23
CA THR B 753 26.56 -19.87 5.29
C THR B 753 27.98 -19.40 5.58
N PHE B 754 28.14 -18.08 5.76
CA PHE B 754 29.33 -17.50 6.33
C PHE B 754 28.93 -16.69 7.56
N TYR B 755 29.94 -16.31 8.37
CA TYR B 755 29.75 -15.70 9.66
C TYR B 755 30.62 -14.45 9.79
N VAL B 756 29.97 -13.28 9.96
CA VAL B 756 30.66 -12.04 10.18
C VAL B 756 31.05 -11.95 11.66
N GLN B 757 32.29 -11.49 11.95
CA GLN B 757 32.81 -11.30 13.35
C GLN B 757 33.19 -9.83 13.62
C1 NAG C . -3.39 -30.79 36.90
C2 NAG C . -3.13 -31.75 35.76
C3 NAG C . -1.69 -32.17 35.67
C4 NAG C . -0.85 -30.94 35.42
C5 NAG C . -1.13 -29.85 36.45
C6 NAG C . -0.71 -28.55 35.81
C7 NAG C . -5.13 -33.03 35.37
C8 NAG C . -5.96 -34.19 35.76
N2 NAG C . -3.95 -32.93 35.95
O3 NAG C . -1.54 -33.03 34.53
O4 NAG C . 0.58 -31.20 35.44
O5 NAG C . -2.49 -29.70 36.75
O6 NAG C . 0.47 -28.25 36.49
O7 NAG C . -5.56 -32.20 34.61
C1 NAG C . 1.34 -31.39 34.10
C2 NAG C . 2.78 -30.88 33.96
C3 NAG C . 3.37 -30.90 32.55
C4 NAG C . 3.07 -32.20 31.84
C5 NAG C . 1.61 -32.54 32.04
C6 NAG C . 1.27 -33.78 31.24
C7 NAG C . 3.19 -29.28 35.59
C8 NAG C . 3.64 -27.91 35.88
N2 NAG C . 2.80 -29.51 34.38
O3 NAG C . 4.76 -30.76 32.71
O4 NAG C . 3.27 -31.91 30.48
O5 NAG C . 1.29 -32.65 33.46
O6 NAG C . 0.82 -34.84 32.08
O7 NAG C . 3.18 -30.17 36.44
C1 NAG D . -18.65 -24.07 3.66
C2 NAG D . -18.49 -25.31 2.80
C3 NAG D . -19.77 -26.13 2.89
C4 NAG D . -20.11 -26.48 4.34
C5 NAG D . -20.19 -25.15 5.11
C6 NAG D . -20.45 -25.39 6.58
C7 NAG D . -17.12 -25.00 0.80
C8 NAG D . -17.16 -24.76 -0.68
N2 NAG D . -18.30 -24.95 1.42
O3 NAG D . -19.69 -27.32 2.10
O4 NAG D . -21.40 -27.10 4.32
O5 NAG D . -19.00 -24.44 5.01
O6 NAG D . -21.01 -24.20 7.12
O7 NAG D . -16.11 -25.26 1.37
C1 NAG D . -21.52 -28.42 4.90
C2 NAG D . -22.99 -28.77 5.13
C3 NAG D . -23.10 -30.19 5.67
C4 NAG D . -22.52 -31.26 4.74
C5 NAG D . -21.13 -30.81 4.21
C6 NAG D . -20.97 -31.40 2.81
C7 NAG D . -24.46 -26.88 5.81
C8 NAG D . -24.87 -25.96 6.95
N2 NAG D . -23.59 -27.86 6.10
O3 NAG D . -24.50 -30.49 5.83
O4 NAG D . -22.61 -32.62 5.34
O5 NAG D . -20.90 -29.36 4.05
O6 NAG D . -19.58 -31.52 2.52
O7 NAG D . -24.91 -26.72 4.68
C1 NAG E . -14.78 1.07 41.97
C2 NAG E . -16.06 1.36 42.75
C3 NAG E . -15.86 2.58 43.65
C4 NAG E . -14.65 2.45 44.54
C5 NAG E . -13.43 2.30 43.66
C6 NAG E . -12.21 1.90 44.47
C7 NAG E . -17.93 0.75 41.35
C8 NAG E . -18.92 1.13 40.30
N2 NAG E . -17.06 1.66 41.78
O3 NAG E . -17.03 2.61 44.42
O4 NAG E . -14.43 3.66 45.33
O5 NAG E . -13.60 1.24 42.72
O6 NAG E . -12.62 0.74 45.23
O7 NAG E . -17.90 -0.38 41.76
C1 NAG E . -14.47 3.49 46.53
C2 NAG E . -14.12 4.77 47.18
C3 NAG E . -14.48 4.61 48.61
C4 NAG E . -15.82 3.91 48.81
C5 NAG E . -15.97 2.76 47.89
C6 NAG E . -17.38 2.27 47.99
C7 NAG E . -12.29 5.80 46.02
C8 NAG E . -10.82 5.93 45.83
N2 NAG E . -12.72 4.93 46.93
O3 NAG E . -14.60 5.91 49.22
O4 NAG E . -16.10 3.45 50.20
O5 NAG E . -15.84 3.26 46.64
O6 NAG E . -17.36 0.94 48.51
O7 NAG E . -13.09 6.43 45.37
C1 NAG F . 10.62 36.13 -29.87
C2 NAG F . 9.11 36.00 -30.02
C3 NAG F . 8.45 37.10 -29.25
C4 NAG F . 8.77 36.85 -27.82
C5 NAG F . 10.28 36.84 -27.60
C6 NAG F . 10.46 36.05 -26.33
C7 NAG F . 8.41 35.14 -32.24
C8 NAG F . 8.92 33.75 -32.01
N2 NAG F . 8.65 36.14 -31.38
O3 NAG F . 7.05 36.85 -29.37
O4 NAG F . 8.15 37.85 -26.96
O5 NAG F . 11.05 36.18 -28.58
O6 NAG F . 11.27 36.87 -25.54
O7 NAG F . 7.75 35.39 -33.23
C1 NAG F . 7.13 37.47 -25.95
C2 NAG F . 7.06 38.10 -24.54
C3 NAG F . 5.83 37.61 -23.74
C4 NAG F . 4.56 37.66 -24.56
C5 NAG F . 4.86 36.97 -25.90
C6 NAG F . 3.57 36.78 -26.71
C7 NAG F . 9.13 38.84 -23.59
C8 NAG F . 9.91 38.86 -22.33
N2 NAG F . 8.23 37.88 -23.72
O3 NAG F . 5.63 38.45 -22.61
O4 NAG F . 3.49 37.01 -23.85
O5 NAG F . 5.86 37.74 -26.54
O6 NAG F . 3.68 37.23 -28.06
O7 NAG F . 9.21 39.76 -24.39
C1 NAG G . 36.13 14.81 -21.26
C2 NAG G . 37.13 14.40 -22.33
C3 NAG G . 38.53 14.33 -21.73
C4 NAG G . 38.94 15.67 -21.13
C5 NAG G . 37.91 15.96 -20.01
C6 NAG G . 38.12 17.32 -19.34
C7 NAG G . 36.10 12.89 -23.90
C8 NAG G . 35.70 11.50 -24.28
N2 NAG G . 36.76 13.09 -22.76
O3 NAG G . 39.43 13.87 -22.70
O4 NAG G . 40.28 15.55 -20.60
O5 NAG G . 36.58 15.99 -20.55
O6 NAG G . 37.93 18.31 -20.37
O7 NAG G . 35.83 13.84 -24.58
C1 NAG G . 41.33 16.49 -20.90
C2 NAG G . 42.33 16.24 -19.78
C3 NAG G . 43.70 16.87 -20.12
C4 NAG G . 44.20 16.41 -21.49
C5 NAG G . 43.14 16.98 -22.44
C6 NAG G . 43.67 16.91 -23.88
C7 NAG G . 41.41 15.96 -17.51
C8 NAG G . 40.90 16.64 -16.28
N2 NAG G . 41.83 16.74 -18.51
O3 NAG G . 44.62 16.48 -19.12
O4 NAG G . 45.59 16.82 -21.79
O5 NAG G . 41.87 16.29 -22.23
O6 NAG G . 42.55 17.09 -24.73
O7 NAG G . 41.42 14.74 -17.55
C1 NAG H . -7.90 4.16 -29.34
C2 NAG H . -9.36 4.37 -29.80
C3 NAG H . -9.52 4.09 -31.30
C4 NAG H . -8.54 4.93 -32.07
C5 NAG H . -7.16 4.52 -31.60
C6 NAG H . -6.02 5.24 -32.32
C7 NAG H . -11.00 3.94 -28.03
C8 NAG H . -12.06 2.99 -27.56
N2 NAG H . -10.35 3.56 -29.14
O3 NAG H . -10.87 4.32 -31.70
O4 NAG H . -8.74 4.56 -33.42
O5 NAG H . -7.00 4.81 -30.21
O6 NAG H . -4.85 4.45 -32.12
O7 NAG H . -10.74 4.97 -27.43
C1 NAG H . -8.71 5.63 -34.24
C2 NAG H . -8.64 5.07 -35.66
C3 NAG H . -8.77 6.22 -36.59
C4 NAG H . -10.03 6.98 -36.24
C5 NAG H . -9.91 7.38 -34.78
C6 NAG H . -10.98 8.39 -34.35
C7 NAG H . -7.48 3.07 -36.08
C8 NAG H . -6.23 2.25 -36.00
N2 NAG H . -7.41 4.39 -35.88
O3 NAG H . -8.92 5.75 -37.91
O4 NAG H . -10.13 8.11 -37.16
O5 NAG H . -9.97 6.19 -34.04
O6 NAG H . -12.28 7.77 -34.47
O7 NAG H . -8.55 2.53 -36.30
C1 NAG I . 0.89 -25.55 -14.09
C2 NAG I . 0.71 -24.84 -12.75
C3 NAG I . 1.93 -25.05 -11.85
C4 NAG I . 2.24 -26.52 -11.65
C5 NAG I . 2.40 -27.14 -13.04
C6 NAG I . 2.65 -28.65 -13.04
C7 NAG I . -0.59 -22.73 -12.73
C8 NAG I . -0.54 -21.25 -12.98
N2 NAG I . 0.54 -23.41 -12.95
O3 NAG I . 1.62 -24.46 -10.62
O4 NAG I . 3.48 -26.59 -10.91
O5 NAG I . 1.20 -26.94 -13.79
O6 NAG I . 1.46 -29.32 -12.60
O7 NAG I . -1.61 -23.27 -12.33
C1 NAG I . 3.38 -27.36 -9.75
C2 NAG I . 4.69 -27.89 -9.21
C3 NAG I . 4.40 -28.55 -7.88
C4 NAG I . 3.71 -27.57 -6.98
C5 NAG I . 2.42 -27.25 -7.71
C6 NAG I . 1.46 -26.47 -6.81
C7 NAG I . 6.01 -28.71 -11.05
C8 NAG I . 6.40 -29.96 -11.81
N2 NAG I . 5.13 -28.92 -10.08
O3 NAG I . 5.58 -28.99 -7.23
O4 NAG I . 3.56 -28.16 -5.67
O5 NAG I . 2.73 -26.49 -8.84
O6 NAG I . 0.31 -27.31 -6.66
O7 NAG I . 6.47 -27.61 -11.28
CA CA J . -2.20 26.37 7.97
C1 NAG K . -10.66 -33.29 30.72
C2 NAG K . -9.21 -33.64 30.24
C3 NAG K . -9.34 -34.62 29.06
C4 NAG K . -10.03 -35.88 29.55
C5 NAG K . -11.43 -35.54 30.04
C6 NAG K . -12.07 -36.87 30.48
C7 NAG K . -7.26 -32.06 30.81
C8 NAG K . -6.28 -31.07 30.26
N2 NAG K . -8.23 -32.56 29.94
O3 NAG K . -8.07 -34.96 28.54
O4 NAG K . -10.13 -36.83 28.47
O5 NAG K . -11.39 -34.48 31.02
O6 NAG K . -12.73 -36.78 31.74
O7 NAG K . -7.15 -32.42 31.99
C1 NAG L . -6.33 -22.36 51.95
C2 NAG L . -6.41 -23.89 52.05
C3 NAG L . -7.45 -24.42 53.03
C4 NAG L . -7.24 -23.68 54.31
C5 NAG L . -7.24 -22.17 54.20
C6 NAG L . -6.80 -21.83 55.63
C7 NAG L . -5.69 -24.94 49.92
C8 NAG L . -6.21 -25.33 48.57
N2 NAG L . -6.64 -24.44 50.73
O3 NAG L . -7.18 -25.78 53.37
O4 NAG L . -8.25 -23.97 55.23
O5 NAG L . -6.28 -21.74 53.22
O6 NAG L . -7.13 -20.50 55.74
O7 NAG L . -4.50 -25.05 50.24
C1 NAG M . -26.44 6.27 -10.59
C2 NAG M . -24.91 6.51 -10.61
C3 NAG M . -24.64 7.95 -10.10
C4 NAG M . -25.47 9.05 -10.81
C5 NAG M . -26.96 8.68 -10.60
C6 NAG M . -28.04 9.58 -11.21
C7 NAG M . -23.31 4.55 -10.46
C8 NAG M . -22.64 3.57 -9.51
N2 NAG M . -24.14 5.44 -9.90
O3 NAG M . -23.28 8.15 -10.44
O4 NAG M . -25.05 10.38 -10.42
O5 NAG M . -27.17 7.36 -11.21
O6 NAG M . -27.83 9.65 -12.63
O7 NAG M . -23.07 4.45 -11.67
C1 NAG N . -22.78 1.20 -26.03
C2 NAG N . -23.13 1.75 -27.43
C3 NAG N . -22.27 2.96 -27.77
C4 NAG N . -22.38 4.01 -26.68
C5 NAG N . -21.93 3.30 -25.37
C6 NAG N . -22.04 4.15 -24.11
C7 NAG N . -23.53 -0.27 -28.74
C8 NAG N . -22.87 -1.46 -29.40
N2 NAG N . -22.74 0.74 -28.40
O3 NAG N . -22.63 3.48 -29.05
O4 NAG N . -21.61 5.15 -27.15
O5 NAG N . -22.75 2.19 -25.04
O6 NAG N . -23.04 5.16 -24.30
O7 NAG N . -24.70 -0.21 -28.41
C1 NAG O . -27.60 -21.43 26.16
C2 NAG O . -26.83 -22.36 27.06
C3 NAG O . -26.91 -23.75 26.45
C4 NAG O . -28.30 -24.08 25.92
C5 NAG O . -29.09 -22.88 25.39
C6 NAG O . -30.56 -23.24 25.41
C7 NAG O . -24.97 -21.43 28.33
C8 NAG O . -23.54 -21.01 28.29
N2 NAG O . -25.46 -21.91 27.20
O3 NAG O . -26.57 -24.74 27.43
O4 NAG O . -28.28 -25.12 24.91
O5 NAG O . -28.94 -21.81 26.26
O6 NAG O . -30.74 -24.34 24.52
O7 NAG O . -25.66 -21.32 29.33
C1 NAG P . -11.11 38.96 11.33
C2 NAG P . -12.23 40.04 11.22
C3 NAG P . -12.17 40.89 9.96
C4 NAG P . -10.81 41.54 9.83
C5 NAG P . -9.75 40.44 9.78
C6 NAG P . -8.42 41.11 9.94
C7 NAG P . -14.32 39.21 12.13
C8 NAG P . -15.50 38.32 11.81
N2 NAG P . -13.51 39.39 11.10
O3 NAG P . -13.24 41.83 10.03
O4 NAG P . -10.72 42.28 8.61
O5 NAG P . -9.85 39.51 10.87
O6 NAG P . -7.36 40.24 9.56
O7 NAG P . -14.13 39.69 13.23
C1 GOL Q . -1.96 -2.75 -3.73
O1 GOL Q . -0.98 -2.49 -2.74
C2 GOL Q . -3.39 -2.26 -3.49
O2 GOL Q . -4.30 -3.22 -4.10
C3 GOL Q . -3.57 -2.11 -1.99
O3 GOL Q . -3.57 -0.76 -1.56
C1 GOL R . -4.01 -16.29 26.08
O1 GOL R . -3.38 -17.55 25.94
C2 GOL R . -4.70 -16.06 24.75
O2 GOL R . -4.88 -17.30 23.98
C3 GOL R . -5.97 -15.27 25.05
O3 GOL R . -5.81 -14.20 26.05
C1 GOL S . -3.42 -18.64 20.00
O1 GOL S . -2.67 -19.63 19.26
C2 GOL S . -4.24 -17.83 19.00
O2 GOL S . -3.41 -17.56 17.87
C3 GOL S . -5.48 -18.56 18.52
O3 GOL S . -6.35 -17.57 17.99
C1 GOL T . -23.54 -8.42 -13.38
O1 GOL T . -24.96 -8.57 -13.29
C2 GOL T . -22.85 -9.78 -13.21
O2 GOL T . -22.23 -9.89 -11.94
C3 GOL T . -23.81 -10.97 -13.30
O3 GOL T . -23.08 -12.20 -13.33
CA CA U . 22.48 -11.07 11.68
C1 NAG V . 5.83 29.58 -35.67
C2 NAG V . 4.92 30.28 -34.71
C3 NAG V . 3.47 30.12 -35.11
C4 NAG V . 3.25 30.60 -36.55
C5 NAG V . 4.25 29.99 -37.52
C6 NAG V . 4.23 30.61 -38.90
C7 NAG V . 5.69 30.64 -32.46
C8 NAG V . 5.88 30.10 -31.06
N2 NAG V . 5.22 29.80 -33.39
O3 NAG V . 2.68 30.88 -34.21
O4 NAG V . 1.94 30.25 -36.97
O5 NAG V . 5.58 30.21 -36.98
O6 NAG V . 4.73 29.64 -39.83
O7 NAG V . 5.95 31.82 -32.65
C1 NAG W . 28.12 38.58 -30.98
C2 NAG W . 27.28 39.38 -31.96
C3 NAG W . 28.01 39.55 -33.29
C4 NAG W . 29.42 40.04 -33.08
C5 NAG W . 30.09 39.01 -32.22
C6 NAG W . 31.57 39.30 -32.08
C7 NAG W . 24.88 39.06 -31.64
C8 NAG W . 23.69 38.23 -31.96
N2 NAG W . 26.04 38.65 -32.18
O3 NAG W . 27.38 40.52 -34.12
O4 NAG W . 30.10 40.10 -34.30
O5 NAG W . 29.45 39.08 -30.95
O6 NAG W . 31.74 40.67 -31.74
O7 NAG W . 24.75 40.03 -30.92
C1 NAG X . -14.83 -29.14 -10.51
C2 NAG X . -15.47 -30.46 -10.43
C3 NAG X . -15.40 -30.91 -8.99
C4 NAG X . -13.95 -31.13 -8.68
C5 NAG X . -13.19 -29.85 -9.07
C6 NAG X . -11.69 -30.14 -9.01
C7 NAG X . -17.25 -31.38 -11.57
C8 NAG X . -16.52 -31.69 -12.88
N2 NAG X . -16.85 -30.44 -10.75
O3 NAG X . -16.13 -32.12 -8.84
O4 NAG X . -13.80 -31.49 -7.28
O5 NAG X . -13.48 -29.42 -10.39
O6 NAG X . -11.43 -31.27 -8.16
O7 NAG X . -18.04 -32.12 -11.03
C1 NAG Y . 12.66 10.31 -40.42
C2 NAG Y . 12.53 11.85 -40.59
C3 NAG Y . 11.18 12.13 -41.28
C4 NAG Y . 11.01 11.28 -42.56
C5 NAG Y . 11.50 9.83 -42.49
C6 NAG Y . 11.79 9.28 -43.88
C7 NAG Y . 13.86 13.10 -38.84
C8 NAG Y . 13.79 13.78 -37.50
N2 NAG Y . 12.70 12.57 -39.29
O3 NAG Y . 11.05 13.53 -41.57
O4 NAG Y . 9.61 11.19 -42.87
O5 NAG Y . 12.69 9.68 -41.72
O6 NAG Y . 11.40 7.91 -43.87
O7 NAG Y . 14.93 13.08 -39.44
C1 GOL Z . 18.60 -8.16 4.71
O1 GOL Z . 18.35 -9.59 5.00
C2 GOL Z . 19.40 -7.25 5.68
O2 GOL Z . 19.32 -5.93 5.11
C3 GOL Z . 20.92 -7.48 5.85
O3 GOL Z . 21.65 -7.02 7.04
C1 GOL AA . 11.20 21.64 -19.11
O1 GOL AA . 10.31 22.70 -19.32
C2 GOL AA . 10.39 20.39 -19.37
O2 GOL AA . 9.27 20.74 -20.24
C3 GOL AA . 11.35 19.30 -19.89
O3 GOL AA . 12.73 19.37 -19.32
C1 GOL BA . 25.73 22.28 -32.69
O1 GOL BA . 24.69 21.56 -32.02
C2 GOL BA . 26.68 23.04 -31.72
O2 GOL BA . 27.20 22.34 -30.57
C3 GOL BA . 27.78 23.57 -32.66
O3 GOL BA . 28.76 22.65 -33.10
C1 GOL CA . 21.30 24.11 2.58
O1 GOL CA . 20.69 25.37 2.89
C2 GOL CA . 21.60 24.15 1.10
O2 GOL CA . 22.98 24.40 0.92
C3 GOL CA . 21.05 22.92 0.34
O3 GOL CA . 21.97 21.90 -0.06
#